data_9C6B
#
_entry.id   9C6B
#
_cell.length_a   1.00
_cell.length_b   1.00
_cell.length_c   1.00
_cell.angle_alpha   90.00
_cell.angle_beta   90.00
_cell.angle_gamma   90.00
#
_symmetry.space_group_name_H-M   'P 1'
#
loop_
_entity.id
_entity.type
_entity.pdbx_description
1 polymer 'Serine/threonine-protein phosphatase 2A 65 kDa regulatory subunit A alpha isoform'
2 polymer 'Serine/threonine-protein phosphatase 2A 55 kDa regulatory subunit B alpha isoform'
3 polymer 'Serine/threonine-protein phosphatase 2A catalytic subunit alpha isoform'
4 polymer 'Retinoblastoma-like protein 1'
5 non-polymer 'FE (II) ION'
6 non-polymer 'ZINC ION'
#
loop_
_entity_poly.entity_id
_entity_poly.type
_entity_poly.pdbx_seq_one_letter_code
_entity_poly.pdbx_strand_id
1 'polypeptide(L)'
;GHMSLYPIAVLIDELRNEDVQLRLNSIKKLSTIALALGVERTRSELLPFLTDTIYDEDEVLLALAEQLGTFTTLVGGPEY
VHCLLPPLESLATVEETVVRDKAVESLRAISHEHSPSDLEAHFVPLVKRLAGGDWFTSRTSACGLFSVCYPRVSSAVKAE
LRQYFRNLCSDDTPMVRRAAASKLGEFAKVLELDNVKSEIIPMFSNLASDEQDSVRLLAVEACVNIAQLLPQEDLEALVM
PTLRQAAEDKSWRVRYMVADKFTELQKAVGPEITKTDLVPAFQNLMKDCEAEVRAAASHKVKEFCENLSADCRENVIMSQ
ILPCIKELVSDANQHVKSALASVIMGLSPILGKDNTIEHLLPLFLAQLKDECPEVRLNIISNLDCVNEVIGIRQLSQSLL
PAIVELAEDAKWRVRLAIIEYMPLLAGQLGVEFFDEKLNSLCMAWLVDHVYAIREAATSNLKKLVEKFGKEWAHATIIPK
VLAMSGDPNYLHRMTTLFCINVLSEVCGQDITTKHMLPTVLRMAGDPVANVRFNVAKSLQKIGPILDNSTLQSEVKPILE
KLTQDQDVDVKYFAQEALTVLSLA
;
A
2 'polypeptide(L)'
;GHMGSAGAGGGNDIQWCFSQVKGAVDDDVAEADIISTVEFNHSGELLATGDKGGRVVIFQQEQENKIQSHSRGEYNVYST
FQSHEPEFDYLKSLEIEEKINKIRWLPQKNAAQFLLSTNDKTIKLWKISERDKRPEGYNLKEEDGRYRDPTTVTTLRVPV
FRPMDLMVEASPRRIFANAHTYHINSISINSDYETYLSADDLRINLWHLEITDRSFNIVDIKPANMEELTEVITAAEFHP
NSCNTFVYSSSKGTIRLCDMRASALCDRHSKLFEEPEDPSNRSFFSEIISSISDVKFSHSGRYMMTRDYLSVKIWDLNME
NRPVETYQVHEYLRSKLCSLYENDCIFDKFECCWNGSDSVVMTGSYNNFFRMFDRNTKRDITLEASRENNKPRTVLKPRK
VCASGKRKKDEISVDSLDFNKKILHTAWHPKENIIAVATTNNLYIFQDKVN
;
B
3 'polypeptide(L)'
;GHMDEKVFTKELDQWIEQLNECKQLSESQVKSLCEKAKEILTKESNVQEVRCPVTVCGDVHGQFHDLMELFRIGGKSPDT
NYLFMGDYVDRGYYSVETVTLLVALKVRYRERITILRGNHESRQITQVYGFYDECLRKYGNANVWKYFTDLFDYLPLTAL
VDGQIFCLHGGLSPSIDTLDHIRALDRLQEVPHEGPMCDLLWSDPDDRGGWGISPRGAGYTFGQDISETFNHANGLTLVS
RAHQLVMEGYNWCHDRNVVTIFSAPNYCYRCGNQAAIMELDDTLKYSFLQFDPAPRRGEPHVTRRTPDYF(MLL)
;
C
4 'polypeptide(L)' GHMPMSPLMHPRVKEVRTDSGSLRRDMQPLSPISVHERYSSPTAGSAKRRLFGEDPPKEMLMDKIITEGTKLKIAPSS D
#
loop_
_chem_comp.id
_chem_comp.type
_chem_comp.name
_chem_comp.formula
FE2 non-polymer 'FE (II) ION' 'Fe 2'
ZN non-polymer 'ZINC ION' 'Zn 2'
#
# COMPACT_ATOMS: atom_id res chain seq x y z
N SER A 4 37.38 -2.39 -33.16
CA SER A 4 37.19 -2.22 -31.72
C SER A 4 36.04 -1.27 -31.43
N LEU A 5 35.53 -0.61 -32.47
CA LEU A 5 34.45 0.34 -32.33
C LEU A 5 33.07 -0.32 -32.35
N TYR A 6 33.01 -1.64 -32.53
CA TYR A 6 31.71 -2.31 -32.60
C TYR A 6 30.90 -2.17 -31.31
N PRO A 7 31.46 -2.40 -30.11
CA PRO A 7 30.63 -2.20 -28.91
C PRO A 7 30.12 -0.77 -28.75
N ILE A 8 30.93 0.22 -29.15
CA ILE A 8 30.48 1.60 -29.08
C ILE A 8 29.33 1.84 -30.04
N ALA A 9 29.41 1.28 -31.24
CA ALA A 9 28.31 1.41 -32.20
C ALA A 9 27.05 0.73 -31.69
N VAL A 10 27.22 -0.41 -31.01
CA VAL A 10 26.07 -1.08 -30.41
C VAL A 10 25.44 -0.21 -29.34
N LEU A 11 26.26 0.40 -28.48
CA LEU A 11 25.73 1.24 -27.41
C LEU A 11 25.03 2.47 -27.96
N ILE A 12 25.61 3.10 -28.99
CA ILE A 12 25.00 4.30 -29.55
C ILE A 12 23.64 3.98 -30.15
N ASP A 13 23.56 2.90 -30.92
CA ASP A 13 22.28 2.50 -31.52
C ASP A 13 21.30 2.01 -30.48
N GLU A 14 21.77 1.66 -29.28
CA GLU A 14 20.88 1.22 -28.22
C GLU A 14 20.10 2.37 -27.60
N LEU A 15 20.53 3.61 -27.80
CA LEU A 15 19.79 4.75 -27.28
C LEU A 15 18.43 4.88 -27.96
N ARG A 16 18.30 4.40 -29.19
CA ARG A 16 17.04 4.43 -29.92
C ARG A 16 16.22 3.17 -29.73
N ASN A 17 16.72 2.20 -28.96
CA ASN A 17 16.02 0.94 -28.78
C ASN A 17 14.70 1.15 -28.05
N GLU A 18 13.67 0.43 -28.49
CA GLU A 18 12.36 0.53 -27.86
C GLU A 18 12.30 -0.21 -26.53
N ASP A 19 13.24 -1.12 -26.28
CA ASP A 19 13.29 -1.79 -24.99
C ASP A 19 13.79 -0.84 -23.91
N VAL A 20 13.04 -0.75 -22.81
CA VAL A 20 13.41 0.18 -21.75
C VAL A 20 14.72 -0.25 -21.09
N GLN A 21 14.90 -1.55 -20.88
CA GLN A 21 16.09 -2.02 -20.17
C GLN A 21 17.36 -1.79 -20.99
N LEU A 22 17.31 -2.06 -22.28
CA LEU A 22 18.49 -1.85 -23.13
C LEU A 22 18.85 -0.38 -23.22
N ARG A 23 17.84 0.49 -23.38
CA ARG A 23 18.10 1.92 -23.43
C ARG A 23 18.65 2.42 -22.11
N LEU A 24 18.14 1.90 -20.99
CA LEU A 24 18.67 2.26 -19.68
C LEU A 24 20.12 1.83 -19.55
N ASN A 25 20.44 0.62 -20.00
CA ASN A 25 21.83 0.16 -19.93
C ASN A 25 22.75 1.01 -20.78
N SER A 26 22.27 1.44 -21.95
CA SER A 26 23.06 2.33 -22.78
C SER A 26 23.25 3.69 -22.12
N ILE A 27 22.24 4.17 -21.39
CA ILE A 27 22.36 5.45 -20.71
C ILE A 27 23.43 5.39 -19.63
N LYS A 28 23.45 4.32 -18.84
CA LYS A 28 24.41 4.21 -17.74
C LYS A 28 25.85 4.07 -18.22
N LYS A 29 26.07 3.83 -19.51
CA LYS A 29 27.41 3.75 -20.08
C LYS A 29 27.71 4.93 -20.99
N LEU A 30 27.06 6.08 -20.73
CA LEU A 30 27.29 7.26 -21.57
C LEU A 30 28.71 7.76 -21.45
N SER A 31 29.38 7.49 -20.32
CA SER A 31 30.77 7.90 -20.17
C SER A 31 31.66 7.21 -21.21
N THR A 32 31.44 5.91 -21.43
CA THR A 32 32.21 5.18 -22.43
C THR A 32 31.96 5.74 -23.83
N ILE A 33 30.69 6.04 -24.16
CA ILE A 33 30.37 6.58 -25.47
C ILE A 33 31.03 7.93 -25.67
N ALA A 34 30.97 8.79 -24.64
CA ALA A 34 31.59 10.11 -24.75
C ALA A 34 33.10 10.01 -24.89
N LEU A 35 33.72 9.10 -24.13
CA LEU A 35 35.16 8.91 -24.23
C LEU A 35 35.57 8.42 -25.61
N ALA A 36 34.82 7.47 -26.16
CA ALA A 36 35.14 6.97 -27.49
C ALA A 36 34.93 8.04 -28.56
N LEU A 37 33.86 8.82 -28.43
CA LEU A 37 33.56 9.83 -29.43
C LEU A 37 34.62 10.94 -29.46
N GLY A 38 35.12 11.34 -28.29
CA GLY A 38 36.08 12.42 -28.19
C GLY A 38 35.58 13.52 -27.27
N VAL A 39 35.90 14.76 -27.63
CA VAL A 39 35.51 15.94 -26.86
C VAL A 39 34.61 16.84 -27.68
N GLU A 40 35.11 17.36 -28.80
CA GLU A 40 34.30 18.23 -29.65
C GLU A 40 33.12 17.47 -30.25
N ARG A 41 33.31 16.20 -30.60
CA ARG A 41 32.19 15.39 -31.08
C ARG A 41 31.18 15.15 -29.98
N THR A 42 31.65 14.97 -28.74
CA THR A 42 30.73 14.84 -27.62
C THR A 42 29.92 16.12 -27.44
N ARG A 43 30.56 17.27 -27.56
CA ARG A 43 29.86 18.54 -27.40
C ARG A 43 28.85 18.77 -28.51
N SER A 44 29.22 18.49 -29.76
CA SER A 44 28.41 18.90 -30.90
C SER A 44 27.44 17.84 -31.40
N GLU A 45 27.60 16.58 -31.00
CA GLU A 45 26.73 15.51 -31.47
C GLU A 45 25.98 14.84 -30.34
N LEU A 46 26.67 14.37 -29.30
CA LEU A 46 26.01 13.64 -28.23
C LEU A 46 25.13 14.55 -27.38
N LEU A 47 25.66 15.71 -27.01
CA LEU A 47 24.89 16.64 -26.18
C LEU A 47 23.62 17.14 -26.86
N PRO A 48 23.64 17.59 -28.12
CA PRO A 48 22.37 17.96 -28.76
C PRO A 48 21.37 16.81 -28.82
N PHE A 49 21.85 15.59 -29.01
CA PHE A 49 20.95 14.44 -29.02
C PHE A 49 20.34 14.21 -27.64
N LEU A 50 21.12 14.39 -26.59
CA LEU A 50 20.64 14.17 -25.23
C LEU A 50 19.92 15.40 -24.65
N THR A 51 19.86 16.50 -25.39
CA THR A 51 19.25 17.72 -24.86
C THR A 51 17.80 17.48 -24.49
N ASP A 52 16.96 17.13 -25.46
CA ASP A 52 15.56 16.84 -25.23
C ASP A 52 15.27 15.45 -25.77
N THR A 53 14.92 14.52 -24.88
CA THR A 53 14.67 13.14 -25.25
C THR A 53 13.17 12.89 -25.29
N ILE A 54 12.72 12.23 -26.36
CA ILE A 54 11.29 11.96 -26.52
C ILE A 54 10.82 10.95 -25.48
N TYR A 55 11.66 9.96 -25.16
CA TYR A 55 11.29 8.98 -24.15
C TYR A 55 11.23 9.63 -22.78
N ASP A 56 10.22 9.26 -21.99
CA ASP A 56 9.96 9.94 -20.73
C ASP A 56 9.79 8.94 -19.59
N GLU A 57 10.50 7.83 -19.64
CA GLU A 57 10.49 6.89 -18.52
C GLU A 57 11.21 7.52 -17.33
N ASP A 58 10.64 7.33 -16.13
CA ASP A 58 11.18 7.99 -14.94
C ASP A 58 12.59 7.51 -14.64
N GLU A 59 12.83 6.20 -14.71
CA GLU A 59 14.15 5.67 -14.36
C GLU A 59 15.20 6.03 -15.40
N VAL A 60 14.82 6.04 -16.68
CA VAL A 60 15.76 6.45 -17.73
C VAL A 60 16.16 7.90 -17.54
N LEU A 61 15.18 8.78 -17.29
CA LEU A 61 15.48 10.18 -17.08
C LEU A 61 16.31 10.38 -15.82
N LEU A 62 16.03 9.62 -14.77
CA LEU A 62 16.81 9.71 -13.54
C LEU A 62 18.26 9.31 -13.78
N ALA A 63 18.48 8.22 -14.51
CA ALA A 63 19.84 7.80 -14.83
C ALA A 63 20.55 8.83 -15.69
N LEU A 64 19.84 9.42 -16.66
CA LEU A 64 20.44 10.46 -17.48
C LEU A 64 20.81 11.68 -16.64
N ALA A 65 19.96 12.06 -15.69
CA ALA A 65 20.26 13.20 -14.83
C ALA A 65 21.48 12.92 -13.96
N GLU A 66 21.60 11.69 -13.45
CA GLU A 66 22.79 11.34 -12.68
C GLU A 66 24.05 11.42 -13.52
N GLN A 67 23.99 10.93 -14.76
CA GLN A 67 25.18 10.88 -15.60
C GLN A 67 25.63 12.29 -16.02
N LEU A 68 24.68 13.17 -16.32
CA LEU A 68 25.03 14.49 -16.83
C LEU A 68 25.80 15.34 -15.83
N GLY A 69 25.73 15.01 -14.55
CA GLY A 69 26.46 15.76 -13.55
C GLY A 69 27.92 15.39 -13.40
N THR A 70 28.41 14.42 -14.16
CA THR A 70 29.79 13.98 -14.08
C THR A 70 30.52 14.10 -15.41
N PHE A 71 29.94 14.80 -16.40
CA PHE A 71 30.56 14.94 -17.70
C PHE A 71 31.41 16.20 -17.82
N THR A 72 31.87 16.75 -16.70
CA THR A 72 32.64 17.98 -16.76
C THR A 72 33.94 17.79 -17.54
N THR A 73 34.64 16.68 -17.32
CA THR A 73 35.89 16.43 -18.03
C THR A 73 35.63 15.97 -19.46
N LEU A 74 34.57 15.20 -19.68
CA LEU A 74 34.33 14.63 -21.00
C LEU A 74 33.88 15.66 -22.03
N VAL A 75 33.35 16.80 -21.59
CA VAL A 75 32.94 17.85 -22.52
C VAL A 75 34.04 18.85 -22.80
N GLY A 76 35.21 18.70 -22.19
CA GLY A 76 36.33 19.59 -22.47
C GLY A 76 36.81 20.36 -21.26
N GLY A 77 36.54 19.84 -20.07
CA GLY A 77 36.97 20.48 -18.85
C GLY A 77 36.08 21.61 -18.42
N PRO A 78 36.49 22.34 -17.39
CA PRO A 78 35.65 23.44 -16.87
C PRO A 78 35.43 24.56 -17.87
N GLU A 79 36.26 24.69 -18.91
CA GLU A 79 36.08 25.77 -19.86
C GLU A 79 34.77 25.64 -20.62
N TYR A 80 34.41 24.41 -20.99
CA TYR A 80 33.19 24.15 -21.77
C TYR A 80 32.09 23.52 -20.93
N VAL A 81 32.13 23.72 -19.60
CA VAL A 81 31.13 23.10 -18.74
C VAL A 81 29.74 23.68 -18.99
N HIS A 82 29.64 24.89 -19.55
CA HIS A 82 28.34 25.48 -19.81
C HIS A 82 27.57 24.77 -20.91
N CYS A 83 28.21 23.87 -21.65
CA CYS A 83 27.51 23.10 -22.66
C CYS A 83 26.54 22.08 -22.06
N LEU A 84 26.72 21.73 -20.79
CA LEU A 84 25.82 20.80 -20.12
C LEU A 84 24.55 21.47 -19.62
N LEU A 85 24.44 22.79 -19.73
CA LEU A 85 23.27 23.50 -19.21
C LEU A 85 21.97 23.14 -19.92
N PRO A 86 21.90 23.07 -21.26
CA PRO A 86 20.63 22.75 -21.91
C PRO A 86 20.06 21.39 -21.52
N PRO A 87 20.85 20.31 -21.57
CA PRO A 87 20.27 19.01 -21.21
C PRO A 87 19.72 18.96 -19.79
N LEU A 88 20.37 19.62 -18.85
CA LEU A 88 19.88 19.64 -17.47
C LEU A 88 18.70 20.58 -17.30
N GLU A 89 18.68 21.70 -18.02
CA GLU A 89 17.54 22.60 -17.98
C GLU A 89 16.29 21.91 -18.50
N SER A 90 16.44 21.09 -19.55
CA SER A 90 15.31 20.32 -20.03
C SER A 90 14.83 19.32 -18.98
N LEU A 91 15.77 18.72 -18.25
CA LEU A 91 15.39 17.74 -17.24
C LEU A 91 14.79 18.39 -16.00
N ALA A 92 15.15 19.64 -15.72
CA ALA A 92 14.63 20.34 -14.55
C ALA A 92 13.21 20.81 -14.72
N THR A 93 12.53 20.40 -15.81
CA THR A 93 11.18 20.84 -16.10
C THR A 93 10.17 19.70 -16.10
N VAL A 94 10.63 18.44 -16.16
CA VAL A 94 9.70 17.32 -16.26
C VAL A 94 8.82 17.24 -15.00
N GLU A 95 7.71 16.53 -15.13
CA GLU A 95 6.72 16.46 -14.06
C GLU A 95 7.20 15.61 -12.89
N GLU A 96 8.11 14.66 -13.12
CA GLU A 96 8.55 13.77 -12.06
C GLU A 96 9.39 14.52 -11.04
N THR A 97 9.06 14.36 -9.76
CA THR A 97 9.75 15.12 -8.72
C THR A 97 11.18 14.63 -8.51
N VAL A 98 11.39 13.31 -8.51
CA VAL A 98 12.72 12.79 -8.27
C VAL A 98 13.67 13.17 -9.40
N VAL A 99 13.18 13.15 -10.64
CA VAL A 99 14.01 13.56 -11.78
C VAL A 99 14.39 15.02 -11.66
N ARG A 100 13.43 15.87 -11.27
CA ARG A 100 13.73 17.28 -11.09
C ARG A 100 14.75 17.50 -9.99
N ASP A 101 14.61 16.77 -8.87
CA ASP A 101 15.56 16.89 -7.78
C ASP A 101 16.95 16.47 -8.21
N LYS A 102 17.05 15.36 -8.95
CA LYS A 102 18.35 14.92 -9.44
C LYS A 102 18.96 15.94 -10.40
N ALA A 103 18.14 16.52 -11.28
CA ALA A 103 18.64 17.53 -12.20
C ALA A 103 19.14 18.75 -11.45
N VAL A 104 18.41 19.17 -10.41
CA VAL A 104 18.85 20.32 -9.61
C VAL A 104 20.15 20.00 -8.89
N GLU A 105 20.26 18.78 -8.36
CA GLU A 105 21.50 18.38 -7.69
C GLU A 105 22.68 18.37 -8.65
N SER A 106 22.47 17.87 -9.87
CA SER A 106 23.55 17.88 -10.86
C SER A 106 23.92 19.30 -11.26
N LEU A 107 22.93 20.17 -11.40
CA LEU A 107 23.20 21.57 -11.73
C LEU A 107 24.02 22.23 -10.63
N ARG A 108 23.67 21.98 -9.37
CA ARG A 108 24.44 22.51 -8.25
C ARG A 108 25.85 21.96 -8.26
N ALA A 109 26.00 20.67 -8.55
CA ALA A 109 27.33 20.04 -8.55
C ALA A 109 28.22 20.64 -9.63
N ILE A 110 27.68 20.84 -10.83
CA ILE A 110 28.49 21.40 -11.91
C ILE A 110 28.59 22.92 -11.86
N SER A 111 27.81 23.58 -11.00
CA SER A 111 27.93 25.03 -10.88
C SER A 111 29.27 25.44 -10.29
N HIS A 112 29.88 24.57 -9.48
CA HIS A 112 31.16 24.90 -8.86
C HIS A 112 32.30 24.93 -9.87
N GLU A 113 32.15 24.28 -11.00
CA GLU A 113 33.19 24.30 -12.03
C GLU A 113 33.16 25.56 -12.87
N HIS A 114 32.06 26.32 -12.83
CA HIS A 114 31.98 27.56 -13.59
C HIS A 114 32.91 28.60 -12.99
N SER A 115 33.61 29.33 -13.86
CA SER A 115 34.30 30.52 -13.42
C SER A 115 33.26 31.62 -13.12
N PRO A 116 33.61 32.60 -12.29
CA PRO A 116 32.64 33.67 -12.00
C PRO A 116 32.13 34.37 -13.25
N SER A 117 32.99 34.56 -14.25
CA SER A 117 32.51 35.12 -15.52
C SER A 117 31.50 34.18 -16.18
N ASP A 118 31.81 32.88 -16.19
CA ASP A 118 30.86 31.91 -16.73
C ASP A 118 29.61 31.83 -15.87
N LEU A 119 29.75 31.99 -14.55
CA LEU A 119 28.59 32.01 -13.67
C LEU A 119 27.65 33.15 -14.03
N GLU A 120 28.19 34.34 -14.25
CA GLU A 120 27.35 35.49 -14.58
C GLU A 120 26.89 35.48 -16.03
N ALA A 121 27.56 34.73 -16.90
CA ALA A 121 27.20 34.74 -18.31
C ALA A 121 26.21 33.64 -18.68
N HIS A 122 26.31 32.47 -18.07
CA HIS A 122 25.48 31.33 -18.46
C HIS A 122 24.60 30.79 -17.34
N PHE A 123 25.14 30.63 -16.14
CA PHE A 123 24.36 30.01 -15.07
C PHE A 123 23.27 30.95 -14.55
N VAL A 124 23.64 32.21 -14.30
CA VAL A 124 22.64 33.18 -13.82
C VAL A 124 21.52 33.38 -14.83
N PRO A 125 21.77 33.54 -16.13
CA PRO A 125 20.63 33.58 -17.07
C PRO A 125 19.78 32.33 -17.04
N LEU A 126 20.40 31.16 -16.83
CA LEU A 126 19.61 29.93 -16.73
C LEU A 126 18.70 29.97 -15.51
N VAL A 127 19.22 30.45 -14.37
CA VAL A 127 18.41 30.55 -13.16
C VAL A 127 17.27 31.54 -13.38
N LYS A 128 17.56 32.66 -14.04
CA LYS A 128 16.53 33.65 -14.30
C LYS A 128 15.44 33.09 -15.22
N ARG A 129 15.85 32.33 -16.25
CA ARG A 129 14.88 31.72 -17.15
C ARG A 129 14.01 30.71 -16.42
N LEU A 130 14.62 29.88 -15.57
CA LEU A 130 13.83 28.91 -14.82
C LEU A 130 12.89 29.59 -13.85
N ALA A 131 13.34 30.64 -13.18
CA ALA A 131 12.49 31.34 -12.21
C ALA A 131 11.35 32.07 -12.90
N GLY A 132 11.60 32.62 -14.08
CA GLY A 132 10.59 33.34 -14.82
C GLY A 132 9.82 32.52 -15.82
N GLY A 133 9.95 31.19 -15.78
CA GLY A 133 9.28 30.37 -16.76
C GLY A 133 7.77 30.35 -16.60
N ASP A 134 7.10 29.91 -17.67
CA ASP A 134 5.64 29.83 -17.67
C ASP A 134 5.11 28.59 -16.97
N TRP A 135 5.97 27.60 -16.69
CA TRP A 135 5.57 26.35 -16.07
C TRP A 135 6.13 26.31 -14.66
N PHE A 136 5.26 26.02 -13.68
CA PHE A 136 5.73 26.05 -12.30
C PHE A 136 6.65 24.90 -11.96
N THR A 137 6.76 23.89 -12.81
CA THR A 137 7.79 22.87 -12.62
C THR A 137 9.18 23.48 -12.77
N SER A 138 9.34 24.40 -13.72
CA SER A 138 10.61 25.11 -13.86
C SER A 138 10.86 26.02 -12.66
N ARG A 139 9.83 26.72 -12.19
CA ARG A 139 10.00 27.63 -11.07
C ARG A 139 10.32 26.89 -9.78
N THR A 140 9.75 25.70 -9.60
CA THR A 140 10.07 24.89 -8.42
C THR A 140 11.54 24.49 -8.42
N SER A 141 12.09 24.15 -9.58
CA SER A 141 13.49 23.77 -9.66
C SER A 141 14.41 24.97 -9.47
N ALA A 142 13.98 26.16 -9.88
CA ALA A 142 14.81 27.34 -9.75
C ALA A 142 15.08 27.72 -8.30
N CYS A 143 14.20 27.32 -7.38
CA CYS A 143 14.39 27.69 -5.98
C CYS A 143 15.64 27.05 -5.38
N GLY A 144 16.07 25.92 -5.90
CA GLY A 144 17.21 25.21 -5.38
C GLY A 144 18.57 25.61 -5.94
N LEU A 145 18.62 26.63 -6.80
CA LEU A 145 19.87 27.02 -7.44
C LEU A 145 20.36 28.40 -7.01
N PHE A 146 19.67 29.06 -6.08
CA PHE A 146 20.08 30.40 -5.68
C PHE A 146 21.27 30.37 -4.74
N SER A 147 21.38 29.36 -3.89
CA SER A 147 22.43 29.34 -2.88
C SER A 147 23.80 29.02 -3.47
N VAL A 148 23.85 28.37 -4.64
CA VAL A 148 25.13 27.97 -5.20
C VAL A 148 25.78 29.03 -6.09
N CYS A 149 25.01 30.02 -6.55
CA CYS A 149 25.54 31.07 -7.39
C CYS A 149 25.63 32.42 -6.71
N TYR A 150 24.93 32.61 -5.59
CA TYR A 150 24.96 33.90 -4.90
C TYR A 150 26.34 34.29 -4.39
N PRO A 151 27.10 33.41 -3.71
CA PRO A 151 28.38 33.87 -3.13
C PRO A 151 29.41 34.33 -4.14
N ARG A 152 29.30 33.95 -5.41
CA ARG A 152 30.35 34.16 -6.39
C ARG A 152 29.90 35.03 -7.55
N VAL A 153 29.15 36.10 -7.26
CA VAL A 153 28.71 37.04 -8.28
C VAL A 153 28.88 38.46 -7.74
N SER A 154 28.65 39.43 -8.61
CA SER A 154 28.80 40.83 -8.23
C SER A 154 27.59 41.30 -7.43
N SER A 155 27.69 42.54 -6.91
CA SER A 155 26.63 43.07 -6.06
C SER A 155 25.33 43.24 -6.83
N ALA A 156 25.40 43.74 -8.08
CA ALA A 156 24.20 43.91 -8.87
C ALA A 156 23.52 42.57 -9.14
N VAL A 157 24.30 41.55 -9.48
CA VAL A 157 23.74 40.23 -9.70
C VAL A 157 23.16 39.68 -8.40
N LYS A 158 23.78 39.98 -7.27
CA LYS A 158 23.24 39.56 -5.98
C LYS A 158 21.88 40.20 -5.73
N ALA A 159 21.75 41.51 -6.03
CA ALA A 159 20.47 42.18 -5.85
C ALA A 159 19.41 41.61 -6.77
N GLU A 160 19.79 41.31 -8.02
CA GLU A 160 18.86 40.69 -8.95
C GLU A 160 18.40 39.33 -8.45
N LEU A 161 19.32 38.52 -7.92
CA LEU A 161 18.96 37.22 -7.40
C LEU A 161 18.05 37.34 -6.18
N ARG A 162 18.30 38.32 -5.32
CA ARG A 162 17.44 38.54 -4.17
C ARG A 162 16.03 38.92 -4.62
N GLN A 163 15.93 39.79 -5.62
CA GLN A 163 14.62 40.16 -6.15
C GLN A 163 13.90 38.96 -6.75
N TYR A 164 14.64 38.13 -7.51
CA TYR A 164 14.03 36.95 -8.12
C TYR A 164 13.53 35.98 -7.06
N PHE A 165 14.30 35.79 -5.99
CA PHE A 165 13.86 34.91 -4.92
C PHE A 165 12.64 35.49 -4.20
N ARG A 166 12.61 36.81 -4.03
CA ARG A 166 11.44 37.44 -3.43
C ARG A 166 10.20 37.23 -4.29
N ASN A 167 10.37 37.25 -5.61
CA ASN A 167 9.25 37.00 -6.51
C ASN A 167 8.72 35.58 -6.36
N LEU A 168 9.63 34.62 -6.17
CA LEU A 168 9.20 33.22 -6.04
C LEU A 168 8.40 32.99 -4.77
N CYS A 169 8.76 33.67 -3.68
CA CYS A 169 8.05 33.50 -2.42
C CYS A 169 6.61 34.00 -2.49
N SER A 170 6.29 34.85 -3.46
CA SER A 170 4.93 35.37 -3.64
C SER A 170 4.22 34.72 -4.82
N ASP A 171 4.66 33.54 -5.23
CA ASP A 171 4.09 32.89 -6.40
C ASP A 171 2.67 32.43 -6.12
N ASP A 172 1.88 32.32 -7.19
CA ASP A 172 0.49 31.87 -7.05
C ASP A 172 0.42 30.37 -6.80
N THR A 173 1.29 29.60 -7.43
CA THR A 173 1.23 28.15 -7.29
C THR A 173 1.73 27.73 -5.91
N PRO A 174 0.97 26.93 -5.17
CA PRO A 174 1.45 26.48 -3.85
C PRO A 174 2.75 25.70 -3.89
N MET A 175 3.03 24.97 -4.97
CA MET A 175 4.27 24.19 -5.03
C MET A 175 5.49 25.10 -5.06
N VAL A 176 5.42 26.21 -5.82
CA VAL A 176 6.54 27.15 -5.86
C VAL A 176 6.78 27.75 -4.49
N ARG A 177 5.71 28.12 -3.79
CA ARG A 177 5.85 28.68 -2.45
C ARG A 177 6.41 27.65 -1.48
N ARG A 178 6.00 26.39 -1.62
CA ARG A 178 6.55 25.33 -0.78
C ARG A 178 8.05 25.17 -1.02
N ALA A 179 8.46 25.19 -2.29
CA ALA A 179 9.89 25.09 -2.59
C ALA A 179 10.66 26.27 -2.03
N ALA A 180 10.09 27.48 -2.16
CA ALA A 180 10.75 28.66 -1.61
C ALA A 180 10.89 28.56 -0.10
N ALA A 181 9.84 28.09 0.58
CA ALA A 181 9.92 27.91 2.02
C ALA A 181 10.97 26.87 2.39
N SER A 182 11.07 25.79 1.60
CA SER A 182 12.06 24.77 1.86
C SER A 182 13.48 25.33 1.72
N LYS A 183 13.72 26.14 0.69
CA LYS A 183 15.06 26.63 0.41
C LYS A 183 15.38 27.96 1.09
N LEU A 184 14.43 28.52 1.85
CA LEU A 184 14.64 29.81 2.48
C LEU A 184 15.82 29.79 3.45
N GLY A 185 15.91 28.76 4.29
CA GLY A 185 17.00 28.71 5.25
C GLY A 185 18.36 28.60 4.60
N GLU A 186 18.49 27.70 3.63
CA GLU A 186 19.77 27.52 2.95
C GLU A 186 20.13 28.72 2.09
N PHE A 187 19.14 29.47 1.61
CA PHE A 187 19.45 30.72 0.92
C PHE A 187 19.92 31.78 1.90
N ALA A 188 19.23 31.92 3.03
CA ALA A 188 19.60 32.94 4.01
C ALA A 188 20.97 32.65 4.62
N LYS A 189 21.41 31.39 4.60
CA LYS A 189 22.72 31.07 5.15
C LYS A 189 23.86 31.74 4.38
N VAL A 190 23.63 32.19 3.14
CA VAL A 190 24.69 32.77 2.34
C VAL A 190 24.56 34.29 2.17
N LEU A 191 23.45 34.88 2.58
CA LEU A 191 23.33 36.33 2.52
C LEU A 191 24.08 36.99 3.67
N GLU A 192 24.30 38.29 3.52
CA GLU A 192 24.85 39.09 4.61
C GLU A 192 23.82 39.26 5.72
N LEU A 193 24.30 39.50 6.94
CA LEU A 193 23.39 39.60 8.08
C LEU A 193 22.40 40.76 7.90
N ASP A 194 22.88 41.89 7.39
CA ASP A 194 22.00 43.03 7.16
C ASP A 194 20.91 42.67 6.17
N ASN A 195 21.27 41.97 5.08
CA ASN A 195 20.27 41.56 4.11
C ASN A 195 19.35 40.48 4.67
N VAL A 196 19.86 39.64 5.57
CA VAL A 196 19.00 38.66 6.23
C VAL A 196 17.94 39.37 7.06
N LYS A 197 18.34 40.39 7.81
CA LYS A 197 17.36 41.13 8.61
C LYS A 197 16.39 41.91 7.73
N SER A 198 16.88 42.49 6.64
CA SER A 198 16.07 43.42 5.85
C SER A 198 15.12 42.69 4.91
N GLU A 199 15.55 41.61 4.28
CA GLU A 199 14.80 40.96 3.22
C GLU A 199 14.36 39.55 3.54
N ILE A 200 15.20 38.75 4.19
CA ILE A 200 14.83 37.38 4.50
C ILE A 200 13.71 37.33 5.53
N ILE A 201 13.77 38.21 6.53
CA ILE A 201 12.75 38.21 7.59
C ILE A 201 11.35 38.52 7.05
N PRO A 202 11.15 39.54 6.21
CA PRO A 202 9.79 39.72 5.65
C PRO A 202 9.28 38.53 4.86
N MET A 203 10.13 37.87 4.08
CA MET A 203 9.68 36.69 3.34
C MET A 203 9.35 35.55 4.28
N PHE A 204 10.15 35.38 5.34
CA PHE A 204 9.87 34.35 6.32
C PHE A 204 8.55 34.60 7.04
N SER A 205 8.29 35.86 7.38
CA SER A 205 7.04 36.21 8.03
C SER A 205 5.84 36.00 7.10
N ASN A 206 6.00 36.38 5.83
CA ASN A 206 4.90 36.20 4.88
C ASN A 206 4.60 34.73 4.62
N LEU A 207 5.65 33.92 4.47
CA LEU A 207 5.44 32.50 4.22
C LEU A 207 4.84 31.80 5.43
N ALA A 208 5.22 32.22 6.65
CA ALA A 208 4.71 31.60 7.85
C ALA A 208 3.24 31.89 8.09
N SER A 209 2.70 32.93 7.45
CA SER A 209 1.28 33.26 7.56
C SER A 209 0.55 32.97 6.26
N ASP A 210 1.02 31.98 5.50
CA ASP A 210 0.40 31.64 4.23
C ASP A 210 -0.94 30.96 4.45
N GLU A 211 -1.78 31.00 3.42
CA GLU A 211 -3.09 30.37 3.50
C GLU A 211 -2.99 28.85 3.49
N GLN A 212 -2.02 28.30 2.76
CA GLN A 212 -1.88 26.85 2.66
C GLN A 212 -1.20 26.30 3.91
N ASP A 213 -1.79 25.25 4.48
CA ASP A 213 -1.17 24.61 5.64
C ASP A 213 0.16 23.96 5.26
N SER A 214 0.25 23.42 4.04
CA SER A 214 1.47 22.77 3.60
C SER A 214 2.63 23.75 3.45
N VAL A 215 2.34 25.04 3.32
CA VAL A 215 3.39 26.04 3.24
C VAL A 215 3.78 26.55 4.64
N ARG A 216 2.79 26.70 5.51
CA ARG A 216 3.08 27.21 6.85
C ARG A 216 3.95 26.25 7.65
N LEU A 217 3.70 24.94 7.53
CA LEU A 217 4.47 23.98 8.30
C LEU A 217 5.93 23.92 7.86
N LEU A 218 6.25 24.43 6.68
CA LEU A 218 7.62 24.48 6.22
C LEU A 218 8.38 25.67 6.80
N ALA A 219 7.71 26.57 7.51
CA ALA A 219 8.36 27.71 8.11
C ALA A 219 9.05 27.40 9.42
N VAL A 220 8.77 26.23 10.02
CA VAL A 220 9.42 25.87 11.28
C VAL A 220 10.90 25.58 11.06
N GLU A 221 11.23 24.81 10.01
CA GLU A 221 12.62 24.58 9.68
C GLU A 221 13.32 25.88 9.29
N ALA A 222 12.63 26.73 8.52
CA ALA A 222 13.17 28.04 8.22
C ALA A 222 13.35 28.86 9.48
N CYS A 223 12.43 28.72 10.44
CA CYS A 223 12.57 29.41 11.72
C CYS A 223 13.84 28.96 12.44
N VAL A 224 14.09 27.66 12.47
CA VAL A 224 15.30 27.15 13.12
C VAL A 224 16.54 27.68 12.43
N ASN A 225 16.57 27.61 11.10
CA ASN A 225 17.75 28.03 10.36
C ASN A 225 18.02 29.53 10.52
N ILE A 226 16.95 30.35 10.52
CA ILE A 226 17.14 31.78 10.69
C ILE A 226 17.56 32.11 12.11
N ALA A 227 16.97 31.43 13.11
CA ALA A 227 17.36 31.67 14.49
C ALA A 227 18.81 31.29 14.74
N GLN A 228 19.31 30.28 14.03
CA GLN A 228 20.71 29.91 14.18
C GLN A 228 21.67 30.96 13.60
N LEU A 229 21.17 31.93 12.85
CA LEU A 229 22.01 32.97 12.24
C LEU A 229 21.99 34.28 12.99
N LEU A 230 20.82 34.73 13.43
CA LEU A 230 20.68 36.03 14.05
C LEU A 230 21.33 36.04 15.44
N PRO A 231 21.73 37.20 15.93
CA PRO A 231 22.21 37.30 17.31
C PRO A 231 21.09 37.04 18.30
N GLN A 232 21.49 36.69 19.53
CA GLN A 232 20.51 36.32 20.53
C GLN A 232 19.59 37.48 20.87
N GLU A 233 20.13 38.69 20.94
CA GLU A 233 19.31 39.85 21.28
C GLU A 233 18.34 40.23 20.17
N ASP A 234 18.59 39.79 18.94
CA ASP A 234 17.70 40.10 17.82
C ASP A 234 16.61 39.05 17.62
N LEU A 235 16.66 37.94 18.36
CA LEU A 235 15.68 36.88 18.18
C LEU A 235 14.27 37.35 18.58
N GLU A 236 14.17 38.07 19.69
CA GLU A 236 12.86 38.46 20.21
C GLU A 236 12.10 39.35 19.23
N ALA A 237 12.80 40.29 18.60
CA ALA A 237 12.12 41.25 17.73
C ALA A 237 11.74 40.65 16.38
N LEU A 238 12.48 39.66 15.90
CA LEU A 238 12.31 39.17 14.54
C LEU A 238 11.73 37.77 14.46
N VAL A 239 12.32 36.81 15.18
CA VAL A 239 11.94 35.41 15.01
C VAL A 239 10.85 34.99 16.00
N MET A 240 10.94 35.47 17.23
CA MET A 240 10.06 34.97 18.29
C MET A 240 8.58 35.13 18.01
N PRO A 241 8.07 36.29 17.53
CA PRO A 241 6.62 36.37 17.28
C PRO A 241 6.13 35.33 16.29
N THR A 242 6.90 35.05 15.24
CA THR A 242 6.50 34.03 14.28
C THR A 242 6.46 32.66 14.92
N LEU A 243 7.44 32.34 15.76
CA LEU A 243 7.45 31.05 16.45
C LEU A 243 6.27 30.92 17.39
N ARG A 244 5.93 32.00 18.11
CA ARG A 244 4.77 31.96 18.99
C ARG A 244 3.49 31.75 18.20
N GLN A 245 3.36 32.41 17.05
CA GLN A 245 2.20 32.20 16.20
C GLN A 245 2.14 30.76 15.70
N ALA A 246 3.29 30.19 15.34
CA ALA A 246 3.32 28.82 14.84
C ALA A 246 2.94 27.81 15.93
N ALA A 247 3.36 28.08 17.16
CA ALA A 247 3.06 27.15 18.25
C ALA A 247 1.56 27.08 18.55
N GLU A 248 0.83 28.15 18.26
CA GLU A 248 -0.61 28.21 18.49
C GLU A 248 -1.39 28.20 17.19
N ASP A 249 -0.82 27.65 16.13
CA ASP A 249 -1.46 27.69 14.83
C ASP A 249 -2.70 26.81 14.81
N LYS A 250 -3.67 27.20 13.97
CA LYS A 250 -4.93 26.46 13.91
C LYS A 250 -4.72 25.04 13.38
N SER A 251 -3.88 24.89 12.35
CA SER A 251 -3.67 23.59 11.75
C SER A 251 -2.85 22.70 12.69
N TRP A 252 -3.30 21.46 12.86
CA TRP A 252 -2.56 20.53 13.70
C TRP A 252 -1.23 20.12 13.08
N ARG A 253 -1.10 20.22 11.75
CA ARG A 253 0.16 19.87 11.11
C ARG A 253 1.27 20.84 11.49
N VAL A 254 0.95 22.13 11.58
CA VAL A 254 1.95 23.12 11.98
C VAL A 254 2.38 22.89 13.41
N ARG A 255 1.44 22.60 14.30
CA ARG A 255 1.78 22.30 15.69
C ARG A 255 2.60 21.02 15.78
N TYR A 256 2.29 20.03 14.94
CA TYR A 256 3.08 18.81 14.91
C TYR A 256 4.51 19.10 14.48
N MET A 257 4.69 19.96 13.49
CA MET A 257 6.03 20.34 13.07
C MET A 257 6.77 21.08 14.16
N VAL A 258 6.07 21.95 14.89
CA VAL A 258 6.71 22.67 16.00
C VAL A 258 7.15 21.69 17.08
N ALA A 259 6.30 20.72 17.42
CA ALA A 259 6.64 19.76 18.46
C ALA A 259 7.76 18.83 18.00
N ASP A 260 7.75 18.45 16.73
CA ASP A 260 8.74 17.51 16.20
C ASP A 260 10.14 18.12 16.12
N LYS A 261 10.23 19.43 16.00
CA LYS A 261 11.52 20.12 15.92
C LYS A 261 11.74 21.00 17.14
N PHE A 262 11.26 20.56 18.31
CA PHE A 262 11.27 21.41 19.48
C PHE A 262 12.66 21.50 20.08
N THR A 263 13.42 20.40 20.05
CA THR A 263 14.77 20.42 20.60
C THR A 263 15.70 21.29 19.76
N GLU A 264 15.54 21.25 18.43
CA GLU A 264 16.32 22.13 17.58
C GLU A 264 16.01 23.59 17.86
N LEU A 265 14.73 23.92 18.06
CA LEU A 265 14.36 25.27 18.42
C LEU A 265 14.96 25.68 19.75
N GLN A 266 14.93 24.78 20.73
CA GLN A 266 15.50 25.07 22.04
C GLN A 266 16.99 25.32 21.94
N LYS A 267 17.70 24.52 21.15
CA LYS A 267 19.13 24.74 20.95
C LYS A 267 19.40 26.06 20.25
N ALA A 268 18.56 26.42 19.27
CA ALA A 268 18.82 27.62 18.48
C ALA A 268 18.56 28.88 19.29
N VAL A 269 17.45 28.94 20.02
CA VAL A 269 17.05 30.19 20.66
C VAL A 269 17.82 30.47 21.94
N GLY A 270 18.41 29.46 22.58
CA GLY A 270 19.18 29.66 23.77
C GLY A 270 18.41 29.33 25.04
N PRO A 271 19.09 29.37 26.18
CA PRO A 271 18.44 28.95 27.44
C PRO A 271 17.44 29.96 27.95
N GLU A 272 17.75 31.26 27.89
CA GLU A 272 16.86 32.26 28.46
C GLU A 272 15.51 32.28 27.75
N ILE A 273 15.53 32.31 26.42
CA ILE A 273 14.29 32.28 25.66
C ILE A 273 13.57 30.96 25.86
N THR A 274 14.32 29.87 26.01
CA THR A 274 13.70 28.58 26.27
C THR A 274 12.91 28.60 27.56
N LYS A 275 13.49 29.16 28.63
CA LYS A 275 12.78 29.23 29.90
C LYS A 275 11.60 30.18 29.83
N THR A 276 11.77 31.32 29.15
CA THR A 276 10.73 32.35 29.17
C THR A 276 9.54 31.96 28.30
N ASP A 277 9.78 31.42 27.11
CA ASP A 277 8.72 31.22 26.13
C ASP A 277 8.51 29.77 25.73
N LEU A 278 9.58 28.97 25.65
CA LEU A 278 9.43 27.63 25.10
C LEU A 278 8.80 26.66 26.10
N VAL A 279 8.99 26.86 27.40
CA VAL A 279 8.39 25.97 28.39
C VAL A 279 6.86 26.00 28.35
N PRO A 280 6.21 27.17 28.36
CA PRO A 280 4.75 27.17 28.19
C PRO A 280 4.30 26.58 26.86
N ALA A 281 5.07 26.78 25.79
CA ALA A 281 4.72 26.19 24.51
C ALA A 281 4.75 24.67 24.59
N PHE A 282 5.77 24.11 25.24
CA PHE A 282 5.82 22.67 25.42
C PHE A 282 4.68 22.18 26.30
N GLN A 283 4.34 22.94 27.34
CA GLN A 283 3.21 22.56 28.19
C GLN A 283 1.92 22.50 27.39
N ASN A 284 1.70 23.48 26.52
CA ASN A 284 0.50 23.47 25.69
C ASN A 284 0.55 22.36 24.64
N LEU A 285 1.74 22.04 24.14
CA LEU A 285 1.86 20.98 23.14
C LEU A 285 1.56 19.62 23.74
N MET A 286 2.01 19.37 24.98
CA MET A 286 1.68 18.10 25.62
C MET A 286 0.21 17.99 25.97
N LYS A 287 -0.50 19.11 26.06
CA LYS A 287 -1.94 19.11 26.31
C LYS A 287 -2.74 19.36 25.05
N ASP A 288 -2.17 19.09 23.89
CA ASP A 288 -2.84 19.36 22.62
C ASP A 288 -4.04 18.43 22.44
N CYS A 289 -5.02 18.90 21.68
CA CYS A 289 -6.22 18.11 21.41
C CYS A 289 -6.01 17.05 20.35
N GLU A 290 -4.87 17.05 19.67
CA GLU A 290 -4.58 16.09 18.62
C GLU A 290 -3.61 15.04 19.16
N ALA A 291 -3.93 13.76 18.92
CA ALA A 291 -3.11 12.68 19.45
C ALA A 291 -1.72 12.68 18.82
N GLU A 292 -1.62 13.01 17.53
CA GLU A 292 -0.33 13.01 16.87
C GLU A 292 0.60 14.06 17.48
N VAL A 293 0.07 15.24 17.80
CA VAL A 293 0.89 16.29 18.40
C VAL A 293 1.36 15.87 19.78
N ARG A 294 0.48 15.27 20.58
CA ARG A 294 0.89 14.81 21.91
C ARG A 294 1.94 13.72 21.81
N ALA A 295 1.80 12.80 20.86
CA ALA A 295 2.79 11.75 20.69
C ALA A 295 4.13 12.33 20.26
N ALA A 296 4.11 13.31 19.36
CA ALA A 296 5.35 13.93 18.92
C ALA A 296 6.03 14.68 20.07
N ALA A 297 5.25 15.38 20.87
CA ALA A 297 5.82 16.11 22.00
C ALA A 297 6.32 15.18 23.09
N SER A 298 5.72 13.99 23.20
CA SER A 298 6.17 13.03 24.20
C SER A 298 7.58 12.54 23.91
N HIS A 299 7.91 12.33 22.64
CA HIS A 299 9.24 11.86 22.28
C HIS A 299 10.32 12.83 22.70
N LYS A 300 10.02 14.12 22.76
CA LYS A 300 11.00 15.16 23.03
C LYS A 300 11.12 15.50 24.51
N VAL A 301 10.42 14.79 25.39
CA VAL A 301 10.43 15.15 26.81
C VAL A 301 11.83 15.01 27.39
N LYS A 302 12.47 13.87 27.11
CA LYS A 302 13.78 13.61 27.72
C LYS A 302 14.83 14.59 27.25
N GLU A 303 14.92 14.82 25.94
CA GLU A 303 15.93 15.74 25.40
C GLU A 303 15.68 17.17 25.86
N PHE A 304 14.42 17.60 25.84
CA PHE A 304 14.10 18.95 26.26
C PHE A 304 14.43 19.16 27.73
N CYS A 305 14.13 18.17 28.57
CA CYS A 305 14.49 18.28 29.98
C CYS A 305 16.01 18.26 30.17
N GLU A 306 16.71 17.46 29.38
CA GLU A 306 18.17 17.38 29.50
C GLU A 306 18.82 18.71 29.15
N ASN A 307 18.34 19.36 28.07
CA ASN A 307 19.02 20.55 27.56
C ASN A 307 18.64 21.82 28.30
N LEU A 308 17.79 21.74 29.32
CA LEU A 308 17.45 22.93 30.09
C LEU A 308 18.66 23.43 30.86
N SER A 309 18.65 24.73 31.16
CA SER A 309 19.74 25.32 31.92
C SER A 309 19.83 24.69 33.30
N ALA A 310 21.06 24.40 33.73
CA ALA A 310 21.27 23.75 35.02
C ALA A 310 20.95 24.64 36.21
N ASP A 311 20.74 25.93 35.99
CA ASP A 311 20.46 26.84 37.10
C ASP A 311 19.14 26.47 37.78
N CYS A 312 18.10 26.19 37.00
CA CYS A 312 16.79 25.87 37.55
C CYS A 312 16.13 24.69 36.83
N ARG A 313 16.93 23.71 36.41
CA ARG A 313 16.39 22.59 35.67
C ARG A 313 15.42 21.77 36.52
N GLU A 314 15.84 21.39 37.73
CA GLU A 314 15.02 20.55 38.57
C GLU A 314 13.72 21.24 38.96
N ASN A 315 13.80 22.53 39.30
CA ASN A 315 12.58 23.26 39.69
C ASN A 315 11.58 23.32 38.55
N VAL A 316 12.05 23.62 37.33
CA VAL A 316 11.17 23.66 36.18
C VAL A 316 10.55 22.29 35.92
N ILE A 317 11.37 21.23 35.97
CA ILE A 317 10.85 19.90 35.71
C ILE A 317 9.78 19.52 36.73
N MET A 318 10.02 19.84 38.01
CA MET A 318 9.06 19.48 39.04
C MET A 318 7.77 20.29 38.91
N SER A 319 7.88 21.61 38.76
CA SER A 319 6.70 22.46 38.87
C SER A 319 5.95 22.66 37.56
N GLN A 320 6.55 22.31 36.43
CA GLN A 320 5.85 22.62 35.18
C GLN A 320 5.71 21.44 34.24
N ILE A 321 6.69 20.54 34.20
CA ILE A 321 6.69 19.43 33.25
C ILE A 321 6.12 18.16 33.88
N LEU A 322 6.40 17.94 35.17
CA LEU A 322 5.94 16.72 35.84
C LEU A 322 4.43 16.56 35.85
N PRO A 323 3.62 17.57 36.18
CA PRO A 323 2.16 17.37 36.10
C PRO A 323 1.68 17.02 34.70
N CYS A 324 2.25 17.65 33.67
CA CYS A 324 1.86 17.34 32.31
C CYS A 324 2.23 15.90 31.95
N ILE A 325 3.40 15.44 32.41
CA ILE A 325 3.77 14.04 32.21
C ILE A 325 2.79 13.12 32.93
N LYS A 326 2.40 13.48 34.16
CA LYS A 326 1.46 12.66 34.91
C LYS A 326 0.14 12.53 34.18
N GLU A 327 -0.34 13.62 33.58
CA GLU A 327 -1.56 13.54 32.78
C GLU A 327 -1.35 12.70 31.52
N LEU A 328 -0.13 12.66 31.00
CA LEU A 328 0.14 11.90 29.77
C LEU A 328 0.18 10.41 30.02
N VAL A 329 0.49 9.98 31.25
CA VAL A 329 0.54 8.54 31.54
C VAL A 329 -0.85 7.93 31.40
N SER A 330 -1.89 8.65 31.86
CA SER A 330 -3.26 8.18 31.79
C SER A 330 -3.93 8.54 30.46
N ASP A 331 -3.15 8.77 29.41
CA ASP A 331 -3.72 9.16 28.13
C ASP A 331 -4.55 8.04 27.53
N ALA A 332 -5.60 8.42 26.81
CA ALA A 332 -6.45 7.42 26.16
C ALA A 332 -5.80 6.83 24.92
N ASN A 333 -4.96 7.58 24.23
CA ASN A 333 -4.34 7.10 23.00
C ASN A 333 -3.23 6.11 23.32
N GLN A 334 -3.24 4.98 22.64
CA GLN A 334 -2.21 3.96 22.84
C GLN A 334 -0.85 4.45 22.41
N HIS A 335 -0.77 5.16 21.27
CA HIS A 335 0.51 5.60 20.75
C HIS A 335 1.15 6.66 21.61
N VAL A 336 0.36 7.54 22.23
CA VAL A 336 0.92 8.54 23.13
C VAL A 336 1.60 7.87 24.32
N LYS A 337 0.93 6.88 24.92
CA LYS A 337 1.52 6.16 26.05
C LYS A 337 2.76 5.39 25.62
N SER A 338 2.71 4.76 24.44
CA SER A 338 3.87 4.03 23.96
C SER A 338 5.06 4.97 23.75
N ALA A 339 4.82 6.14 23.17
CA ALA A 339 5.90 7.10 22.93
C ALA A 339 6.45 7.64 24.25
N LEU A 340 5.57 7.92 25.22
CA LEU A 340 6.05 8.42 26.50
C LEU A 340 6.87 7.37 27.24
N ALA A 341 6.44 6.12 27.21
CA ALA A 341 7.09 5.07 28.01
C ALA A 341 8.55 4.89 27.62
N SER A 342 8.90 5.13 26.36
CA SER A 342 10.26 4.91 25.91
C SER A 342 11.22 6.04 26.27
N VAL A 343 10.72 7.17 26.76
CA VAL A 343 11.59 8.31 27.05
C VAL A 343 11.42 8.77 28.49
N ILE A 344 10.25 8.49 29.08
CA ILE A 344 10.01 8.86 30.47
C ILE A 344 11.00 8.16 31.39
N MET A 345 11.49 6.99 30.97
CA MET A 345 12.22 6.13 31.88
C MET A 345 13.58 6.72 32.24
N GLY A 346 14.09 7.63 31.42
CA GLY A 346 15.40 8.21 31.58
C GLY A 346 15.47 9.57 32.25
N LEU A 347 14.38 10.05 32.83
CA LEU A 347 14.42 11.30 33.58
C LEU A 347 15.00 11.13 34.98
N SER A 348 15.30 9.89 35.38
CA SER A 348 15.82 9.64 36.72
C SER A 348 17.16 10.32 36.98
N PRO A 349 18.17 10.25 36.10
CA PRO A 349 19.44 10.91 36.42
C PRO A 349 19.31 12.41 36.63
N ILE A 350 18.41 13.07 35.90
CA ILE A 350 18.25 14.51 36.06
C ILE A 350 17.63 14.82 37.42
N LEU A 351 16.61 14.05 37.82
CA LEU A 351 15.89 14.37 39.05
C LEU A 351 16.66 13.96 40.29
N GLY A 352 17.39 12.86 40.23
CA GLY A 352 18.10 12.34 41.39
C GLY A 352 17.35 11.19 42.04
N LYS A 353 18.04 10.54 42.98
CA LYS A 353 17.51 9.32 43.59
C LYS A 353 16.24 9.59 44.37
N ASP A 354 16.28 10.57 45.29
CA ASP A 354 15.11 10.85 46.12
C ASP A 354 13.93 11.33 45.27
N ASN A 355 14.21 12.21 44.31
CA ASN A 355 13.14 12.70 43.43
C ASN A 355 12.57 11.59 42.58
N THR A 356 13.43 10.71 42.06
CA THR A 356 12.94 9.58 41.27
C THR A 356 12.05 8.67 42.11
N ILE A 357 12.45 8.39 43.35
CA ILE A 357 11.66 7.53 44.21
C ILE A 357 10.32 8.19 44.53
N GLU A 358 10.33 9.51 44.80
CA GLU A 358 9.11 10.17 45.22
C GLU A 358 8.13 10.34 44.06
N HIS A 359 8.62 10.73 42.88
CA HIS A 359 7.74 11.15 41.79
C HIS A 359 7.75 10.21 40.60
N LEU A 360 8.92 9.81 40.11
CA LEU A 360 8.97 8.99 38.89
C LEU A 360 8.57 7.55 39.16
N LEU A 361 8.80 7.05 40.38
CA LEU A 361 8.50 5.66 40.68
C LEU A 361 7.00 5.34 40.54
N PRO A 362 6.07 6.15 41.07
CA PRO A 362 4.65 5.85 40.82
C PRO A 362 4.30 5.84 39.33
N LEU A 363 4.90 6.72 38.54
CA LEU A 363 4.63 6.72 37.10
C LEU A 363 5.13 5.44 36.46
N PHE A 364 6.33 4.98 36.84
CA PHE A 364 6.84 3.73 36.31
C PHE A 364 5.94 2.56 36.69
N LEU A 365 5.49 2.53 37.94
CA LEU A 365 4.61 1.44 38.37
C LEU A 365 3.29 1.48 37.61
N ALA A 366 2.72 2.67 37.42
CA ALA A 366 1.46 2.79 36.70
C ALA A 366 1.61 2.36 35.25
N GLN A 367 2.72 2.73 34.61
CA GLN A 367 2.93 2.34 33.23
C GLN A 367 3.28 0.87 33.08
N LEU A 368 3.79 0.23 34.13
CA LEU A 368 4.09 -1.19 34.05
C LEU A 368 2.85 -2.06 34.08
N LYS A 369 1.71 -1.52 34.51
CA LYS A 369 0.46 -2.26 34.59
C LYS A 369 -0.49 -1.94 33.44
N ASP A 370 -0.01 -1.25 32.41
CA ASP A 370 -0.87 -0.89 31.29
C ASP A 370 -1.29 -2.12 30.51
N GLU A 371 -2.52 -2.08 29.97
CA GLU A 371 -3.03 -3.19 29.19
C GLU A 371 -2.28 -3.35 27.88
N CYS A 372 -1.69 -2.27 27.38
CA CYS A 372 -1.01 -2.32 26.09
C CYS A 372 0.33 -3.03 26.23
N PRO A 373 0.57 -4.11 25.48
CA PRO A 373 1.86 -4.79 25.57
C PRO A 373 3.05 -3.93 25.19
N GLU A 374 2.89 -3.05 24.20
CA GLU A 374 4.03 -2.24 23.75
C GLU A 374 4.46 -1.24 24.81
N VAL A 375 3.52 -0.72 25.60
CA VAL A 375 3.89 0.17 26.70
C VAL A 375 4.78 -0.56 27.71
N ARG A 376 4.37 -1.77 28.09
CA ARG A 376 5.16 -2.55 29.04
C ARG A 376 6.51 -2.92 28.45
N LEU A 377 6.55 -3.26 27.16
CA LEU A 377 7.82 -3.59 26.52
C LEU A 377 8.74 -2.37 26.48
N ASN A 378 8.21 -1.20 26.19
CA ASN A 378 9.03 0.01 26.17
C ASN A 378 9.55 0.37 27.54
N ILE A 379 8.73 0.21 28.58
CA ILE A 379 9.19 0.49 29.93
C ILE A 379 10.31 -0.46 30.34
N ILE A 380 10.15 -1.74 30.02
CA ILE A 380 11.15 -2.74 30.43
C ILE A 380 12.45 -2.54 29.67
N SER A 381 12.36 -2.17 28.39
CA SER A 381 13.56 -2.11 27.54
C SER A 381 14.55 -1.03 27.96
N ASN A 382 14.15 -0.07 28.79
CA ASN A 382 14.97 1.09 29.08
C ASN A 382 15.34 1.18 30.56
N LEU A 383 15.44 0.04 31.25
CA LEU A 383 15.75 0.05 32.67
C LEU A 383 17.18 0.52 32.96
N ASP A 384 18.05 0.51 31.96
CA ASP A 384 19.44 0.85 32.19
C ASP A 384 19.61 2.29 32.64
N CYS A 385 18.69 3.17 32.25
CA CYS A 385 18.79 4.58 32.64
C CYS A 385 18.69 4.74 34.16
N VAL A 386 17.79 3.98 34.80
CA VAL A 386 17.57 4.10 36.23
C VAL A 386 18.36 3.06 37.03
N ASN A 387 18.93 2.05 36.36
CA ASN A 387 19.62 0.99 37.08
C ASN A 387 20.77 1.54 37.93
N GLU A 388 21.42 2.61 37.48
CA GLU A 388 22.55 3.18 38.20
C GLU A 388 22.15 4.34 39.11
N VAL A 389 20.86 4.65 39.21
CA VAL A 389 20.43 5.79 40.03
C VAL A 389 19.85 5.30 41.34
N ILE A 390 18.85 4.43 41.27
CA ILE A 390 18.20 3.92 42.46
C ILE A 390 18.43 2.43 42.69
N GLY A 391 18.92 1.71 41.70
CA GLY A 391 19.12 0.28 41.85
C GLY A 391 17.90 -0.51 41.43
N ILE A 392 18.14 -1.74 40.97
CA ILE A 392 17.06 -2.57 40.47
C ILE A 392 16.35 -3.33 41.59
N ARG A 393 16.89 -3.28 42.82
CA ARG A 393 16.22 -3.94 43.94
C ARG A 393 14.85 -3.32 44.23
N GLN A 394 14.76 -1.98 44.17
CA GLN A 394 13.49 -1.32 44.39
C GLN A 394 12.48 -1.56 43.26
N LEU A 395 12.94 -2.10 42.13
CA LEU A 395 12.07 -2.29 40.98
C LEU A 395 11.74 -3.75 40.69
N SER A 396 12.50 -4.69 41.22
CA SER A 396 12.29 -6.10 40.87
C SER A 396 10.92 -6.59 41.32
N GLN A 397 10.45 -6.13 42.50
CA GLN A 397 9.19 -6.60 43.04
C GLN A 397 8.02 -6.29 42.12
N SER A 398 8.11 -5.20 41.37
CA SER A 398 7.08 -4.87 40.39
C SER A 398 7.42 -5.31 38.98
N LEU A 399 8.71 -5.55 38.69
CA LEU A 399 9.10 -6.00 37.36
C LEU A 399 8.74 -7.46 37.15
N LEU A 400 8.90 -8.28 38.19
CA LEU A 400 8.65 -9.71 38.04
C LEU A 400 7.22 -10.02 37.60
N PRO A 401 6.17 -9.45 38.20
CA PRO A 401 4.82 -9.72 37.68
C PRO A 401 4.63 -9.30 36.23
N ALA A 402 5.22 -8.17 35.83
CA ALA A 402 5.09 -7.72 34.45
C ALA A 402 5.78 -8.68 33.48
N ILE A 403 6.97 -9.13 33.84
CA ILE A 403 7.69 -10.09 32.99
C ILE A 403 6.91 -11.40 32.91
N VAL A 404 6.34 -11.85 34.02
CA VAL A 404 5.56 -13.08 34.01
C VAL A 404 4.34 -12.92 33.12
N GLU A 405 3.64 -11.80 33.23
CA GLU A 405 2.46 -11.57 32.39
C GLU A 405 2.82 -11.52 30.91
N LEU A 406 3.93 -10.86 30.59
CA LEU A 406 4.33 -10.77 29.18
C LEU A 406 4.77 -12.13 28.64
N ALA A 407 5.43 -12.93 29.47
CA ALA A 407 5.96 -14.21 29.03
C ALA A 407 4.87 -15.23 28.72
N GLU A 408 3.66 -15.01 29.21
CA GLU A 408 2.56 -15.95 29.01
C GLU A 408 1.40 -15.30 28.25
N ASP A 409 1.72 -14.37 27.36
CA ASP A 409 0.69 -13.71 26.56
C ASP A 409 0.07 -14.68 25.57
N ALA A 410 -1.21 -14.44 25.25
CA ALA A 410 -1.90 -15.29 24.29
C ALA A 410 -1.27 -15.19 22.90
N LYS A 411 -0.93 -13.97 22.48
CA LYS A 411 -0.32 -13.77 21.18
C LYS A 411 1.15 -14.18 21.24
N TRP A 412 1.57 -15.09 20.36
CA TRP A 412 2.93 -15.60 20.42
C TRP A 412 3.96 -14.54 20.04
N ARG A 413 3.55 -13.49 19.32
CA ARG A 413 4.52 -12.46 18.96
C ARG A 413 4.90 -11.60 20.16
N VAL A 414 3.98 -11.41 21.10
CA VAL A 414 4.33 -10.73 22.35
C VAL A 414 5.35 -11.55 23.13
N ARG A 415 5.13 -12.87 23.21
CA ARG A 415 6.08 -13.75 23.88
C ARG A 415 7.43 -13.73 23.18
N LEU A 416 7.43 -13.64 21.85
CA LEU A 416 8.68 -13.49 21.12
C LEU A 416 9.36 -12.18 21.46
N ALA A 417 8.59 -11.11 21.59
CA ALA A 417 9.17 -9.80 21.91
C ALA A 417 9.80 -9.78 23.28
N ILE A 418 9.13 -10.36 24.29
CA ILE A 418 9.68 -10.33 25.64
C ILE A 418 10.91 -11.22 25.73
N ILE A 419 11.00 -12.25 24.89
CA ILE A 419 12.15 -13.15 24.92
C ILE A 419 13.43 -12.40 24.58
N GLU A 420 13.38 -11.54 23.56
CA GLU A 420 14.57 -10.85 23.10
C GLU A 420 15.18 -9.93 24.15
N TYR A 421 14.38 -9.44 25.09
CA TYR A 421 14.88 -8.56 26.14
C TYR A 421 15.38 -9.31 27.36
N MET A 422 15.19 -10.62 27.43
CA MET A 422 15.56 -11.38 28.63
C MET A 422 17.04 -11.33 28.94
N PRO A 423 17.97 -11.52 27.99
CA PRO A 423 19.40 -11.45 28.37
C PRO A 423 19.79 -10.14 29.01
N LEU A 424 19.28 -9.01 28.50
CA LEU A 424 19.54 -7.73 29.14
C LEU A 424 18.90 -7.66 30.52
N LEU A 425 17.67 -8.15 30.64
CA LEU A 425 17.01 -8.18 31.94
C LEU A 425 17.74 -9.07 32.93
N ALA A 426 18.23 -10.23 32.46
CA ALA A 426 18.97 -11.12 33.33
C ALA A 426 20.28 -10.47 33.78
N GLY A 427 20.96 -9.79 32.86
CA GLY A 427 22.20 -9.11 33.22
C GLY A 427 21.96 -8.01 34.24
N GLN A 428 20.89 -7.24 34.06
CA GLN A 428 20.62 -6.14 34.99
C GLN A 428 20.16 -6.66 36.35
N LEU A 429 19.31 -7.69 36.37
CA LEU A 429 18.74 -8.18 37.62
C LEU A 429 19.69 -9.05 38.42
N GLY A 430 20.73 -9.58 37.80
CA GLY A 430 21.68 -10.41 38.51
C GLY A 430 21.40 -11.89 38.33
N VAL A 431 22.44 -12.70 38.56
CA VAL A 431 22.32 -14.14 38.36
C VAL A 431 21.44 -14.78 39.42
N GLU A 432 21.56 -14.32 40.66
CA GLU A 432 20.80 -14.93 41.75
C GLU A 432 19.30 -14.75 41.56
N PHE A 433 18.88 -13.53 41.21
CA PHE A 433 17.46 -13.29 40.97
C PHE A 433 16.97 -14.08 39.77
N PHE A 434 17.79 -14.18 38.73
CA PHE A 434 17.42 -14.96 37.55
C PHE A 434 17.18 -16.42 37.93
N ASP A 435 18.12 -17.03 38.65
CA ASP A 435 17.96 -18.41 39.05
C ASP A 435 16.78 -18.60 39.99
N GLU A 436 16.48 -17.59 40.81
CA GLU A 436 15.38 -17.72 41.76
C GLU A 436 14.02 -17.63 41.08
N LYS A 437 13.88 -16.70 40.12
CA LYS A 437 12.56 -16.40 39.58
C LYS A 437 12.43 -16.67 38.09
N LEU A 438 13.39 -16.20 37.28
CA LEU A 438 13.23 -16.19 35.83
C LEU A 438 13.67 -17.49 35.15
N ASN A 439 14.26 -18.43 35.89
CA ASN A 439 14.70 -19.67 35.27
C ASN A 439 13.52 -20.48 34.73
N SER A 440 12.44 -20.57 35.52
CA SER A 440 11.28 -21.35 35.10
C SER A 440 10.65 -20.77 33.85
N LEU A 441 10.59 -19.45 33.74
CA LEU A 441 10.02 -18.83 32.56
C LEU A 441 10.84 -19.16 31.32
N CYS A 442 12.17 -19.12 31.43
CA CYS A 442 13.01 -19.45 30.28
C CYS A 442 12.88 -20.92 29.90
N MET A 443 12.82 -21.81 30.90
CA MET A 443 12.68 -23.23 30.59
C MET A 443 11.33 -23.53 29.94
N ALA A 444 10.26 -22.87 30.41
CA ALA A 444 8.93 -23.13 29.87
C ALA A 444 8.80 -22.67 28.42
N TRP A 445 9.70 -21.81 27.94
CA TRP A 445 9.63 -21.37 26.56
C TRP A 445 10.09 -22.45 25.59
N LEU A 446 11.02 -23.31 26.02
CA LEU A 446 11.55 -24.34 25.14
C LEU A 446 10.51 -25.40 24.78
N VAL A 447 9.41 -25.47 25.52
CA VAL A 447 8.35 -26.43 25.25
C VAL A 447 7.09 -25.75 24.73
N ASP A 448 7.22 -24.54 24.20
CA ASP A 448 6.06 -23.83 23.67
C ASP A 448 5.58 -24.48 22.39
N HIS A 449 4.28 -24.34 22.13
CA HIS A 449 3.70 -24.93 20.93
C HIS A 449 4.26 -24.31 19.66
N VAL A 450 4.43 -22.98 19.66
CA VAL A 450 4.94 -22.29 18.48
C VAL A 450 6.43 -22.58 18.32
N TYR A 451 6.82 -22.98 17.11
CA TYR A 451 8.23 -23.29 16.87
C TYR A 451 9.11 -22.05 16.94
N ALA A 452 8.59 -20.91 16.49
CA ALA A 452 9.38 -19.68 16.53
C ALA A 452 9.75 -19.32 17.96
N ILE A 453 8.84 -19.55 18.91
CA ILE A 453 9.16 -19.30 20.31
C ILE A 453 10.26 -20.23 20.79
N ARG A 454 10.23 -21.49 20.37
CA ARG A 454 11.28 -22.42 20.77
C ARG A 454 12.64 -21.99 20.21
N GLU A 455 12.67 -21.58 18.94
CA GLU A 455 13.92 -21.11 18.35
C GLU A 455 14.43 -19.86 19.05
N ALA A 456 13.54 -18.91 19.34
CA ALA A 456 13.94 -17.70 20.04
C ALA A 456 14.45 -18.02 21.43
N ALA A 457 13.81 -18.96 22.12
CA ALA A 457 14.28 -19.35 23.44
C ALA A 457 15.64 -20.03 23.38
N THR A 458 15.89 -20.79 22.32
CA THR A 458 17.21 -21.40 22.15
C THR A 458 18.28 -20.34 21.96
N SER A 459 18.03 -19.36 21.09
CA SER A 459 18.99 -18.27 20.92
C SER A 459 19.17 -17.46 22.20
N ASN A 460 18.08 -17.21 22.92
CA ASN A 460 18.16 -16.52 24.20
C ASN A 460 18.99 -17.31 25.21
N LEU A 461 18.86 -18.64 25.19
CA LEU A 461 19.66 -19.46 26.09
C LEU A 461 21.14 -19.37 25.74
N LYS A 462 21.46 -19.32 24.45
CA LYS A 462 22.85 -19.08 24.05
C LYS A 462 23.35 -17.74 24.57
N LYS A 463 22.54 -16.70 24.43
CA LYS A 463 22.95 -15.39 24.94
C LYS A 463 23.12 -15.40 26.45
N LEU A 464 22.24 -16.10 27.16
CA LEU A 464 22.31 -16.18 28.62
C LEU A 464 23.58 -16.89 29.07
N VAL A 465 23.93 -18.01 28.42
CA VAL A 465 25.15 -18.71 28.80
C VAL A 465 26.36 -17.86 28.45
N GLU A 466 26.31 -17.12 27.33
CA GLU A 466 27.42 -16.24 27.00
C GLU A 466 27.60 -15.17 28.08
N LYS A 467 26.50 -14.63 28.60
CA LYS A 467 26.59 -13.59 29.62
C LYS A 467 27.08 -14.16 30.95
N PHE A 468 26.51 -15.28 31.38
CA PHE A 468 26.72 -15.76 32.75
C PHE A 468 27.80 -16.82 32.88
N GLY A 469 28.48 -17.18 31.79
CA GLY A 469 29.58 -18.13 31.87
C GLY A 469 29.12 -19.57 31.79
N LYS A 470 30.10 -20.45 31.60
CA LYS A 470 29.82 -21.87 31.37
C LYS A 470 29.47 -22.61 32.66
N GLU A 471 30.06 -22.23 33.79
CA GLU A 471 29.84 -22.96 35.03
C GLU A 471 28.37 -22.89 35.47
N TRP A 472 27.79 -21.70 35.40
CA TRP A 472 26.38 -21.55 35.76
C TRP A 472 25.49 -22.37 34.83
N ALA A 473 25.82 -22.38 33.54
CA ALA A 473 25.05 -23.19 32.60
C ALA A 473 25.11 -24.66 32.95
N HIS A 474 26.32 -25.20 33.15
CA HIS A 474 26.45 -26.61 33.50
C HIS A 474 25.77 -26.92 34.82
N ALA A 475 25.71 -25.96 35.73
CA ALA A 475 25.08 -26.20 37.02
C ALA A 475 23.56 -26.20 36.93
N THR A 476 22.98 -25.33 36.11
CA THR A 476 21.53 -25.11 36.14
C THR A 476 20.81 -25.56 34.88
N ILE A 477 21.28 -25.15 33.70
CA ILE A 477 20.49 -25.33 32.49
C ILE A 477 20.70 -26.71 31.90
N ILE A 478 21.96 -27.13 31.77
CA ILE A 478 22.26 -28.39 31.07
C ILE A 478 21.53 -29.58 31.68
N PRO A 479 21.50 -29.77 33.00
CA PRO A 479 20.69 -30.87 33.55
C PRO A 479 19.21 -30.74 33.23
N LYS A 480 18.72 -29.54 32.97
CA LYS A 480 17.30 -29.34 32.66
C LYS A 480 16.99 -29.54 31.17
N VAL A 481 17.88 -29.08 30.29
CA VAL A 481 17.62 -29.20 28.86
C VAL A 481 17.66 -30.65 28.40
N LEU A 482 18.55 -31.47 29.01
CA LEU A 482 18.64 -32.87 28.61
C LEU A 482 17.44 -33.67 29.07
N ALA A 483 16.63 -33.14 29.99
CA ALA A 483 15.44 -33.85 30.44
C ALA A 483 14.38 -33.95 29.35
N MET A 484 14.38 -33.03 28.39
CA MET A 484 13.41 -33.08 27.30
C MET A 484 13.72 -34.20 26.31
N SER A 485 14.87 -34.85 26.42
CA SER A 485 15.19 -35.95 25.52
C SER A 485 14.21 -37.11 25.67
N GLY A 486 13.61 -37.26 26.85
CA GLY A 486 12.62 -38.27 27.10
C GLY A 486 11.19 -37.86 26.78
N ASP A 487 11.00 -36.69 26.19
CA ASP A 487 9.65 -36.24 25.87
C ASP A 487 9.05 -37.14 24.79
N PRO A 488 7.80 -37.58 24.95
CA PRO A 488 7.17 -38.39 23.89
C PRO A 488 7.06 -37.66 22.57
N ASN A 489 6.83 -36.35 22.58
CA ASN A 489 6.75 -35.59 21.35
C ASN A 489 8.13 -35.43 20.73
N TYR A 490 8.23 -35.70 19.43
CA TYR A 490 9.52 -35.63 18.75
C TYR A 490 9.97 -34.20 18.53
N LEU A 491 9.04 -33.25 18.51
CA LEU A 491 9.41 -31.85 18.33
C LEU A 491 10.27 -31.36 19.48
N HIS A 492 9.93 -31.76 20.71
CA HIS A 492 10.74 -31.37 21.86
C HIS A 492 12.10 -32.05 21.85
N ARG A 493 12.18 -33.28 21.33
CA ARG A 493 13.48 -33.92 21.19
C ARG A 493 14.36 -33.17 20.20
N MET A 494 13.79 -32.77 19.06
CA MET A 494 14.56 -31.95 18.13
C MET A 494 14.93 -30.61 18.74
N THR A 495 14.08 -30.07 19.62
CA THR A 495 14.44 -28.86 20.36
C THR A 495 15.65 -29.10 21.24
N THR A 496 15.71 -30.26 21.89
CA THR A 496 16.89 -30.62 22.67
C THR A 496 18.13 -30.67 21.78
N LEU A 497 18.00 -31.27 20.59
CA LEU A 497 19.13 -31.29 19.66
C LEU A 497 19.57 -29.89 19.29
N PHE A 498 18.62 -28.98 19.01
CA PHE A 498 18.98 -27.62 18.65
C PHE A 498 19.67 -26.89 19.79
N CYS A 499 19.16 -27.08 21.02
CA CYS A 499 19.78 -26.45 22.18
C CYS A 499 21.20 -26.96 22.39
N ILE A 500 21.42 -28.25 22.19
CA ILE A 500 22.78 -28.78 22.25
C ILE A 500 23.64 -28.19 21.14
N ASN A 501 23.04 -27.97 19.96
CA ASN A 501 23.78 -27.37 18.86
C ASN A 501 24.29 -25.98 19.21
N VAL A 502 23.43 -25.15 19.82
CA VAL A 502 23.88 -23.79 20.13
C VAL A 502 24.76 -23.72 21.36
N LEU A 503 24.64 -24.67 22.28
CA LEU A 503 25.41 -24.63 23.52
C LEU A 503 26.81 -25.20 23.36
N SER A 504 27.10 -25.91 22.26
CA SER A 504 28.42 -26.50 22.09
C SER A 504 29.48 -25.44 21.84
N GLU A 505 29.13 -24.36 21.14
CA GLU A 505 30.10 -23.33 20.80
C GLU A 505 30.57 -22.55 22.02
N VAL A 506 29.84 -22.59 23.12
CA VAL A 506 30.11 -21.75 24.28
C VAL A 506 30.52 -22.58 25.50
N CYS A 507 29.90 -23.75 25.69
CA CYS A 507 30.16 -24.54 26.88
C CYS A 507 31.57 -25.15 26.91
N GLY A 508 32.29 -25.10 25.80
CA GLY A 508 33.65 -25.62 25.77
C GLY A 508 33.71 -27.09 25.40
N GLN A 509 34.90 -27.53 25.04
CA GLN A 509 35.09 -28.91 24.59
C GLN A 509 34.83 -29.91 25.71
N ASP A 510 35.30 -29.62 26.92
CA ASP A 510 35.19 -30.57 28.02
C ASP A 510 33.73 -30.81 28.39
N ILE A 511 32.97 -29.74 28.59
CA ILE A 511 31.57 -29.88 28.95
C ILE A 511 30.77 -30.54 27.83
N THR A 512 31.06 -30.16 26.58
CA THR A 512 30.37 -30.77 25.44
C THR A 512 30.63 -32.27 25.38
N THR A 513 31.88 -32.68 25.59
CA THR A 513 32.21 -34.10 25.54
C THR A 513 31.60 -34.86 26.70
N LYS A 514 31.60 -34.28 27.90
CA LYS A 514 31.21 -35.01 29.09
C LYS A 514 29.71 -34.97 29.38
N HIS A 515 28.97 -34.03 28.81
CA HIS A 515 27.58 -33.91 29.25
C HIS A 515 26.57 -34.01 28.13
N MET A 516 26.82 -33.38 26.98
CA MET A 516 25.82 -33.40 25.91
C MET A 516 26.14 -34.40 24.80
N LEU A 517 27.41 -34.73 24.58
CA LEU A 517 27.74 -35.75 23.58
C LEU A 517 27.13 -37.10 23.91
N PRO A 518 27.21 -37.62 25.13
CA PRO A 518 26.51 -38.90 25.41
C PRO A 518 25.02 -38.84 25.17
N THR A 519 24.39 -37.69 25.45
CA THR A 519 22.97 -37.55 25.17
C THR A 519 22.69 -37.56 23.68
N VAL A 520 23.54 -36.88 22.89
CA VAL A 520 23.37 -36.87 21.44
C VAL A 520 23.51 -38.27 20.87
N LEU A 521 24.54 -38.99 21.31
CA LEU A 521 24.78 -40.33 20.77
C LEU A 521 23.67 -41.30 21.15
N ARG A 522 23.05 -41.11 22.32
CA ARG A 522 21.99 -42.01 22.74
C ARG A 522 20.74 -41.86 21.89
N MET A 523 20.48 -40.65 21.39
CA MET A 523 19.27 -40.39 20.61
C MET A 523 19.40 -40.80 19.15
N ALA A 524 20.54 -41.35 18.73
CA ALA A 524 20.67 -41.86 17.37
C ALA A 524 19.79 -43.09 17.14
N GLY A 525 19.29 -43.71 18.21
CA GLY A 525 18.42 -44.86 18.08
C GLY A 525 16.96 -44.49 18.22
N ASP A 526 16.64 -43.22 18.04
CA ASP A 526 15.26 -42.78 18.13
C ASP A 526 14.43 -43.38 17.01
N PRO A 527 13.22 -43.87 17.30
CA PRO A 527 12.38 -44.46 16.24
C PRO A 527 12.03 -43.48 15.13
N VAL A 528 11.86 -42.21 15.44
CA VAL A 528 11.48 -41.21 14.43
C VAL A 528 12.71 -40.82 13.63
N ALA A 529 12.60 -40.90 12.30
CA ALA A 529 13.73 -40.59 11.43
C ALA A 529 14.13 -39.12 11.51
N ASN A 530 13.18 -38.24 11.82
CA ASN A 530 13.50 -36.82 11.95
C ASN A 530 14.53 -36.60 13.04
N VAL A 531 14.32 -37.22 14.20
CA VAL A 531 15.29 -37.11 15.29
C VAL A 531 16.63 -37.69 14.87
N ARG A 532 16.60 -38.77 14.08
CA ARG A 532 17.86 -39.43 13.70
C ARG A 532 18.70 -38.55 12.78
N PHE A 533 18.10 -37.99 11.73
CA PHE A 533 18.95 -37.15 10.88
C PHE A 533 19.23 -35.80 11.52
N ASN A 534 18.42 -35.37 12.49
CA ASN A 534 18.80 -34.20 13.27
C ASN A 534 20.00 -34.50 14.16
N VAL A 535 20.09 -35.72 14.71
CA VAL A 535 21.28 -36.13 15.43
C VAL A 535 22.49 -36.14 14.50
N ALA A 536 22.30 -36.61 13.27
CA ALA A 536 23.40 -36.59 12.31
C ALA A 536 23.87 -35.16 12.03
N LYS A 537 22.93 -34.24 11.82
CA LYS A 537 23.30 -32.85 11.58
C LYS A 537 23.96 -32.23 12.80
N SER A 538 23.50 -32.59 14.00
CA SER A 538 24.11 -32.09 15.23
C SER A 538 25.54 -32.58 15.36
N LEU A 539 25.79 -33.86 15.06
CA LEU A 539 27.14 -34.39 15.11
C LEU A 539 28.03 -33.70 14.08
N GLN A 540 27.48 -33.39 12.90
CA GLN A 540 28.24 -32.63 11.92
C GLN A 540 28.60 -31.25 12.45
N LYS A 541 27.65 -30.59 13.11
CA LYS A 541 27.87 -29.21 13.55
C LYS A 541 28.87 -29.14 14.70
N ILE A 542 28.71 -30.01 15.71
CA ILE A 542 29.53 -29.92 16.92
C ILE A 542 30.78 -30.77 16.75
N GLY A 543 31.03 -31.24 15.53
CA GLY A 543 32.19 -32.06 15.23
C GLY A 543 33.52 -31.38 15.51
N PRO A 544 33.72 -30.15 15.03
CA PRO A 544 34.99 -29.46 15.30
C PRO A 544 35.29 -29.27 16.77
N ILE A 545 34.27 -29.07 17.61
CA ILE A 545 34.51 -28.87 19.04
C ILE A 545 35.05 -30.14 19.68
N LEU A 546 34.57 -31.30 19.23
CA LEU A 546 34.99 -32.56 19.82
C LEU A 546 36.42 -32.89 19.45
N ASP A 547 37.06 -33.68 20.31
CA ASP A 547 38.43 -34.11 20.10
C ASP A 547 38.51 -35.16 18.99
N ASN A 548 39.68 -35.25 18.36
CA ASN A 548 39.87 -36.23 17.31
C ASN A 548 39.74 -37.65 17.83
N SER A 549 40.26 -37.92 19.03
CA SER A 549 40.17 -39.25 19.60
C SER A 549 38.70 -39.66 19.79
N THR A 550 37.89 -38.75 20.33
CA THR A 550 36.47 -39.05 20.50
C THR A 550 35.79 -39.23 19.15
N LEU A 551 36.16 -38.41 18.15
CA LEU A 551 35.57 -38.54 16.83
C LEU A 551 35.85 -39.91 16.23
N GLN A 552 37.09 -40.39 16.34
CA GLN A 552 37.44 -41.69 15.78
C GLN A 552 36.97 -42.84 16.66
N SER A 553 36.65 -42.59 17.93
CA SER A 553 36.25 -43.66 18.83
C SER A 553 34.75 -43.91 18.84
N GLU A 554 33.95 -42.86 18.99
CA GLU A 554 32.52 -43.06 19.22
C GLU A 554 31.66 -42.34 18.19
N VAL A 555 32.11 -41.18 17.70
CA VAL A 555 31.31 -40.44 16.72
C VAL A 555 31.31 -41.18 15.37
N LYS A 556 32.47 -41.65 14.94
CA LYS A 556 32.55 -42.31 13.63
C LYS A 556 31.73 -43.58 13.54
N PRO A 557 31.78 -44.52 14.50
CA PRO A 557 30.90 -45.69 14.40
C PRO A 557 29.42 -45.34 14.40
N ILE A 558 29.02 -44.33 15.18
CA ILE A 558 27.62 -43.92 15.21
C ILE A 558 27.20 -43.36 13.86
N LEU A 559 28.05 -42.53 13.25
CA LEU A 559 27.74 -42.01 11.93
C LEU A 559 27.71 -43.14 10.90
N GLU A 560 28.59 -44.13 11.04
CA GLU A 560 28.59 -45.27 10.13
C GLU A 560 27.29 -46.05 10.22
N LYS A 561 26.79 -46.27 11.44
CA LYS A 561 25.54 -47.00 11.60
C LYS A 561 24.37 -46.23 11.00
N LEU A 562 24.39 -44.90 11.09
CA LEU A 562 23.31 -44.11 10.50
C LEU A 562 23.29 -44.22 8.98
N THR A 563 24.44 -44.44 8.36
CA THR A 563 24.50 -44.60 6.91
C THR A 563 23.81 -45.87 6.43
N GLN A 564 23.49 -46.80 7.34
CA GLN A 564 22.79 -48.02 7.00
C GLN A 564 21.29 -47.93 7.32
N ASP A 565 20.80 -46.74 7.65
CA ASP A 565 19.40 -46.58 7.99
C ASP A 565 18.51 -46.78 6.75
N GLN A 566 17.26 -47.16 7.01
CA GLN A 566 16.31 -47.36 5.93
C GLN A 566 15.87 -46.04 5.30
N ASP A 567 15.76 -44.99 6.11
CA ASP A 567 15.32 -43.70 5.59
C ASP A 567 16.39 -43.08 4.71
N VAL A 568 15.97 -42.47 3.61
CA VAL A 568 16.91 -41.87 2.67
C VAL A 568 17.54 -40.62 3.26
N ASP A 569 16.74 -39.80 3.94
CA ASP A 569 17.26 -38.55 4.50
C ASP A 569 18.32 -38.82 5.56
N VAL A 570 18.10 -39.83 6.41
CA VAL A 570 19.09 -40.17 7.44
C VAL A 570 20.40 -40.56 6.79
N LYS A 571 20.33 -41.41 5.75
CA LYS A 571 21.54 -41.85 5.08
C LYS A 571 22.27 -40.67 4.44
N TYR A 572 21.52 -39.79 3.75
CA TYR A 572 22.15 -38.66 3.09
C TYR A 572 22.81 -37.73 4.09
N PHE A 573 22.14 -37.44 5.20
CA PHE A 573 22.71 -36.52 6.17
C PHE A 573 23.89 -37.14 6.91
N ALA A 574 23.85 -38.45 7.18
CA ALA A 574 25.00 -39.11 7.78
C ALA A 574 26.19 -39.09 6.84
N GLN A 575 25.95 -39.33 5.55
CA GLN A 575 27.04 -39.25 4.58
C GLN A 575 27.61 -37.85 4.49
N GLU A 576 26.74 -36.84 4.51
CA GLU A 576 27.22 -35.46 4.48
C GLU A 576 28.05 -35.14 5.71
N ALA A 577 27.60 -35.60 6.89
CA ALA A 577 28.37 -35.37 8.11
C ALA A 577 29.72 -36.07 8.05
N LEU A 578 29.77 -37.30 7.53
CA LEU A 578 31.04 -38.00 7.41
C LEU A 578 31.97 -37.28 6.45
N THR A 579 31.44 -36.78 5.33
CA THR A 579 32.26 -36.06 4.37
C THR A 579 32.80 -34.76 4.97
N VAL A 580 31.96 -34.02 5.68
CA VAL A 580 32.39 -32.74 6.25
C VAL A 580 33.43 -32.96 7.34
N LEU A 581 33.17 -33.93 8.23
CA LEU A 581 34.13 -34.23 9.29
C LEU A 581 35.35 -34.98 8.78
N SER A 582 35.33 -35.47 7.54
CA SER A 582 36.45 -36.17 6.93
C SER A 582 36.84 -37.42 7.72
N LEU A 583 35.87 -38.02 8.42
CA LEU A 583 36.14 -39.25 9.13
C LEU A 583 36.34 -40.42 8.17
N ALA A 584 35.56 -40.47 7.10
CA ALA A 584 35.65 -41.54 6.12
C ALA A 584 35.15 -41.06 4.76
N ASN B 12 -31.73 39.91 -22.56
CA ASN B 12 -31.78 39.46 -21.17
C ASN B 12 -31.18 38.07 -21.03
N ASP B 13 -31.92 37.06 -21.47
CA ASP B 13 -31.43 35.69 -21.41
C ASP B 13 -30.32 35.47 -22.43
N ILE B 14 -29.52 34.43 -22.20
CA ILE B 14 -28.43 34.07 -23.10
C ILE B 14 -29.01 33.28 -24.27
N GLN B 15 -28.72 33.72 -25.49
CA GLN B 15 -29.17 33.01 -26.68
C GLN B 15 -28.21 31.87 -26.98
N TRP B 16 -28.71 30.64 -26.89
CA TRP B 16 -27.91 29.46 -27.11
C TRP B 16 -28.12 28.94 -28.52
N CYS B 17 -27.02 28.68 -29.22
CA CYS B 17 -27.06 28.23 -30.61
C CYS B 17 -26.36 26.90 -30.75
N PHE B 18 -26.92 26.03 -31.59
CA PHE B 18 -26.29 24.75 -31.88
C PHE B 18 -24.95 24.96 -32.55
N SER B 19 -23.92 24.28 -32.04
CA SER B 19 -22.58 24.42 -32.59
C SER B 19 -22.06 23.10 -33.18
N GLN B 20 -22.03 22.03 -32.40
CA GLN B 20 -21.44 20.78 -32.86
C GLN B 20 -22.20 19.60 -32.24
N VAL B 21 -22.07 18.45 -32.89
CA VAL B 21 -22.54 17.18 -32.35
C VAL B 21 -21.49 16.13 -32.66
N LYS B 22 -21.21 15.27 -31.69
CA LYS B 22 -20.20 14.23 -31.82
C LYS B 22 -20.80 12.87 -31.48
N GLY B 23 -20.57 11.89 -32.33
CA GLY B 23 -21.04 10.54 -32.12
C GLY B 23 -21.78 10.01 -33.33
N ALA B 24 -22.27 8.78 -33.18
CA ALA B 24 -22.98 8.11 -34.26
C ALA B 24 -24.34 8.77 -34.48
N VAL B 25 -24.88 8.56 -35.68
CA VAL B 25 -26.11 9.21 -36.11
C VAL B 25 -27.22 8.17 -36.20
N ASP B 26 -28.20 8.29 -35.31
CA ASP B 26 -29.44 7.51 -35.37
C ASP B 26 -29.17 6.02 -35.46
N ASP B 27 -28.59 5.47 -34.39
CA ASP B 27 -28.33 4.04 -34.31
C ASP B 27 -28.58 3.56 -32.88
N ASP B 28 -28.88 2.27 -32.76
CA ASP B 28 -29.04 1.62 -31.47
C ASP B 28 -27.65 1.27 -30.96
N VAL B 29 -27.02 2.23 -30.28
CA VAL B 29 -25.65 2.05 -29.81
C VAL B 29 -25.60 0.97 -28.74
N ALA B 30 -24.51 0.20 -28.75
CA ALA B 30 -24.30 -0.80 -27.71
C ALA B 30 -23.92 -0.12 -26.40
N GLU B 31 -23.88 -0.92 -25.33
CA GLU B 31 -23.56 -0.38 -24.02
C GLU B 31 -22.06 -0.22 -23.85
N ALA B 32 -21.40 0.37 -24.85
CA ALA B 32 -19.99 0.70 -24.76
C ALA B 32 -19.66 2.09 -25.27
N ASP B 33 -20.56 2.76 -25.99
CA ASP B 33 -20.35 4.11 -26.48
C ASP B 33 -21.19 5.12 -25.72
N ILE B 34 -21.75 4.73 -24.58
CA ILE B 34 -22.60 5.62 -23.79
C ILE B 34 -21.70 6.50 -22.93
N ILE B 35 -21.78 7.81 -23.14
CA ILE B 35 -20.93 8.74 -22.43
C ILE B 35 -21.31 8.74 -20.95
N SER B 36 -20.30 8.60 -20.09
CA SER B 36 -20.53 8.52 -18.65
C SER B 36 -19.95 9.69 -17.88
N THR B 37 -19.14 10.54 -18.51
CA THR B 37 -18.62 11.71 -17.83
C THR B 37 -18.15 12.72 -18.88
N VAL B 38 -18.33 14.00 -18.58
CA VAL B 38 -17.88 15.10 -19.43
C VAL B 38 -17.21 16.13 -18.53
N GLU B 39 -16.02 16.60 -18.94
CA GLU B 39 -15.27 17.51 -18.09
C GLU B 39 -14.37 18.40 -18.94
N PHE B 40 -14.47 19.71 -18.74
CA PHE B 40 -13.54 20.65 -19.33
C PHE B 40 -12.26 20.71 -18.49
N ASN B 41 -11.17 21.09 -19.14
CA ASN B 41 -9.93 21.31 -18.41
C ASN B 41 -9.93 22.72 -17.83
N HIS B 42 -8.87 23.04 -17.07
CA HIS B 42 -8.88 24.29 -16.29
C HIS B 42 -8.92 25.52 -17.19
N SER B 43 -8.18 25.51 -18.29
CA SER B 43 -8.16 26.64 -19.20
C SER B 43 -9.29 26.60 -20.23
N GLY B 44 -9.98 25.47 -20.36
CA GLY B 44 -11.17 25.39 -21.18
C GLY B 44 -10.96 24.96 -22.62
N GLU B 45 -9.72 24.82 -23.07
CA GLU B 45 -9.47 24.45 -24.46
C GLU B 45 -9.47 22.94 -24.68
N LEU B 46 -9.55 22.14 -23.62
CA LEU B 46 -9.59 20.70 -23.73
C LEU B 46 -10.86 20.17 -23.08
N LEU B 47 -11.51 19.22 -23.75
CA LEU B 47 -12.77 18.64 -23.27
C LEU B 47 -12.67 17.13 -23.37
N ALA B 48 -12.70 16.46 -22.22
CA ALA B 48 -12.54 15.01 -22.14
C ALA B 48 -13.86 14.36 -21.78
N THR B 49 -14.21 13.29 -22.51
CA THR B 49 -15.39 12.50 -22.23
C THR B 49 -15.01 11.05 -22.06
N GLY B 50 -15.59 10.40 -21.05
CA GLY B 50 -15.41 8.98 -20.82
C GLY B 50 -16.72 8.25 -21.05
N ASP B 51 -16.63 6.99 -21.44
CA ASP B 51 -17.81 6.18 -21.74
C ASP B 51 -17.75 4.89 -20.93
N LYS B 52 -18.82 4.09 -21.05
CA LYS B 52 -18.92 2.85 -20.28
C LYS B 52 -17.95 1.78 -20.75
N GLY B 53 -17.30 1.96 -21.90
CA GLY B 53 -16.30 1.04 -22.37
C GLY B 53 -14.90 1.32 -21.87
N GLY B 54 -14.72 2.33 -21.02
CA GLY B 54 -13.40 2.67 -20.53
C GLY B 54 -12.55 3.41 -21.54
N ARG B 55 -13.17 4.09 -22.49
CA ARG B 55 -12.48 4.75 -23.59
C ARG B 55 -12.62 6.26 -23.43
N VAL B 56 -11.54 6.92 -23.03
CA VAL B 56 -11.54 8.37 -22.86
C VAL B 56 -11.20 9.03 -24.19
N VAL B 57 -12.02 10.00 -24.59
CA VAL B 57 -11.81 10.76 -25.81
C VAL B 57 -11.65 12.23 -25.42
N ILE B 58 -10.60 12.87 -25.93
CA ILE B 58 -10.28 14.25 -25.61
C ILE B 58 -10.43 15.09 -26.86
N PHE B 59 -11.15 16.20 -26.74
CA PHE B 59 -11.33 17.15 -27.82
C PHE B 59 -10.56 18.42 -27.53
N GLN B 60 -10.14 19.10 -28.58
CA GLN B 60 -9.37 20.34 -28.45
C GLN B 60 -10.01 21.44 -29.28
N GLN B 61 -10.05 22.64 -28.70
CA GLN B 61 -10.61 23.78 -29.40
C GLN B 61 -9.65 24.31 -30.46
N GLU B 62 -10.20 24.70 -31.60
CA GLU B 62 -9.38 25.25 -32.67
C GLU B 62 -8.89 26.65 -32.33
N GLN B 63 -7.68 26.96 -32.78
CA GLN B 63 -7.06 28.26 -32.56
C GLN B 63 -7.04 29.02 -33.88
N GLU B 64 -7.60 30.24 -33.86
CA GLU B 64 -7.63 31.07 -35.05
C GLU B 64 -6.87 32.37 -34.83
N HIS B 70 -13.70 37.02 -28.07
CA HIS B 70 -13.93 35.71 -27.47
C HIS B 70 -13.51 34.59 -28.41
N SER B 71 -13.26 33.42 -27.85
CA SER B 71 -12.87 32.23 -28.63
C SER B 71 -14.12 31.38 -28.83
N ARG B 72 -14.64 31.38 -30.05
CA ARG B 72 -15.82 30.60 -30.41
C ARG B 72 -15.48 29.53 -31.44
N GLY B 73 -14.29 28.94 -31.31
CA GLY B 73 -13.89 27.90 -32.23
C GLY B 73 -14.58 26.58 -31.97
N GLU B 74 -14.36 25.64 -32.88
CA GLU B 74 -14.95 24.32 -32.78
C GLU B 74 -14.02 23.36 -32.05
N TYR B 75 -14.58 22.22 -31.64
CA TYR B 75 -13.84 21.18 -30.95
C TYR B 75 -13.63 20.00 -31.87
N ASN B 76 -12.39 19.54 -31.98
CA ASN B 76 -12.02 18.43 -32.82
C ASN B 76 -11.31 17.37 -31.99
N VAL B 77 -11.31 16.14 -32.49
CA VAL B 77 -10.71 15.04 -31.76
C VAL B 77 -9.21 15.29 -31.60
N TYR B 78 -8.72 15.12 -30.39
CA TYR B 78 -7.34 15.40 -30.04
C TYR B 78 -6.57 14.17 -29.59
N SER B 79 -7.19 13.30 -28.79
CA SER B 79 -6.56 12.07 -28.35
C SER B 79 -7.63 11.06 -28.02
N THR B 80 -7.24 9.79 -28.04
CA THR B 80 -8.15 8.70 -27.71
C THR B 80 -7.33 7.56 -27.12
N PHE B 81 -7.80 7.01 -26.00
CA PHE B 81 -7.08 5.92 -25.36
C PHE B 81 -8.05 5.10 -24.53
N GLN B 82 -7.64 3.86 -24.25
CA GLN B 82 -8.43 2.95 -23.43
C GLN B 82 -7.98 3.13 -21.97
N SER B 83 -8.82 3.77 -21.17
CA SER B 83 -8.46 4.06 -19.79
C SER B 83 -8.46 2.80 -18.94
N HIS B 84 -9.61 2.13 -18.85
CA HIS B 84 -9.77 0.97 -18.00
C HIS B 84 -10.23 -0.22 -18.84
N GLU B 85 -9.66 -1.37 -18.56
CA GLU B 85 -9.98 -2.63 -19.21
C GLU B 85 -10.89 -3.46 -18.31
N PRO B 86 -11.71 -4.34 -18.89
CA PRO B 86 -12.52 -5.23 -18.06
C PRO B 86 -11.65 -6.11 -17.19
N GLU B 87 -12.09 -6.33 -15.96
CA GLU B 87 -11.32 -7.07 -14.98
C GLU B 87 -12.26 -7.95 -14.16
N PHE B 88 -11.70 -9.03 -13.62
CA PHE B 88 -12.45 -9.98 -12.82
C PHE B 88 -11.92 -9.98 -11.39
N ASP B 89 -12.83 -9.92 -10.42
CA ASP B 89 -12.47 -9.96 -9.00
C ASP B 89 -12.36 -11.42 -8.60
N TYR B 90 -11.14 -11.96 -8.70
CA TYR B 90 -10.92 -13.36 -8.34
C TYR B 90 -11.18 -13.61 -6.87
N LEU B 91 -11.12 -12.58 -6.03
CA LEU B 91 -11.31 -12.77 -4.60
C LEU B 91 -12.78 -12.98 -4.25
N LYS B 92 -13.71 -12.47 -5.07
CA LYS B 92 -15.13 -12.60 -4.81
C LYS B 92 -15.92 -13.18 -5.97
N SER B 93 -15.27 -13.45 -7.10
CA SER B 93 -15.94 -13.96 -8.30
C SER B 93 -17.00 -12.97 -8.81
N LEU B 94 -16.58 -11.72 -8.96
CA LEU B 94 -17.41 -10.68 -9.58
C LEU B 94 -16.64 -10.02 -10.71
N GLU B 95 -17.37 -9.64 -11.75
CA GLU B 95 -16.78 -8.89 -12.86
C GLU B 95 -16.67 -7.43 -12.47
N ILE B 96 -15.48 -6.86 -12.65
CA ILE B 96 -15.25 -5.45 -12.36
C ILE B 96 -15.48 -4.65 -13.64
N GLU B 97 -16.42 -3.72 -13.58
CA GLU B 97 -16.76 -2.94 -14.76
C GLU B 97 -15.66 -1.96 -15.11
N GLU B 98 -15.50 -1.71 -16.41
CA GLU B 98 -14.52 -0.77 -16.92
C GLU B 98 -15.09 0.61 -17.14
N LYS B 99 -16.35 0.83 -16.76
CA LYS B 99 -17.00 2.12 -16.97
C LYS B 99 -16.23 3.24 -16.27
N ILE B 100 -16.08 4.36 -16.96
CA ILE B 100 -15.39 5.52 -16.41
C ILE B 100 -16.39 6.34 -15.61
N ASN B 101 -16.17 6.43 -14.30
CA ASN B 101 -17.09 7.14 -13.43
C ASN B 101 -16.85 8.65 -13.47
N LYS B 102 -15.63 9.07 -13.15
CA LYS B 102 -15.30 10.48 -13.08
C LYS B 102 -13.98 10.74 -13.78
N ILE B 103 -13.83 11.94 -14.33
CA ILE B 103 -12.58 12.42 -14.92
C ILE B 103 -12.29 13.79 -14.33
N ARG B 104 -11.09 13.96 -13.79
CA ARG B 104 -10.69 15.22 -13.18
C ARG B 104 -9.35 15.65 -13.77
N TRP B 105 -9.31 16.89 -14.26
CA TRP B 105 -8.08 17.43 -14.82
C TRP B 105 -7.17 17.98 -13.72
N LEU B 106 -5.90 17.90 -13.95
CA LEU B 106 -4.96 18.52 -13.03
C LEU B 106 -4.51 19.87 -13.57
N PRO B 107 -4.10 20.80 -12.71
CA PRO B 107 -3.55 22.06 -13.20
C PRO B 107 -2.30 21.81 -14.04
N GLN B 108 -2.13 22.65 -15.06
CA GLN B 108 -1.08 22.43 -16.05
C GLN B 108 0.29 22.64 -15.41
N LYS B 109 1.08 21.56 -15.31
CA LYS B 109 2.43 21.67 -14.78
C LYS B 109 3.41 22.09 -15.85
N ASN B 110 3.33 21.50 -17.03
CA ASN B 110 4.24 21.78 -18.12
C ASN B 110 3.47 21.61 -19.43
N ALA B 111 4.20 21.43 -20.53
CA ALA B 111 3.55 21.30 -21.84
C ALA B 111 2.59 20.11 -21.91
N ALA B 112 2.77 19.11 -21.05
CA ALA B 112 1.88 17.95 -21.05
C ALA B 112 0.62 18.24 -20.25
N GLN B 113 -0.38 17.39 -20.45
CA GLN B 113 -1.67 17.49 -19.76
C GLN B 113 -1.91 16.23 -18.95
N PHE B 114 -2.43 16.40 -17.74
CA PHE B 114 -2.67 15.29 -16.82
C PHE B 114 -4.12 15.26 -16.40
N LEU B 115 -4.64 14.05 -16.18
CA LEU B 115 -6.00 13.89 -15.70
C LEU B 115 -6.09 12.62 -14.89
N LEU B 116 -7.09 12.56 -14.02
CA LEU B 116 -7.38 11.39 -13.21
C LEU B 116 -8.65 10.74 -13.73
N SER B 117 -8.56 9.46 -14.07
CA SER B 117 -9.70 8.69 -14.54
C SER B 117 -9.94 7.53 -13.57
N THR B 118 -11.20 7.30 -13.22
CA THR B 118 -11.54 6.29 -12.24
C THR B 118 -12.70 5.43 -12.71
N ASN B 119 -12.55 4.12 -12.53
CA ASN B 119 -13.65 3.17 -12.59
C ASN B 119 -14.12 2.90 -11.16
N ASP B 120 -14.92 1.85 -10.99
CA ASP B 120 -15.47 1.54 -9.68
C ASP B 120 -14.39 1.21 -8.65
N LYS B 121 -13.19 0.85 -9.07
CA LYS B 121 -12.21 0.35 -8.11
C LYS B 121 -10.84 1.02 -8.20
N THR B 122 -10.47 1.53 -9.36
CA THR B 122 -9.11 1.99 -9.59
C THR B 122 -9.10 3.40 -10.15
N ILE B 123 -8.17 4.23 -9.66
CA ILE B 123 -7.94 5.56 -10.18
C ILE B 123 -6.60 5.55 -10.91
N LYS B 124 -6.59 6.07 -12.14
CA LYS B 124 -5.39 6.10 -12.96
C LYS B 124 -5.06 7.54 -13.32
N LEU B 125 -3.77 7.86 -13.30
CA LEU B 125 -3.27 9.17 -13.70
C LEU B 125 -2.70 9.05 -15.10
N TRP B 126 -3.27 9.80 -16.04
CA TRP B 126 -2.89 9.72 -17.45
C TRP B 126 -2.21 11.02 -17.87
N LYS B 127 -1.16 10.89 -18.68
CA LYS B 127 -0.42 12.03 -19.20
C LYS B 127 -0.60 12.11 -20.71
N ILE B 128 -1.01 13.26 -21.20
CA ILE B 128 -1.22 13.51 -22.62
C ILE B 128 -0.15 14.49 -23.09
N SER B 129 0.68 14.05 -24.02
CA SER B 129 1.79 14.86 -24.49
C SER B 129 1.87 14.80 -26.01
N GLU B 130 2.46 15.84 -26.59
CA GLU B 130 2.62 15.95 -28.03
C GLU B 130 4.07 15.67 -28.41
N ARG B 131 4.28 14.78 -29.36
CA ARG B 131 5.59 14.46 -29.89
C ARG B 131 5.65 14.89 -31.35
N ASP B 132 6.64 15.72 -31.68
CA ASP B 132 6.75 16.26 -33.03
C ASP B 132 8.14 16.10 -33.63
N LYS B 133 9.01 15.29 -33.03
CA LYS B 133 10.31 15.02 -33.59
C LYS B 133 10.65 13.54 -33.40
N ARG B 134 11.41 13.00 -34.34
CA ARG B 134 11.76 11.59 -34.37
C ARG B 134 13.25 11.44 -34.61
N PRO B 135 13.92 10.55 -33.87
CA PRO B 135 15.36 10.34 -34.10
C PRO B 135 15.59 9.57 -35.40
N GLU B 136 16.50 10.07 -36.22
CA GLU B 136 16.87 9.43 -37.47
C GLU B 136 18.36 9.23 -37.52
N GLY B 137 18.78 8.01 -37.82
CA GLY B 137 20.19 7.66 -37.89
C GLY B 137 20.46 6.34 -37.21
N TYR B 138 21.48 5.64 -37.68
CA TYR B 138 21.86 4.35 -37.13
C TYR B 138 23.30 4.07 -37.49
N ASN B 139 23.90 3.09 -36.81
CA ASN B 139 25.28 2.70 -37.06
C ASN B 139 25.45 1.26 -37.52
N LEU B 140 24.46 0.40 -37.30
CA LEU B 140 24.56 -1.00 -37.68
C LEU B 140 23.36 -1.52 -38.47
N LYS B 141 22.45 -0.64 -38.87
CA LYS B 141 21.22 -1.06 -39.55
C LYS B 141 20.69 0.10 -40.37
N GLU B 142 20.27 -0.18 -41.60
CA GLU B 142 19.70 0.88 -42.42
C GLU B 142 18.34 1.31 -41.87
N GLU B 143 17.90 2.49 -42.28
CA GLU B 143 16.65 3.05 -41.76
C GLU B 143 15.46 2.14 -42.05
N ASP B 144 15.49 1.41 -43.15
CA ASP B 144 14.39 0.49 -43.45
C ASP B 144 14.27 -0.60 -42.41
N GLY B 145 15.41 -1.15 -41.98
CA GLY B 145 15.41 -2.22 -41.00
C GLY B 145 16.37 -3.33 -41.37
N ARG B 146 16.85 -3.31 -42.60
CA ARG B 146 17.82 -4.30 -43.06
C ARG B 146 19.13 -4.13 -42.31
N TYR B 147 19.76 -5.25 -41.97
CA TYR B 147 21.01 -5.23 -41.22
C TYR B 147 22.18 -5.01 -42.17
N ARG B 148 22.98 -3.98 -41.89
CA ARG B 148 24.11 -3.65 -42.74
C ARG B 148 25.32 -4.52 -42.41
N ASP B 149 26.34 -4.41 -43.25
CA ASP B 149 27.54 -5.22 -43.07
C ASP B 149 28.24 -4.84 -41.76
N PRO B 150 28.61 -5.82 -40.92
CA PRO B 150 29.25 -5.48 -39.64
C PRO B 150 30.68 -4.98 -39.80
N THR B 151 31.32 -5.20 -40.93
CA THR B 151 32.70 -4.77 -41.15
C THR B 151 32.79 -3.38 -41.78
N THR B 152 31.66 -2.76 -42.08
CA THR B 152 31.65 -1.41 -42.65
C THR B 152 31.61 -0.32 -41.60
N VAL B 153 31.64 -0.67 -40.31
CA VAL B 153 31.62 0.33 -39.25
C VAL B 153 33.04 0.87 -39.02
N THR B 154 33.33 2.00 -39.64
CA THR B 154 34.62 2.68 -39.49
C THR B 154 34.53 3.95 -38.67
N THR B 155 33.50 4.76 -38.89
CA THR B 155 33.28 5.98 -38.13
C THR B 155 31.94 5.92 -37.43
N LEU B 156 31.93 6.31 -36.16
CA LEU B 156 30.72 6.30 -35.35
C LEU B 156 29.85 7.50 -35.71
N ARG B 157 28.54 7.28 -35.70
CA ARG B 157 27.58 8.33 -35.98
C ARG B 157 26.51 8.35 -34.88
N VAL B 158 26.14 9.55 -34.46
CA VAL B 158 25.14 9.74 -33.41
C VAL B 158 23.81 10.10 -34.07
N PRO B 159 22.71 9.46 -33.68
CA PRO B 159 21.42 9.81 -34.28
C PRO B 159 21.05 11.26 -34.04
N VAL B 160 20.38 11.85 -35.03
CA VAL B 160 19.98 13.25 -34.99
C VAL B 160 18.48 13.34 -35.11
N PHE B 161 17.86 14.13 -34.23
CA PHE B 161 16.42 14.29 -34.25
C PHE B 161 15.96 15.03 -35.49
N ARG B 162 14.83 14.61 -36.04
CA ARG B 162 14.27 15.23 -37.24
C ARG B 162 12.79 15.53 -37.03
N PRO B 163 12.31 16.67 -37.51
CA PRO B 163 10.89 17.01 -37.34
C PRO B 163 9.99 16.02 -38.05
N MET B 164 8.81 15.81 -37.47
CA MET B 164 7.80 14.93 -38.05
C MET B 164 6.43 15.52 -37.77
N ASP B 165 5.41 14.92 -38.39
CA ASP B 165 4.04 15.36 -38.16
C ASP B 165 3.66 15.13 -36.70
N LEU B 166 2.97 16.10 -36.13
CA LEU B 166 2.64 16.06 -34.71
C LEU B 166 1.72 14.88 -34.41
N MET B 167 2.03 14.17 -33.34
CA MET B 167 1.20 13.08 -32.85
C MET B 167 1.01 13.21 -31.36
N VAL B 168 -0.13 12.75 -30.87
CA VAL B 168 -0.51 12.88 -29.47
C VAL B 168 -0.46 11.50 -28.83
N GLU B 169 0.28 11.39 -27.72
CA GLU B 169 0.47 10.14 -27.02
C GLU B 169 -0.07 10.25 -25.60
N ALA B 170 -0.83 9.24 -25.18
CA ALA B 170 -1.36 9.17 -23.82
C ALA B 170 -0.86 7.91 -23.15
N SER B 171 -0.27 8.05 -21.97
CA SER B 171 0.29 6.94 -21.23
C SER B 171 -0.11 7.05 -19.76
N PRO B 172 -0.27 5.93 -19.07
CA PRO B 172 -0.59 5.98 -17.64
C PRO B 172 0.69 6.17 -16.81
N ARG B 173 0.65 7.13 -15.88
CA ARG B 173 1.80 7.44 -15.07
C ARG B 173 1.75 6.79 -13.69
N ARG B 174 0.56 6.66 -13.10
CA ARG B 174 0.44 6.09 -11.77
C ARG B 174 -0.91 5.43 -11.64
N ILE B 175 -0.94 4.34 -10.88
CA ILE B 175 -2.16 3.56 -10.66
C ILE B 175 -2.43 3.52 -9.17
N PHE B 176 -3.63 3.94 -8.76
CA PHE B 176 -4.06 3.93 -7.37
C PHE B 176 -5.17 2.89 -7.25
N ALA B 177 -4.79 1.66 -6.88
CA ALA B 177 -5.73 0.54 -6.88
C ALA B 177 -5.68 -0.18 -5.55
N ASN B 178 -6.61 -1.13 -5.38
CA ASN B 178 -6.68 -2.03 -4.23
C ASN B 178 -6.79 -1.29 -2.90
N ALA B 179 -7.53 -0.19 -2.86
CA ALA B 179 -7.69 0.56 -1.62
C ALA B 179 -9.14 0.77 -1.22
N HIS B 180 -10.09 0.53 -2.11
CA HIS B 180 -11.50 0.77 -1.82
C HIS B 180 -12.26 -0.55 -1.81
N THR B 181 -12.95 -0.82 -0.70
CA THR B 181 -13.76 -2.03 -0.61
C THR B 181 -15.00 -1.91 -1.49
N TYR B 182 -15.63 -0.75 -1.51
CA TYR B 182 -16.86 -0.52 -2.24
C TYR B 182 -16.57 0.26 -3.52
N HIS B 183 -17.63 0.67 -4.21
CA HIS B 183 -17.49 1.33 -5.50
C HIS B 183 -17.15 2.80 -5.32
N ILE B 184 -16.08 3.25 -5.97
CA ILE B 184 -15.70 4.65 -5.93
C ILE B 184 -16.71 5.47 -6.71
N ASN B 185 -17.15 6.58 -6.12
CA ASN B 185 -18.13 7.44 -6.77
C ASN B 185 -17.66 8.88 -6.95
N SER B 186 -16.53 9.27 -6.37
CA SER B 186 -16.09 10.65 -6.47
C SER B 186 -14.57 10.73 -6.36
N ILE B 187 -13.99 11.66 -7.09
CA ILE B 187 -12.59 12.04 -6.94
C ILE B 187 -12.52 13.56 -7.03
N SER B 188 -11.72 14.17 -6.17
CA SER B 188 -11.58 15.62 -6.16
C SER B 188 -10.16 15.97 -5.77
N ILE B 189 -9.57 16.92 -6.50
CA ILE B 189 -8.19 17.31 -6.27
C ILE B 189 -8.16 18.48 -5.29
N ASN B 190 -7.22 18.41 -4.35
CA ASN B 190 -7.05 19.48 -3.38
C ASN B 190 -6.47 20.71 -4.05
N SER B 191 -6.62 21.85 -3.38
CA SER B 191 -6.12 23.12 -3.91
C SER B 191 -4.64 23.33 -3.61
N ASP B 192 -3.99 22.40 -2.93
CA ASP B 192 -2.57 22.52 -2.60
C ASP B 192 -1.68 21.88 -3.66
N TYR B 193 -2.24 21.43 -4.78
CA TYR B 193 -1.50 20.85 -5.89
C TYR B 193 -0.81 19.55 -5.53
N GLU B 194 -1.18 18.94 -4.40
CA GLU B 194 -0.42 17.82 -3.86
C GLU B 194 -1.27 16.58 -3.64
N THR B 195 -2.46 16.71 -3.06
CA THR B 195 -3.27 15.58 -2.65
C THR B 195 -4.62 15.58 -3.37
N TYR B 196 -5.33 14.47 -3.24
CA TYR B 196 -6.70 14.36 -3.74
C TYR B 196 -7.40 13.27 -2.95
N LEU B 197 -8.73 13.29 -3.00
CA LEU B 197 -9.54 12.33 -2.27
C LEU B 197 -10.33 11.44 -3.23
N SER B 198 -10.58 10.21 -2.80
CA SER B 198 -11.47 9.29 -3.49
C SER B 198 -12.45 8.73 -2.47
N ALA B 199 -13.73 8.78 -2.78
CA ALA B 199 -14.79 8.41 -1.84
C ALA B 199 -15.60 7.26 -2.41
N ASP B 200 -15.68 6.16 -1.67
CA ASP B 200 -16.59 5.07 -1.99
C ASP B 200 -17.85 5.23 -1.15
N ASP B 201 -18.68 4.17 -1.12
CA ASP B 201 -19.97 4.26 -0.45
C ASP B 201 -19.86 4.51 1.04
N LEU B 202 -18.74 4.14 1.67
CA LEU B 202 -18.63 4.25 3.12
C LEU B 202 -17.34 4.88 3.63
N ARG B 203 -16.33 5.06 2.80
CA ARG B 203 -15.06 5.58 3.26
C ARG B 203 -14.52 6.62 2.29
N ILE B 204 -13.72 7.54 2.81
CA ILE B 204 -13.05 8.56 2.02
C ILE B 204 -11.55 8.43 2.30
N ASN B 205 -10.77 8.28 1.23
CA ASN B 205 -9.33 8.12 1.34
C ASN B 205 -8.63 9.34 0.76
N LEU B 206 -7.56 9.76 1.43
CA LEU B 206 -6.74 10.87 0.97
C LEU B 206 -5.45 10.33 0.37
N TRP B 207 -5.20 10.67 -0.89
CA TRP B 207 -4.04 10.17 -1.61
C TRP B 207 -3.01 11.27 -1.79
N HIS B 208 -1.80 10.85 -2.15
CA HIS B 208 -0.77 11.74 -2.64
C HIS B 208 -0.60 11.49 -4.14
N LEU B 209 -0.46 12.57 -4.90
CA LEU B 209 -0.43 12.44 -6.35
C LEU B 209 0.81 11.72 -6.87
N GLU B 210 1.81 11.49 -6.01
CA GLU B 210 3.02 10.80 -6.41
C GLU B 210 3.29 9.55 -5.57
N ILE B 211 2.33 9.11 -4.77
CA ILE B 211 2.49 7.96 -3.88
C ILE B 211 1.30 7.05 -4.07
N THR B 212 1.55 5.79 -4.44
CA THR B 212 0.49 4.85 -4.73
C THR B 212 0.42 3.68 -3.77
N ASP B 213 1.44 3.47 -2.93
CA ASP B 213 1.49 2.30 -2.07
C ASP B 213 0.89 2.53 -0.70
N ARG B 214 0.31 3.71 -0.45
CA ARG B 214 -0.36 3.95 0.82
C ARG B 214 -1.35 5.11 0.65
N SER B 215 -2.42 5.05 1.42
CA SER B 215 -3.43 6.11 1.42
C SER B 215 -3.91 6.33 2.85
N PHE B 216 -4.43 7.52 3.09
CA PHE B 216 -4.88 7.93 4.43
C PHE B 216 -6.40 7.96 4.42
N ASN B 217 -7.00 7.18 5.31
CA ASN B 217 -8.46 7.09 5.42
C ASN B 217 -8.93 8.15 6.42
N ILE B 218 -9.46 9.25 5.91
CA ILE B 218 -9.86 10.35 6.78
C ILE B 218 -11.27 10.19 7.32
N VAL B 219 -12.19 9.65 6.53
CA VAL B 219 -13.59 9.51 6.91
C VAL B 219 -13.98 8.04 6.78
N ASP B 220 -14.63 7.51 7.81
CA ASP B 220 -15.10 6.12 7.80
C ASP B 220 -16.41 6.07 8.57
N ILE B 221 -17.51 5.87 7.85
CA ILE B 221 -18.83 5.82 8.47
C ILE B 221 -19.39 4.41 8.47
N LYS B 222 -18.56 3.41 8.23
CA LYS B 222 -19.02 2.03 8.23
C LYS B 222 -19.25 1.56 9.66
N PRO B 223 -20.46 1.14 10.03
CA PRO B 223 -20.68 0.65 11.39
C PRO B 223 -20.07 -0.73 11.58
N ALA B 224 -19.74 -1.02 12.84
CA ALA B 224 -19.21 -2.34 13.18
C ALA B 224 -20.23 -3.43 12.88
N ASN B 225 -21.49 -3.19 13.23
CA ASN B 225 -22.61 -4.05 12.86
C ASN B 225 -23.28 -3.40 11.66
N MET B 226 -23.28 -4.09 10.52
CA MET B 226 -23.71 -3.45 9.29
C MET B 226 -25.20 -3.65 9.00
N GLU B 227 -25.90 -4.48 9.76
CA GLU B 227 -27.34 -4.63 9.55
C GLU B 227 -28.16 -3.47 10.12
N GLU B 228 -27.54 -2.33 10.44
CA GLU B 228 -28.29 -1.11 10.72
C GLU B 228 -27.79 0.08 9.89
N LEU B 229 -27.28 -0.18 8.68
CA LEU B 229 -26.96 0.91 7.77
C LEU B 229 -28.20 1.74 7.47
N THR B 230 -28.02 3.06 7.45
CA THR B 230 -29.07 3.97 7.08
C THR B 230 -28.68 4.96 5.99
N GLU B 231 -27.39 5.17 5.74
CA GLU B 231 -26.97 6.11 4.71
C GLU B 231 -25.59 5.70 4.20
N VAL B 232 -25.28 6.18 3.00
CA VAL B 232 -23.99 5.96 2.37
C VAL B 232 -23.50 7.27 1.77
N ILE B 233 -22.20 7.35 1.53
CA ILE B 233 -21.61 8.52 0.90
C ILE B 233 -21.90 8.49 -0.60
N THR B 234 -22.50 9.56 -1.12
CA THR B 234 -22.84 9.63 -2.53
C THR B 234 -21.97 10.58 -3.34
N ALA B 235 -21.35 11.57 -2.70
CA ALA B 235 -20.50 12.52 -3.41
C ALA B 235 -19.54 13.15 -2.41
N ALA B 236 -18.47 13.72 -2.94
CA ALA B 236 -17.47 14.40 -2.12
C ALA B 236 -16.68 15.35 -3.00
N GLU B 237 -16.20 16.45 -2.39
CA GLU B 237 -15.47 17.45 -3.14
C GLU B 237 -14.69 18.34 -2.19
N PHE B 238 -13.48 18.70 -2.59
CA PHE B 238 -12.69 19.67 -1.85
C PHE B 238 -13.19 21.09 -2.12
N HIS B 239 -12.84 21.99 -1.22
CA HIS B 239 -13.10 23.41 -1.44
C HIS B 239 -12.22 23.92 -2.58
N PRO B 240 -12.75 24.76 -3.47
CA PRO B 240 -11.93 25.25 -4.59
C PRO B 240 -10.71 26.04 -4.16
N ASN B 241 -10.78 26.78 -3.05
CA ASN B 241 -9.67 27.58 -2.57
C ASN B 241 -9.05 27.05 -1.29
N SER B 242 -9.86 26.83 -0.26
CA SER B 242 -9.34 26.35 1.02
C SER B 242 -8.81 24.93 0.88
N CYS B 243 -7.63 24.69 1.45
CA CYS B 243 -6.98 23.39 1.37
C CYS B 243 -7.40 22.45 2.49
N ASN B 244 -8.20 22.91 3.44
CA ASN B 244 -8.57 22.10 4.60
C ASN B 244 -10.05 21.75 4.65
N THR B 245 -10.86 22.31 3.75
CA THR B 245 -12.30 22.13 3.79
C THR B 245 -12.75 21.23 2.67
N PHE B 246 -13.55 20.22 3.01
CA PHE B 246 -14.20 19.39 2.01
C PHE B 246 -15.56 18.97 2.55
N VAL B 247 -16.47 18.64 1.63
CA VAL B 247 -17.81 18.22 1.99
C VAL B 247 -18.10 16.87 1.36
N TYR B 248 -19.04 16.15 1.95
CA TYR B 248 -19.52 14.91 1.36
C TYR B 248 -20.99 14.74 1.72
N SER B 249 -21.80 14.36 0.73
CA SER B 249 -23.22 14.20 0.91
C SER B 249 -23.56 12.74 1.16
N SER B 250 -24.73 12.53 1.76
CA SER B 250 -25.21 11.20 2.09
C SER B 250 -26.53 10.95 1.40
N SER B 251 -26.95 9.68 1.40
CA SER B 251 -28.20 9.29 0.77
C SER B 251 -29.42 9.79 1.53
N LYS B 252 -29.26 10.33 2.73
CA LYS B 252 -30.37 10.86 3.50
C LYS B 252 -30.57 12.36 3.27
N GLY B 253 -29.79 12.98 2.39
CA GLY B 253 -29.97 14.37 2.07
C GLY B 253 -29.24 15.34 2.95
N THR B 254 -28.18 14.91 3.64
CA THR B 254 -27.40 15.77 4.51
C THR B 254 -25.99 15.91 3.96
N ILE B 255 -25.46 17.14 4.02
CA ILE B 255 -24.10 17.44 3.60
C ILE B 255 -23.29 17.77 4.83
N ARG B 256 -22.17 17.10 5.01
CA ARG B 256 -21.28 17.30 6.15
C ARG B 256 -20.02 18.01 5.67
N LEU B 257 -19.70 19.13 6.29
CA LEU B 257 -18.49 19.89 5.98
C LEU B 257 -17.43 19.55 7.02
N CYS B 258 -16.31 19.02 6.57
CA CYS B 258 -15.24 18.58 7.46
C CYS B 258 -14.05 19.50 7.36
N ASP B 259 -13.51 19.87 8.52
CA ASP B 259 -12.32 20.71 8.61
C ASP B 259 -11.13 19.84 8.99
N MET B 260 -10.13 19.79 8.11
CA MET B 260 -8.96 18.96 8.36
C MET B 260 -7.96 19.58 9.31
N ARG B 261 -8.16 20.84 9.70
CA ARG B 261 -7.28 21.47 10.67
C ARG B 261 -7.57 21.01 12.09
N ALA B 262 -8.83 20.71 12.40
CA ALA B 262 -9.21 20.36 13.76
C ALA B 262 -8.52 19.09 14.24
N SER B 263 -8.48 18.07 13.39
CA SER B 263 -7.89 16.80 13.79
C SER B 263 -7.43 16.06 12.54
N ALA B 264 -6.55 15.06 12.76
CA ALA B 264 -6.06 14.26 11.65
C ALA B 264 -7.18 13.47 11.00
N LEU B 265 -8.08 12.91 11.80
CA LEU B 265 -9.22 12.16 11.31
C LEU B 265 -10.46 13.03 11.35
N CYS B 266 -11.19 13.08 10.23
CA CYS B 266 -12.35 13.94 10.08
C CYS B 266 -13.65 13.19 10.34
N ASP B 267 -13.64 12.26 11.30
CA ASP B 267 -14.84 11.50 11.61
C ASP B 267 -15.94 12.36 12.22
N ARG B 268 -15.59 13.50 12.79
CA ARG B 268 -16.58 14.45 13.30
C ARG B 268 -16.65 15.66 12.38
N HIS B 269 -17.86 16.08 12.07
CA HIS B 269 -18.08 17.15 11.10
C HIS B 269 -18.06 18.51 11.77
N SER B 270 -17.49 19.49 11.07
CA SER B 270 -17.53 20.86 11.56
C SER B 270 -18.91 21.47 11.40
N LYS B 271 -19.56 21.22 10.27
CA LYS B 271 -20.89 21.73 9.99
C LYS B 271 -21.75 20.64 9.39
N LEU B 272 -23.05 20.74 9.60
CA LEU B 272 -24.02 19.78 9.06
C LEU B 272 -25.12 20.57 8.36
N PHE B 273 -25.22 20.41 7.04
CA PHE B 273 -26.23 21.09 6.25
C PHE B 273 -27.39 20.14 6.00
N GLU B 274 -28.55 20.47 6.54
CA GLU B 274 -29.74 19.66 6.31
C GLU B 274 -30.97 20.53 6.47
N GLU B 275 -32.03 20.17 5.76
CA GLU B 275 -33.30 20.87 5.83
C GLU B 275 -34.32 19.99 6.50
N PRO B 276 -34.99 20.46 7.56
CA PRO B 276 -36.02 19.64 8.20
C PRO B 276 -37.13 19.29 7.22
N GLU B 277 -37.60 18.04 7.29
CA GLU B 277 -38.59 17.54 6.36
C GLU B 277 -39.99 17.77 6.92
N ASP B 278 -40.79 18.55 6.21
CA ASP B 278 -42.17 18.77 6.60
C ASP B 278 -43.00 17.52 6.30
N PRO B 279 -43.82 17.05 7.24
CA PRO B 279 -44.64 15.86 6.98
C PRO B 279 -45.69 16.05 5.89
N SER B 280 -45.80 17.25 5.30
CA SER B 280 -46.76 17.45 4.22
C SER B 280 -46.40 16.58 3.02
N ASN B 281 -45.15 16.66 2.56
CA ASN B 281 -44.66 15.80 1.48
C ASN B 281 -44.00 14.54 2.02
N ARG B 282 -44.71 13.82 2.88
CA ARG B 282 -44.20 12.60 3.48
C ARG B 282 -44.76 11.39 2.73
N SER B 283 -44.29 11.24 1.50
CA SER B 283 -44.76 10.17 0.62
C SER B 283 -43.93 8.91 0.85
N PHE B 284 -44.25 7.87 0.05
CA PHE B 284 -43.51 6.62 0.13
C PHE B 284 -42.08 6.79 -0.36
N PHE B 285 -41.85 7.60 -1.39
CA PHE B 285 -40.54 7.76 -1.99
C PHE B 285 -39.77 8.94 -1.40
N SER B 286 -40.22 9.49 -0.27
CA SER B 286 -39.59 10.67 0.29
C SER B 286 -38.14 10.43 0.69
N GLU B 287 -37.73 9.18 0.86
CA GLU B 287 -36.35 8.89 1.19
C GLU B 287 -35.49 8.73 -0.06
N ILE B 288 -36.07 8.31 -1.18
CA ILE B 288 -35.30 8.15 -2.41
C ILE B 288 -35.07 9.51 -3.08
N ILE B 289 -36.13 10.30 -3.24
CA ILE B 289 -36.00 11.58 -3.92
C ILE B 289 -35.24 12.62 -3.12
N SER B 290 -34.95 12.36 -1.85
CA SER B 290 -34.16 13.26 -1.02
C SER B 290 -32.67 12.95 -1.05
N SER B 291 -32.27 11.83 -1.64
CA SER B 291 -30.85 11.51 -1.75
C SER B 291 -30.16 12.48 -2.68
N ILE B 292 -28.96 12.91 -2.31
CA ILE B 292 -28.19 13.88 -3.07
C ILE B 292 -27.26 13.12 -4.01
N SER B 293 -27.39 13.38 -5.30
CA SER B 293 -26.59 12.68 -6.30
C SER B 293 -25.34 13.44 -6.72
N ASP B 294 -25.27 14.74 -6.44
CA ASP B 294 -24.10 15.53 -6.81
C ASP B 294 -24.04 16.77 -5.92
N VAL B 295 -22.83 17.12 -5.50
CA VAL B 295 -22.58 18.34 -4.76
C VAL B 295 -21.47 19.10 -5.47
N LYS B 296 -21.67 20.40 -5.66
CA LYS B 296 -20.74 21.23 -6.41
C LYS B 296 -20.48 22.53 -5.64
N PHE B 297 -19.21 22.88 -5.53
CA PHE B 297 -18.82 24.17 -4.95
C PHE B 297 -18.86 25.24 -6.03
N SER B 298 -19.26 26.44 -5.64
CA SER B 298 -19.18 27.56 -6.56
C SER B 298 -17.73 27.95 -6.78
N HIS B 299 -17.48 28.63 -7.90
CA HIS B 299 -16.11 29.03 -8.23
C HIS B 299 -15.56 30.00 -7.19
N SER B 300 -16.39 30.92 -6.70
CA SER B 300 -15.97 31.81 -5.63
C SER B 300 -15.72 31.06 -4.32
N GLY B 301 -16.37 29.91 -4.14
CA GLY B 301 -16.21 29.14 -2.92
C GLY B 301 -17.14 29.52 -1.80
N ARG B 302 -17.96 30.55 -1.97
CA ARG B 302 -18.87 31.00 -0.92
C ARG B 302 -20.20 30.29 -0.95
N TYR B 303 -20.49 29.50 -1.99
CA TYR B 303 -21.75 28.81 -2.12
C TYR B 303 -21.52 27.36 -2.51
N MET B 304 -22.48 26.52 -2.18
CA MET B 304 -22.43 25.10 -2.49
C MET B 304 -23.78 24.68 -3.04
N MET B 305 -23.77 23.88 -4.10
CA MET B 305 -24.99 23.44 -4.77
C MET B 305 -25.10 21.92 -4.73
N THR B 306 -26.28 21.43 -4.40
CA THR B 306 -26.56 20.00 -4.37
C THR B 306 -27.74 19.70 -5.27
N ARG B 307 -27.74 18.50 -5.84
CA ARG B 307 -28.80 18.06 -6.75
C ARG B 307 -29.38 16.75 -6.23
N ASP B 308 -30.67 16.78 -5.89
CA ASP B 308 -31.43 15.57 -5.65
C ASP B 308 -32.27 15.28 -6.88
N TYR B 309 -33.15 14.29 -6.79
CA TYR B 309 -33.88 13.84 -7.98
C TYR B 309 -34.77 14.93 -8.54
N LEU B 310 -35.42 15.71 -7.68
CA LEU B 310 -36.46 16.62 -8.12
C LEU B 310 -36.11 18.10 -8.03
N SER B 311 -34.99 18.46 -7.41
CA SER B 311 -34.73 19.88 -7.19
C SER B 311 -33.23 20.14 -7.12
N VAL B 312 -32.88 21.41 -7.23
CA VAL B 312 -31.52 21.90 -7.07
C VAL B 312 -31.52 22.89 -5.90
N LYS B 313 -30.67 22.65 -4.92
CA LYS B 313 -30.59 23.48 -3.72
C LYS B 313 -29.23 24.14 -3.66
N ILE B 314 -29.22 25.45 -3.44
CA ILE B 314 -27.99 26.22 -3.30
C ILE B 314 -27.85 26.59 -1.82
N TRP B 315 -26.70 26.24 -1.24
CA TRP B 315 -26.46 26.42 0.18
C TRP B 315 -25.42 27.51 0.39
N ASP B 316 -25.69 28.41 1.33
CA ASP B 316 -24.71 29.35 1.81
C ASP B 316 -23.88 28.68 2.90
N LEU B 317 -22.55 28.74 2.76
CA LEU B 317 -21.69 28.01 3.69
C LEU B 317 -21.77 28.53 5.12
N ASN B 318 -22.33 29.72 5.34
CA ASN B 318 -22.51 30.26 6.68
C ASN B 318 -23.88 29.96 7.27
N MET B 319 -24.77 29.36 6.50
CA MET B 319 -26.11 29.02 6.96
C MET B 319 -26.33 27.53 6.80
N GLU B 320 -26.72 26.86 7.89
CA GLU B 320 -26.80 25.40 7.90
C GLU B 320 -28.21 24.85 7.99
N ASN B 321 -29.17 25.64 8.45
CA ASN B 321 -30.51 25.12 8.71
C ASN B 321 -31.44 25.16 7.50
N ARG B 322 -31.07 25.86 6.42
CA ARG B 322 -31.91 25.90 5.23
C ARG B 322 -31.09 26.43 4.07
N PRO B 323 -31.39 25.99 2.84
CA PRO B 323 -30.72 26.57 1.68
C PRO B 323 -31.28 27.96 1.36
N VAL B 324 -30.46 28.76 0.68
CA VAL B 324 -30.88 30.10 0.33
C VAL B 324 -31.79 30.11 -0.89
N GLU B 325 -31.51 29.24 -1.86
CA GLU B 325 -32.30 29.16 -3.08
C GLU B 325 -32.62 27.71 -3.41
N THR B 326 -33.83 27.48 -3.90
CA THR B 326 -34.29 26.15 -4.30
C THR B 326 -35.00 26.26 -5.64
N TYR B 327 -34.60 25.42 -6.59
CA TYR B 327 -35.17 25.41 -7.93
C TYR B 327 -35.73 24.03 -8.24
N GLN B 328 -36.93 23.99 -8.79
CA GLN B 328 -37.58 22.74 -9.16
C GLN B 328 -37.20 22.39 -10.60
N VAL B 329 -36.38 21.36 -10.75
CA VAL B 329 -35.90 20.98 -12.08
C VAL B 329 -37.05 20.53 -12.96
N HIS B 330 -37.90 19.65 -12.43
CA HIS B 330 -39.06 19.15 -13.17
C HIS B 330 -40.14 18.78 -12.16
N GLU B 331 -41.10 19.70 -11.97
CA GLU B 331 -42.17 19.49 -11.01
C GLU B 331 -43.22 18.51 -11.54
N TYR B 332 -43.38 18.42 -12.86
CA TYR B 332 -44.44 17.58 -13.42
C TYR B 332 -44.24 16.10 -13.13
N LEU B 333 -43.05 15.68 -12.72
CA LEU B 333 -42.81 14.29 -12.38
C LEU B 333 -43.05 13.98 -10.91
N ARG B 334 -43.44 14.97 -10.11
CA ARG B 334 -43.73 14.69 -8.70
C ARG B 334 -44.94 13.78 -8.56
N SER B 335 -45.96 13.97 -9.39
CA SER B 335 -47.17 13.16 -9.32
C SER B 335 -47.00 11.81 -10.01
N LYS B 336 -45.89 11.59 -10.72
CA LYS B 336 -45.66 10.35 -11.44
C LYS B 336 -44.46 9.57 -10.88
N LEU B 337 -44.23 9.70 -9.58
CA LEU B 337 -43.10 9.00 -8.96
C LEU B 337 -43.30 7.49 -9.00
N CYS B 338 -44.54 7.03 -8.82
CA CYS B 338 -44.82 5.61 -8.82
C CYS B 338 -44.49 4.99 -10.18
N SER B 339 -44.85 5.68 -11.26
CA SER B 339 -44.53 5.17 -12.59
C SER B 339 -43.03 5.10 -12.81
N LEU B 340 -42.30 6.14 -12.38
CA LEU B 340 -40.85 6.14 -12.54
C LEU B 340 -40.16 5.12 -11.66
N TYR B 341 -40.81 4.69 -10.57
CA TYR B 341 -40.22 3.66 -9.73
C TYR B 341 -40.23 2.30 -10.42
N GLU B 342 -41.25 2.03 -11.24
CA GLU B 342 -41.39 0.71 -11.85
C GLU B 342 -40.26 0.44 -12.85
N ASN B 343 -39.90 1.44 -13.66
CA ASN B 343 -38.89 1.27 -14.69
C ASN B 343 -37.51 1.75 -14.24
N ASP B 344 -37.28 1.84 -12.93
CA ASP B 344 -35.98 2.18 -12.36
C ASP B 344 -35.49 3.57 -12.78
N CYS B 345 -36.39 4.43 -13.25
CA CYS B 345 -36.00 5.77 -13.62
C CYS B 345 -35.86 6.69 -12.42
N ILE B 346 -36.32 6.28 -11.25
CA ILE B 346 -36.22 7.10 -10.04
C ILE B 346 -34.86 6.99 -9.38
N PHE B 347 -33.99 6.10 -9.85
CA PHE B 347 -32.66 5.92 -9.28
C PHE B 347 -31.58 6.59 -10.11
N ASP B 348 -31.95 7.43 -11.06
CA ASP B 348 -30.96 8.12 -11.88
C ASP B 348 -30.15 9.11 -11.04
N LYS B 349 -28.89 9.28 -11.41
CA LYS B 349 -27.98 10.17 -10.71
C LYS B 349 -27.64 11.34 -11.62
N PHE B 350 -28.46 12.38 -11.57
CA PHE B 350 -28.21 13.58 -12.35
C PHE B 350 -27.08 14.39 -11.73
N GLU B 351 -26.58 15.36 -12.49
CA GLU B 351 -25.49 16.22 -12.05
C GLU B 351 -25.87 17.68 -12.34
N CYS B 352 -24.98 18.58 -11.92
CA CYS B 352 -25.21 20.01 -12.08
C CYS B 352 -23.85 20.71 -12.11
N CYS B 353 -23.84 21.93 -12.62
CA CYS B 353 -22.60 22.69 -12.71
C CYS B 353 -22.89 24.18 -12.69
N TRP B 354 -21.90 24.95 -12.26
CA TRP B 354 -21.96 26.40 -12.24
C TRP B 354 -21.43 26.96 -13.56
N ASN B 355 -21.68 28.25 -13.77
CA ASN B 355 -21.06 28.95 -14.88
C ASN B 355 -19.80 29.66 -14.37
N GLY B 356 -19.18 30.47 -15.22
CA GLY B 356 -17.92 31.09 -14.85
C GLY B 356 -18.05 32.06 -13.69
N SER B 357 -19.13 32.84 -13.66
CA SER B 357 -19.34 33.87 -12.67
C SER B 357 -20.27 33.44 -11.54
N ASP B 358 -20.60 32.15 -11.47
CA ASP B 358 -21.46 31.61 -10.42
C ASP B 358 -22.82 32.31 -10.40
N SER B 359 -23.34 32.63 -11.59
CA SER B 359 -24.63 33.30 -11.69
C SER B 359 -25.71 32.44 -12.34
N VAL B 360 -25.34 31.45 -13.13
CA VAL B 360 -26.28 30.55 -13.78
C VAL B 360 -25.86 29.12 -13.50
N VAL B 361 -26.83 28.25 -13.25
CA VAL B 361 -26.58 26.84 -13.00
C VAL B 361 -27.42 26.03 -13.98
N MET B 362 -26.83 24.97 -14.53
CA MET B 362 -27.51 24.12 -15.49
C MET B 362 -27.49 22.67 -15.02
N THR B 363 -28.62 21.99 -15.19
CA THR B 363 -28.75 20.59 -14.82
C THR B 363 -29.63 19.88 -15.83
N GLY B 364 -29.48 18.56 -15.90
CA GLY B 364 -30.16 17.77 -16.89
C GLY B 364 -31.56 17.34 -16.49
N SER B 365 -32.25 16.69 -17.42
CA SER B 365 -33.61 16.22 -17.21
C SER B 365 -33.88 15.11 -18.22
N TYR B 366 -35.15 14.75 -18.38
CA TYR B 366 -35.57 13.68 -19.27
C TYR B 366 -35.97 14.24 -20.63
N ASN B 367 -36.15 13.33 -21.59
CA ASN B 367 -36.54 13.67 -22.96
C ASN B 367 -35.55 14.64 -23.59
N ASN B 368 -34.27 14.45 -23.30
CA ASN B 368 -33.20 15.28 -23.84
C ASN B 368 -33.41 16.76 -23.53
N PHE B 369 -33.86 17.04 -22.31
CA PHE B 369 -34.03 18.41 -21.84
C PHE B 369 -32.97 18.72 -20.78
N PHE B 370 -32.38 19.91 -20.88
CA PHE B 370 -31.50 20.41 -19.83
C PHE B 370 -31.98 21.77 -19.40
N ARG B 371 -32.09 21.97 -18.10
CA ARG B 371 -32.65 23.19 -17.53
C ARG B 371 -31.54 24.14 -17.09
N MET B 372 -31.82 25.43 -17.19
CA MET B 372 -30.89 26.48 -16.78
C MET B 372 -31.62 27.48 -15.90
N PHE B 373 -31.06 27.76 -14.73
CA PHE B 373 -31.65 28.68 -13.77
C PHE B 373 -30.72 29.87 -13.59
N ASP B 374 -31.27 31.07 -13.70
CA ASP B 374 -30.50 32.30 -13.51
C ASP B 374 -30.72 32.79 -12.09
N ARG B 375 -29.63 32.92 -11.33
CA ARG B 375 -29.74 33.31 -9.93
C ARG B 375 -30.07 34.78 -9.78
N ASN B 376 -29.57 35.63 -10.68
CA ASN B 376 -29.81 37.06 -10.55
C ASN B 376 -31.25 37.43 -10.89
N THR B 377 -31.79 36.85 -11.96
CA THR B 377 -33.10 37.24 -12.47
C THR B 377 -34.21 36.23 -12.14
N LYS B 378 -33.87 35.08 -11.56
CA LYS B 378 -34.86 34.06 -11.21
C LYS B 378 -35.70 33.65 -12.40
N ARG B 379 -35.05 33.43 -13.54
CA ARG B 379 -35.72 33.04 -14.77
C ARG B 379 -35.29 31.63 -15.17
N ASP B 380 -36.23 30.91 -15.79
CA ASP B 380 -36.03 29.51 -16.16
C ASP B 380 -36.15 29.34 -17.65
N ILE B 381 -35.26 28.52 -18.22
CA ILE B 381 -35.34 28.16 -19.63
C ILE B 381 -35.13 26.66 -19.75
N THR B 382 -35.94 26.01 -20.59
CA THR B 382 -35.81 24.60 -20.89
C THR B 382 -35.44 24.46 -22.37
N LEU B 383 -34.35 23.76 -22.64
CA LEU B 383 -33.86 23.59 -24.00
C LEU B 383 -33.73 22.10 -24.31
N GLU B 384 -33.80 21.77 -25.60
CA GLU B 384 -33.75 20.39 -26.07
C GLU B 384 -32.46 20.17 -26.86
N ALA B 385 -31.74 19.11 -26.51
CA ALA B 385 -30.55 18.70 -27.23
C ALA B 385 -30.98 17.63 -28.23
N SER B 386 -31.28 18.05 -29.45
CA SER B 386 -31.81 17.16 -30.48
C SER B 386 -31.10 17.43 -31.80
N ARG B 387 -31.09 16.39 -32.64
CA ARG B 387 -30.48 16.50 -33.97
C ARG B 387 -31.42 17.07 -35.01
N GLU B 388 -32.69 17.33 -34.66
CA GLU B 388 -33.65 17.84 -35.63
C GLU B 388 -33.32 19.25 -36.12
N ASN B 389 -32.44 19.97 -35.43
CA ASN B 389 -32.05 21.30 -35.85
C ASN B 389 -30.55 21.36 -36.10
N ASN B 390 -30.02 20.36 -36.80
CA ASN B 390 -28.58 20.21 -37.00
C ASN B 390 -28.07 21.25 -38.01
N LYS B 391 -28.26 22.51 -37.66
CA LYS B 391 -27.75 23.63 -38.43
C LYS B 391 -26.94 24.51 -37.48
N PRO B 392 -25.66 24.77 -37.77
CA PRO B 392 -24.87 25.62 -36.88
C PRO B 392 -25.40 27.04 -36.82
N ARG B 393 -25.17 27.69 -35.68
CA ARG B 393 -25.60 29.07 -35.45
C ARG B 393 -27.12 29.20 -35.53
N THR B 394 -27.83 28.21 -35.00
CA THR B 394 -29.29 28.22 -34.95
C THR B 394 -29.74 28.34 -33.52
N VAL B 395 -30.57 29.35 -33.23
CA VAL B 395 -31.00 29.62 -31.88
C VAL B 395 -31.92 28.49 -31.40
N LEU B 396 -31.62 27.94 -30.23
CA LEU B 396 -32.46 26.89 -29.67
C LEU B 396 -33.78 27.47 -29.20
N LYS B 397 -34.87 26.84 -29.59
CA LYS B 397 -36.19 27.30 -29.19
C LYS B 397 -36.51 26.81 -27.78
N PRO B 398 -36.88 27.69 -26.86
CA PRO B 398 -37.24 27.25 -25.51
C PRO B 398 -38.42 26.29 -25.53
N ARG B 399 -38.38 25.32 -24.62
CA ARG B 399 -39.40 24.29 -24.52
C ARG B 399 -40.22 24.48 -23.25
N LYS B 400 -41.49 24.11 -23.33
CA LYS B 400 -42.39 24.18 -22.19
C LYS B 400 -43.20 22.89 -22.10
N VAL B 401 -43.33 22.36 -20.89
CA VAL B 401 -43.96 21.06 -20.66
C VAL B 401 -45.28 21.30 -19.93
N CYS B 402 -46.36 20.76 -20.50
CA CYS B 402 -47.68 20.85 -19.90
C CYS B 402 -48.14 19.49 -19.42
N ALA B 403 -49.11 19.50 -18.50
CA ALA B 403 -49.66 18.27 -17.96
C ALA B 403 -50.47 17.53 -19.03
N SER B 404 -51.06 16.40 -18.61
CA SER B 404 -51.87 15.60 -19.51
C SER B 404 -53.07 16.40 -20.02
N GLY B 405 -53.09 16.67 -21.33
CA GLY B 405 -54.11 17.52 -21.91
C GLY B 405 -53.65 18.97 -22.01
N LYS B 406 -54.45 19.80 -22.67
CA LYS B 406 -54.11 21.21 -22.86
C LYS B 406 -52.75 21.37 -23.51
N ARG B 407 -52.59 20.82 -24.72
CA ARG B 407 -51.31 20.81 -25.41
C ARG B 407 -51.01 22.10 -26.16
N LYS B 408 -51.87 23.12 -25.99
CA LYS B 408 -51.79 24.41 -26.67
C LYS B 408 -51.16 24.33 -28.06
N LYS B 409 -50.01 24.96 -28.25
CA LYS B 409 -49.36 24.97 -29.55
C LYS B 409 -48.02 24.26 -29.51
N ASP B 410 -47.12 24.68 -28.63
CA ASP B 410 -45.79 24.10 -28.50
C ASP B 410 -45.58 23.36 -27.18
N GLU B 411 -46.65 23.10 -26.44
CA GLU B 411 -46.58 22.43 -25.16
C GLU B 411 -46.28 20.95 -25.39
N ILE B 412 -45.27 20.43 -24.70
CA ILE B 412 -44.96 19.00 -24.76
C ILE B 412 -45.72 18.31 -23.63
N SER B 413 -46.57 17.36 -23.99
CA SER B 413 -47.35 16.63 -23.00
C SER B 413 -46.45 15.73 -22.16
N VAL B 414 -46.82 15.58 -20.89
CA VAL B 414 -46.00 14.80 -19.97
C VAL B 414 -45.96 13.33 -20.39
N ASP B 415 -47.10 12.77 -20.77
CA ASP B 415 -47.16 11.37 -21.14
C ASP B 415 -46.39 11.06 -22.43
N SER B 416 -46.04 12.07 -23.21
CA SER B 416 -45.26 11.88 -24.42
C SER B 416 -43.76 11.97 -24.21
N LEU B 417 -43.32 12.22 -22.98
CA LEU B 417 -41.89 12.32 -22.70
C LEU B 417 -41.25 10.94 -22.80
N ASP B 418 -40.01 10.91 -23.32
CA ASP B 418 -39.24 9.69 -23.44
C ASP B 418 -38.26 9.63 -22.27
N PHE B 419 -38.51 8.73 -21.33
CA PHE B 419 -37.68 8.63 -20.14
C PHE B 419 -36.38 7.88 -20.38
N ASN B 420 -36.19 7.28 -21.55
CA ASN B 420 -34.92 6.66 -21.89
C ASN B 420 -33.89 7.66 -22.37
N LYS B 421 -34.30 8.90 -22.68
CA LYS B 421 -33.39 9.95 -23.13
C LYS B 421 -33.09 10.85 -21.93
N LYS B 422 -32.03 10.52 -21.22
CA LYS B 422 -31.63 11.25 -20.02
C LYS B 422 -30.34 12.02 -20.27
N ILE B 423 -30.29 13.25 -19.80
CA ILE B 423 -29.07 14.06 -19.83
C ILE B 423 -28.53 14.06 -18.42
N LEU B 424 -27.62 13.12 -18.14
CA LEU B 424 -27.08 13.00 -16.79
C LEU B 424 -25.82 13.82 -16.58
N HIS B 425 -25.03 14.03 -17.63
CA HIS B 425 -23.73 14.67 -17.52
C HIS B 425 -23.71 15.93 -18.35
N THR B 426 -23.30 17.04 -17.72
CA THR B 426 -23.19 18.32 -18.38
C THR B 426 -21.92 19.01 -17.90
N ALA B 427 -21.42 19.93 -18.72
CA ALA B 427 -20.23 20.70 -18.36
C ALA B 427 -20.36 22.12 -18.87
N TRP B 428 -19.66 23.03 -18.22
CA TRP B 428 -19.61 24.43 -18.60
C TRP B 428 -18.18 24.82 -18.89
N HIS B 429 -17.98 25.64 -19.92
CA HIS B 429 -16.66 26.19 -20.16
C HIS B 429 -16.27 27.09 -19.00
N PRO B 430 -15.07 26.96 -18.45
CA PRO B 430 -14.72 27.71 -17.23
C PRO B 430 -14.75 29.22 -17.41
N LYS B 431 -14.64 29.73 -18.63
CA LYS B 431 -14.56 31.17 -18.82
C LYS B 431 -15.58 31.70 -19.83
N GLU B 432 -15.92 30.88 -20.82
CA GLU B 432 -16.80 31.31 -21.90
C GLU B 432 -18.19 30.72 -21.72
N ASN B 433 -19.09 31.09 -22.62
CA ASN B 433 -20.46 30.57 -22.62
C ASN B 433 -20.57 29.38 -23.59
N ILE B 434 -19.84 28.33 -23.28
CA ILE B 434 -19.86 27.08 -24.05
C ILE B 434 -20.21 25.95 -23.09
N ILE B 435 -21.23 25.17 -23.44
CA ILE B 435 -21.68 24.07 -22.61
C ILE B 435 -21.64 22.78 -23.41
N ALA B 436 -21.23 21.71 -22.76
CA ALA B 436 -21.21 20.37 -23.35
C ALA B 436 -22.30 19.54 -22.71
N VAL B 437 -23.22 19.04 -23.52
CA VAL B 437 -24.36 18.26 -23.06
C VAL B 437 -24.25 16.86 -23.65
N ALA B 438 -24.23 15.86 -22.79
CA ALA B 438 -24.03 14.47 -23.21
C ALA B 438 -25.35 13.72 -23.11
N THR B 439 -25.89 13.33 -24.26
CA THR B 439 -27.04 12.44 -24.30
C THR B 439 -26.56 11.01 -24.17
N THR B 440 -27.42 10.04 -24.49
CA THR B 440 -27.05 8.63 -24.31
C THR B 440 -25.82 8.27 -25.14
N ASN B 441 -25.76 8.72 -26.39
CA ASN B 441 -24.66 8.38 -27.27
C ASN B 441 -23.91 9.57 -27.85
N ASN B 442 -24.59 10.69 -28.08
CA ASN B 442 -23.98 11.86 -28.70
C ASN B 442 -23.53 12.86 -27.63
N LEU B 443 -22.58 13.71 -28.03
CA LEU B 443 -22.12 14.82 -27.21
C LEU B 443 -22.40 16.12 -27.95
N TYR B 444 -23.25 16.95 -27.37
CA TYR B 444 -23.66 18.21 -27.99
C TYR B 444 -22.88 19.37 -27.36
N ILE B 445 -22.46 20.30 -28.21
CA ILE B 445 -21.76 21.51 -27.77
C ILE B 445 -22.55 22.71 -28.26
N PHE B 446 -22.90 23.59 -27.33
CA PHE B 446 -23.67 24.79 -27.64
C PHE B 446 -22.86 26.03 -27.29
N GLN B 447 -23.10 27.11 -28.03
CA GLN B 447 -22.35 28.34 -27.87
C GLN B 447 -23.30 29.53 -27.81
N ASP B 448 -22.83 30.59 -27.16
CA ASP B 448 -23.59 31.82 -27.09
C ASP B 448 -23.65 32.49 -28.47
N LYS B 449 -24.77 33.16 -28.73
CA LYS B 449 -24.98 33.86 -30.00
C LYS B 449 -24.22 35.17 -29.96
N VAL B 450 -23.21 35.31 -30.81
CA VAL B 450 -22.41 36.53 -30.87
C VAL B 450 -22.46 37.12 -32.27
N ASP C 4 25.14 -35.94 -11.97
CA ASP C 4 25.10 -36.66 -10.71
C ASP C 4 23.93 -36.18 -9.86
N GLU C 5 23.57 -36.96 -8.83
CA GLU C 5 22.46 -36.58 -7.96
C GLU C 5 22.84 -35.47 -7.00
N LYS C 6 24.13 -35.38 -6.63
CA LYS C 6 24.55 -34.39 -5.63
C LYS C 6 24.44 -32.97 -6.16
N VAL C 7 24.90 -32.75 -7.40
CA VAL C 7 24.83 -31.40 -7.96
C VAL C 7 23.38 -30.94 -8.09
N PHE C 8 22.50 -31.86 -8.51
CA PHE C 8 21.09 -31.52 -8.54
C PHE C 8 20.53 -31.31 -7.15
N THR C 9 21.07 -32.00 -6.15
CA THR C 9 20.63 -31.80 -4.78
C THR C 9 20.93 -30.37 -4.31
N LYS C 10 22.15 -29.90 -4.54
CA LYS C 10 22.45 -28.51 -4.20
C LYS C 10 21.64 -27.54 -5.05
N GLU C 11 21.41 -27.86 -6.33
CA GLU C 11 20.59 -26.99 -7.15
C GLU C 11 19.17 -26.86 -6.59
N LEU C 12 18.58 -27.99 -6.21
CA LEU C 12 17.24 -27.98 -5.62
C LEU C 12 17.23 -27.23 -4.30
N ASP C 13 18.26 -27.42 -3.48
CA ASP C 13 18.34 -26.66 -2.24
C ASP C 13 18.34 -25.17 -2.52
N GLN C 14 19.26 -24.71 -3.37
CA GLN C 14 19.34 -23.29 -3.69
C GLN C 14 18.02 -22.77 -4.23
N TRP C 15 17.32 -23.59 -5.03
CA TRP C 15 15.98 -23.22 -5.46
C TRP C 15 15.06 -23.01 -4.25
N ILE C 16 15.20 -23.86 -3.22
CA ILE C 16 14.34 -23.75 -2.05
C ILE C 16 14.60 -22.45 -1.30
N GLU C 17 15.87 -22.14 -1.03
CA GLU C 17 16.13 -20.86 -0.35
C GLU C 17 15.74 -19.67 -1.21
N GLN C 18 15.90 -19.77 -2.53
CA GLN C 18 15.45 -18.68 -3.39
C GLN C 18 13.95 -18.48 -3.29
N LEU C 19 13.19 -19.58 -3.27
CA LEU C 19 11.74 -19.51 -3.15
C LEU C 19 11.30 -19.02 -1.78
N ASN C 20 12.12 -19.24 -0.74
CA ASN C 20 11.69 -18.91 0.62
C ASN C 20 11.45 -17.42 0.80
N GLU C 21 12.08 -16.57 -0.03
CA GLU C 21 11.85 -15.14 0.02
C GLU C 21 10.96 -14.66 -1.13
N CYS C 22 10.06 -15.52 -1.60
CA CYS C 22 9.08 -15.17 -2.63
C CYS C 22 9.77 -14.71 -3.92
N LYS C 23 10.52 -15.64 -4.51
CA LYS C 23 11.18 -15.42 -5.79
C LYS C 23 10.84 -16.58 -6.71
N GLN C 24 10.21 -16.27 -7.84
CA GLN C 24 9.81 -17.30 -8.78
C GLN C 24 11.03 -17.88 -9.48
N LEU C 25 10.87 -19.10 -10.00
CA LEU C 25 11.91 -19.79 -10.75
C LEU C 25 11.76 -19.50 -12.24
N SER C 26 12.83 -19.81 -12.98
CA SER C 26 12.80 -19.63 -14.42
C SER C 26 11.97 -20.75 -15.07
N GLU C 27 11.61 -20.53 -16.35
CA GLU C 27 10.77 -21.49 -17.04
C GLU C 27 11.45 -22.85 -17.18
N SER C 28 12.75 -22.86 -17.48
CA SER C 28 13.47 -24.12 -17.55
C SER C 28 13.53 -24.81 -16.20
N GLN C 29 13.76 -24.04 -15.13
CA GLN C 29 13.78 -24.61 -13.79
C GLN C 29 12.42 -25.21 -13.44
N VAL C 30 11.34 -24.50 -13.76
CA VAL C 30 10.00 -25.01 -13.48
C VAL C 30 9.75 -26.28 -14.28
N LYS C 31 10.19 -26.30 -15.55
CA LYS C 31 10.02 -27.49 -16.38
C LYS C 31 10.73 -28.69 -15.76
N SER C 32 12.00 -28.52 -15.37
CA SER C 32 12.75 -29.62 -14.78
C SER C 32 12.13 -30.08 -13.47
N LEU C 33 11.70 -29.12 -12.63
CA LEU C 33 11.09 -29.48 -11.35
C LEU C 33 9.80 -30.25 -11.56
N CYS C 34 8.97 -29.81 -12.50
CA CYS C 34 7.72 -30.51 -12.77
C CYS C 34 7.97 -31.91 -13.33
N GLU C 35 8.96 -32.04 -14.23
CA GLU C 35 9.28 -33.34 -14.78
C GLU C 35 9.73 -34.31 -13.69
N LYS C 36 10.61 -33.85 -12.80
CA LYS C 36 11.10 -34.74 -11.76
C LYS C 36 10.02 -35.05 -10.71
N ALA C 37 9.14 -34.07 -10.42
CA ALA C 37 8.02 -34.35 -9.53
C ALA C 37 7.07 -35.37 -10.14
N LYS C 38 6.84 -35.27 -11.45
CA LYS C 38 6.03 -36.28 -12.14
C LYS C 38 6.69 -37.65 -12.04
N GLU C 39 8.02 -37.69 -12.19
CA GLU C 39 8.74 -38.94 -12.04
C GLU C 39 8.57 -39.52 -10.63
N ILE C 40 8.66 -38.67 -9.61
CA ILE C 40 8.49 -39.13 -8.24
C ILE C 40 7.05 -39.55 -7.98
N LEU C 41 6.09 -38.75 -8.43
CA LEU C 41 4.68 -39.01 -8.15
C LEU C 41 4.09 -40.11 -9.02
N THR C 42 4.82 -40.58 -10.04
CA THR C 42 4.29 -41.63 -10.90
C THR C 42 4.04 -42.91 -10.12
N LYS C 43 4.97 -43.28 -9.24
CA LYS C 43 4.83 -44.47 -8.42
C LYS C 43 4.00 -44.24 -7.17
N GLU C 44 3.58 -43.01 -6.93
CA GLU C 44 2.78 -42.70 -5.74
C GLU C 44 1.40 -43.35 -5.86
N SER C 45 0.94 -43.95 -4.77
CA SER C 45 -0.33 -44.66 -4.78
C SER C 45 -1.50 -43.70 -4.62
N ASN C 46 -2.69 -44.18 -4.99
CA ASN C 46 -3.89 -43.38 -4.81
C ASN C 46 -4.17 -43.13 -3.33
N VAL C 47 -4.02 -44.15 -2.51
CA VAL C 47 -4.12 -44.00 -1.05
C VAL C 47 -2.73 -44.15 -0.47
N GLN C 48 -2.04 -43.03 -0.31
CA GLN C 48 -0.66 -43.07 0.15
C GLN C 48 -0.61 -43.30 1.66
N GLU C 49 0.26 -44.22 2.08
CA GLU C 49 0.44 -44.51 3.49
C GLU C 49 1.38 -43.47 4.09
N VAL C 50 0.87 -42.70 5.05
CA VAL C 50 1.65 -41.68 5.75
C VAL C 50 1.92 -42.19 7.16
N ARG C 51 3.18 -42.12 7.57
CA ARG C 51 3.61 -42.65 8.86
C ARG C 51 3.73 -41.53 9.89
N CYS C 52 3.19 -41.78 11.07
CA CYS C 52 3.27 -40.81 12.16
C CYS C 52 4.71 -40.68 12.65
N PRO C 53 5.08 -39.51 13.21
CA PRO C 53 4.27 -38.31 13.39
C PRO C 53 4.19 -37.44 12.15
N VAL C 54 3.17 -36.58 12.07
CA VAL C 54 2.97 -35.73 10.90
C VAL C 54 2.08 -34.57 11.32
N THR C 55 2.22 -33.44 10.62
CA THR C 55 1.39 -32.28 10.82
C THR C 55 0.50 -32.09 9.60
N VAL C 56 -0.81 -32.05 9.81
CA VAL C 56 -1.77 -31.97 8.73
C VAL C 56 -2.19 -30.52 8.55
N CYS C 57 -2.16 -30.03 7.31
CA CYS C 57 -2.51 -28.67 6.99
C CYS C 57 -3.64 -28.64 5.97
N GLY C 58 -4.40 -27.56 5.98
CA GLY C 58 -5.55 -27.38 5.12
C GLY C 58 -5.24 -26.56 3.90
N ASP C 59 -6.23 -25.78 3.46
CA ASP C 59 -6.10 -24.98 2.25
C ASP C 59 -5.09 -23.85 2.46
N VAL C 60 -4.33 -23.55 1.42
CA VAL C 60 -3.39 -22.44 1.44
C VAL C 60 -3.84 -21.38 0.45
N HIS C 61 -4.33 -21.83 -0.71
CA HIS C 61 -4.89 -20.96 -1.75
C HIS C 61 -3.99 -19.79 -2.10
N GLY C 62 -2.69 -20.05 -2.26
CA GLY C 62 -1.77 -19.07 -2.81
C GLY C 62 -1.29 -18.00 -1.87
N GLN C 63 -1.62 -18.08 -0.58
CA GLN C 63 -1.18 -17.09 0.40
C GLN C 63 0.22 -17.47 0.87
N PHE C 64 1.23 -16.97 0.16
CA PHE C 64 2.61 -17.37 0.45
C PHE C 64 3.05 -16.90 1.83
N HIS C 65 2.71 -15.66 2.19
CA HIS C 65 3.12 -15.14 3.49
C HIS C 65 2.43 -15.91 4.63
N ASP C 66 1.16 -16.29 4.42
CA ASP C 66 0.50 -17.14 5.40
C ASP C 66 1.13 -18.52 5.45
N LEU C 67 1.65 -19.02 4.32
CA LEU C 67 2.38 -20.29 4.34
C LEU C 67 3.66 -20.15 5.16
N MET C 68 4.36 -19.03 5.02
CA MET C 68 5.55 -18.79 5.84
C MET C 68 5.19 -18.71 7.31
N GLU C 69 4.06 -18.08 7.63
CA GLU C 69 3.59 -18.04 9.01
C GLU C 69 3.27 -19.44 9.51
N LEU C 70 2.68 -20.27 8.65
CA LEU C 70 2.41 -21.67 9.02
C LEU C 70 3.71 -22.40 9.32
N PHE C 71 4.74 -22.19 8.51
CA PHE C 71 6.02 -22.83 8.76
C PHE C 71 6.65 -22.33 10.05
N ARG C 72 6.47 -21.04 10.36
CA ARG C 72 6.95 -20.52 11.63
C ARG C 72 6.23 -21.16 12.81
N ILE C 73 4.91 -21.34 12.69
CA ILE C 73 4.14 -21.89 13.79
C ILE C 73 4.47 -23.36 14.00
N GLY C 74 4.50 -24.15 12.92
CA GLY C 74 4.61 -25.59 13.05
C GLY C 74 5.99 -26.17 12.87
N GLY C 75 6.94 -25.34 12.46
CA GLY C 75 8.29 -25.80 12.19
C GLY C 75 8.59 -25.85 10.69
N LYS C 76 9.87 -26.00 10.40
CA LYS C 76 10.36 -25.98 9.03
C LYS C 76 10.66 -27.39 8.56
N SER C 77 10.30 -27.68 7.31
CA SER C 77 10.67 -28.94 6.69
C SER C 77 12.19 -28.98 6.47
N PRO C 78 12.81 -30.17 6.57
CA PRO C 78 12.26 -31.50 6.82
C PRO C 78 12.19 -31.88 8.29
N ASP C 79 12.42 -30.91 9.18
CA ASP C 79 12.35 -31.21 10.61
C ASP C 79 10.94 -31.63 11.01
N THR C 80 9.93 -31.00 10.43
CA THR C 80 8.54 -31.33 10.69
C THR C 80 7.93 -32.01 9.47
N ASN C 81 7.34 -33.18 9.68
CA ASN C 81 6.65 -33.87 8.60
C ASN C 81 5.31 -33.21 8.36
N TYR C 82 5.02 -32.89 7.11
CA TYR C 82 3.81 -32.16 6.75
C TYR C 82 2.93 -33.00 5.85
N LEU C 83 1.66 -32.62 5.78
CA LEU C 83 0.69 -33.31 4.93
C LEU C 83 -0.37 -32.28 4.53
N PHE C 84 -0.25 -31.74 3.32
CA PHE C 84 -1.20 -30.77 2.82
C PHE C 84 -2.34 -31.48 2.10
N MET C 85 -3.50 -30.82 2.04
CA MET C 85 -4.70 -31.41 1.48
C MET C 85 -5.27 -30.59 0.32
N GLY C 86 -4.40 -30.13 -0.59
CA GLY C 86 -4.84 -29.53 -1.83
C GLY C 86 -5.13 -28.04 -1.69
N ASP C 87 -5.60 -27.48 -2.80
CA ASP C 87 -5.95 -26.06 -2.92
C ASP C 87 -4.73 -25.18 -2.63
N TYR C 88 -3.65 -25.44 -3.37
CA TYR C 88 -2.44 -24.65 -3.24
C TYR C 88 -2.47 -23.36 -4.04
N VAL C 89 -3.43 -23.20 -4.94
CA VAL C 89 -3.49 -22.06 -5.86
C VAL C 89 -4.88 -21.44 -5.78
N ASP C 90 -5.11 -20.45 -6.64
CA ASP C 90 -6.37 -19.72 -6.77
C ASP C 90 -6.62 -18.80 -5.59
N ARG C 91 -7.21 -17.63 -5.87
CA ARG C 91 -7.61 -16.67 -4.83
C ARG C 91 -6.42 -16.24 -3.96
N GLY C 92 -5.26 -16.09 -4.58
CA GLY C 92 -4.08 -15.68 -3.84
C GLY C 92 -3.16 -14.85 -4.72
N TYR C 93 -2.40 -13.97 -4.09
CA TYR C 93 -1.47 -13.12 -4.82
C TYR C 93 -0.21 -13.85 -5.25
N TYR C 94 0.12 -14.98 -4.62
CA TYR C 94 1.36 -15.70 -4.87
C TYR C 94 1.09 -17.20 -5.02
N SER C 95 0.12 -17.55 -5.84
CA SER C 95 -0.17 -18.97 -6.08
C SER C 95 1.02 -19.66 -6.71
N VAL C 96 1.69 -19.00 -7.66
CA VAL C 96 2.81 -19.61 -8.35
C VAL C 96 3.94 -19.93 -7.38
N GLU C 97 4.31 -18.95 -6.55
CA GLU C 97 5.39 -19.16 -5.60
C GLU C 97 5.03 -20.26 -4.60
N THR C 98 3.78 -20.26 -4.11
CA THR C 98 3.36 -21.26 -3.14
C THR C 98 3.46 -22.67 -3.72
N VAL C 99 2.87 -22.87 -4.91
CA VAL C 99 2.88 -24.20 -5.49
C VAL C 99 4.29 -24.63 -5.88
N THR C 100 5.12 -23.67 -6.34
CA THR C 100 6.49 -24.01 -6.69
C THR C 100 7.28 -24.44 -5.47
N LEU C 101 7.13 -23.72 -4.36
CA LEU C 101 7.82 -24.09 -3.14
C LEU C 101 7.36 -25.46 -2.63
N LEU C 102 6.05 -25.71 -2.68
CA LEU C 102 5.54 -27.00 -2.22
C LEU C 102 6.06 -28.15 -3.08
N VAL C 103 6.08 -27.95 -4.40
CA VAL C 103 6.58 -29.01 -5.29
C VAL C 103 8.07 -29.23 -5.09
N ALA C 104 8.83 -28.14 -4.89
CA ALA C 104 10.25 -28.28 -4.64
C ALA C 104 10.51 -29.05 -3.35
N LEU C 105 9.75 -28.74 -2.30
CA LEU C 105 9.89 -29.47 -1.05
C LEU C 105 9.52 -30.94 -1.23
N LYS C 106 8.49 -31.23 -2.01
CA LYS C 106 8.10 -32.62 -2.25
C LYS C 106 9.19 -33.37 -3.00
N VAL C 107 9.81 -32.74 -4.00
CA VAL C 107 10.89 -33.40 -4.73
C VAL C 107 12.10 -33.62 -3.85
N ARG C 108 12.47 -32.61 -3.05
CA ARG C 108 13.66 -32.72 -2.23
C ARG C 108 13.47 -33.66 -1.04
N TYR C 109 12.26 -33.71 -0.48
CA TYR C 109 11.98 -34.41 0.78
C TYR C 109 10.77 -35.33 0.62
N ARG C 110 10.80 -36.19 -0.40
CA ARG C 110 9.63 -36.99 -0.75
C ARG C 110 9.12 -37.81 0.42
N GLU C 111 10.00 -38.19 1.35
CA GLU C 111 9.58 -38.98 2.49
C GLU C 111 9.06 -38.13 3.64
N ARG C 112 9.27 -36.81 3.60
CA ARG C 112 8.91 -35.94 4.72
C ARG C 112 7.63 -35.16 4.48
N ILE C 113 7.38 -34.71 3.26
CA ILE C 113 6.21 -33.89 2.94
C ILE C 113 5.35 -34.63 1.93
N THR C 114 4.05 -34.71 2.22
CA THR C 114 3.08 -35.35 1.34
C THR C 114 2.03 -34.34 0.93
N ILE C 115 1.82 -34.20 -0.37
CA ILE C 115 0.85 -33.25 -0.91
C ILE C 115 -0.26 -34.02 -1.60
N LEU C 116 -1.49 -33.74 -1.22
CA LEU C 116 -2.66 -34.38 -1.80
C LEU C 116 -3.23 -33.51 -2.91
N ARG C 117 -4.31 -33.98 -3.53
CA ARG C 117 -4.96 -33.27 -4.62
C ARG C 117 -6.32 -32.76 -4.17
N GLY C 118 -6.57 -31.48 -4.42
CA GLY C 118 -7.86 -30.87 -4.18
C GLY C 118 -8.56 -30.49 -5.47
N ASN C 119 -9.69 -29.83 -5.32
CA ASN C 119 -10.51 -29.46 -6.47
C ASN C 119 -9.89 -28.31 -7.25
N HIS C 120 -9.16 -27.43 -6.58
CA HIS C 120 -8.74 -26.17 -7.21
C HIS C 120 -7.49 -26.30 -8.06
N GLU C 121 -6.81 -27.45 -8.06
CA GLU C 121 -5.68 -27.66 -8.96
C GLU C 121 -6.12 -28.52 -10.13
N SER C 122 -6.70 -27.85 -11.13
CA SER C 122 -7.14 -28.48 -12.35
C SER C 122 -7.16 -27.42 -13.44
N ARG C 123 -7.12 -27.88 -14.70
CA ARG C 123 -7.07 -26.95 -15.82
C ARG C 123 -8.31 -26.07 -15.89
N GLN C 124 -9.48 -26.67 -15.67
CA GLN C 124 -10.74 -25.93 -15.73
C GLN C 124 -10.85 -24.90 -14.61
N ILE C 125 -10.53 -25.29 -13.38
CA ILE C 125 -10.69 -24.39 -12.24
C ILE C 125 -9.66 -23.27 -12.28
N THR C 126 -8.40 -23.61 -12.57
CA THR C 126 -7.35 -22.61 -12.55
C THR C 126 -7.49 -21.58 -13.66
N GLN C 127 -8.21 -21.91 -14.73
CA GLN C 127 -8.47 -20.93 -15.77
C GLN C 127 -9.43 -19.84 -15.30
N VAL C 128 -10.28 -20.15 -14.33
CA VAL C 128 -11.33 -19.24 -13.90
C VAL C 128 -10.89 -18.41 -12.70
N TYR C 129 -10.24 -19.03 -11.71
CA TYR C 129 -10.00 -18.41 -10.42
C TYR C 129 -8.63 -17.76 -10.30
N GLY C 130 -7.97 -17.44 -11.41
CA GLY C 130 -6.87 -16.52 -11.42
C GLY C 130 -5.49 -17.13 -11.51
N PHE C 131 -5.34 -18.44 -11.24
CA PHE C 131 -4.01 -19.03 -11.36
C PHE C 131 -3.48 -18.95 -12.77
N TYR C 132 -4.33 -19.25 -13.76
CA TYR C 132 -3.94 -19.08 -15.15
C TYR C 132 -3.61 -17.63 -15.45
N ASP C 133 -4.45 -16.70 -14.98
CA ASP C 133 -4.17 -15.29 -15.17
C ASP C 133 -2.89 -14.88 -14.44
N GLU C 134 -2.67 -15.42 -13.24
CA GLU C 134 -1.47 -15.07 -12.48
C GLU C 134 -0.20 -15.50 -13.21
N CYS C 135 -0.18 -16.74 -13.69
CA CYS C 135 1.02 -17.21 -14.39
C CYS C 135 1.18 -16.50 -15.74
N LEU C 136 0.07 -16.16 -16.40
CA LEU C 136 0.17 -15.38 -17.64
C LEU C 136 0.76 -14.00 -17.38
N ARG C 137 0.35 -13.35 -16.29
CA ARG C 137 0.83 -11.99 -16.03
C ARG C 137 2.26 -12.01 -15.53
N LYS C 138 2.67 -13.09 -14.85
CA LYS C 138 4.03 -13.15 -14.32
C LYS C 138 5.02 -13.80 -15.26
N TYR C 139 4.56 -14.43 -16.34
CA TYR C 139 5.47 -15.14 -17.25
C TYR C 139 5.23 -14.76 -18.70
N GLY C 140 3.99 -14.42 -19.05
CA GLY C 140 3.66 -14.09 -20.42
C GLY C 140 3.37 -15.27 -21.31
N ASN C 141 3.31 -16.48 -20.76
CA ASN C 141 3.04 -17.67 -21.57
C ASN C 141 2.36 -18.70 -20.68
N ALA C 142 1.70 -19.66 -21.33
CA ALA C 142 0.98 -20.72 -20.64
C ALA C 142 1.80 -21.99 -20.47
N ASN C 143 3.10 -21.94 -20.79
CA ASN C 143 3.95 -23.13 -20.65
C ASN C 143 4.02 -23.57 -19.20
N VAL C 144 4.24 -22.63 -18.28
CA VAL C 144 4.33 -22.96 -16.86
C VAL C 144 2.99 -23.49 -16.36
N TRP C 145 1.90 -22.88 -16.81
CA TRP C 145 0.56 -23.38 -16.47
C TRP C 145 0.37 -24.80 -16.96
N LYS C 146 0.82 -25.08 -18.19
CA LYS C 146 0.70 -26.44 -18.73
C LYS C 146 1.51 -27.43 -17.90
N TYR C 147 2.75 -27.05 -17.53
CA TYR C 147 3.58 -27.93 -16.72
C TYR C 147 2.90 -28.24 -15.38
N PHE C 148 2.40 -27.21 -14.71
CA PHE C 148 1.81 -27.41 -13.39
C PHE C 148 0.52 -28.21 -13.49
N THR C 149 -0.31 -27.93 -14.49
CA THR C 149 -1.58 -28.65 -14.62
C THR C 149 -1.35 -30.10 -15.00
N ASP C 150 -0.33 -30.37 -15.82
CA ASP C 150 0.04 -31.76 -16.11
C ASP C 150 0.49 -32.47 -14.85
N LEU C 151 1.28 -31.78 -14.01
CA LEU C 151 1.72 -32.37 -12.75
C LEU C 151 0.56 -32.60 -11.80
N PHE C 152 -0.44 -31.71 -11.82
CA PHE C 152 -1.57 -31.82 -10.89
C PHE C 152 -2.33 -33.12 -11.07
N ASP C 153 -2.26 -33.75 -12.24
CA ASP C 153 -2.98 -35.00 -12.46
C ASP C 153 -2.40 -36.14 -11.64
N TYR C 154 -1.11 -36.09 -11.34
CA TYR C 154 -0.44 -37.19 -10.65
C TYR C 154 -0.54 -37.11 -9.14
N LEU C 155 -1.05 -36.02 -8.58
CA LEU C 155 -1.12 -35.88 -7.14
C LEU C 155 -2.07 -36.93 -6.56
N PRO C 156 -1.72 -37.53 -5.42
CA PRO C 156 -2.59 -38.55 -4.83
C PRO C 156 -3.95 -37.98 -4.44
N LEU C 157 -4.98 -38.81 -4.57
CA LEU C 157 -6.33 -38.37 -4.22
C LEU C 157 -6.51 -38.31 -2.70
N THR C 158 -6.03 -39.32 -1.99
CA THR C 158 -6.23 -39.42 -0.55
C THR C 158 -4.94 -39.88 0.12
N ALA C 159 -4.92 -39.81 1.44
CA ALA C 159 -3.79 -40.27 2.24
C ALA C 159 -4.31 -40.97 3.48
N LEU C 160 -3.55 -41.95 3.95
CA LEU C 160 -3.90 -42.73 5.14
C LEU C 160 -2.78 -42.66 6.15
N VAL C 161 -3.11 -42.37 7.39
CA VAL C 161 -2.12 -42.16 8.45
C VAL C 161 -2.27 -43.31 9.44
N ASP C 162 -1.34 -44.25 9.40
CA ASP C 162 -1.28 -45.40 10.30
C ASP C 162 -2.55 -46.26 10.24
N GLY C 163 -3.32 -46.15 9.15
CA GLY C 163 -4.53 -46.93 9.03
C GLY C 163 -5.59 -46.62 10.06
N GLN C 164 -5.56 -45.42 10.65
CA GLN C 164 -6.54 -45.04 11.65
C GLN C 164 -7.13 -43.67 11.33
N ILE C 165 -6.38 -42.84 10.63
CA ILE C 165 -6.81 -41.50 10.24
C ILE C 165 -6.78 -41.41 8.72
N PHE C 166 -7.89 -41.00 8.13
CA PHE C 166 -8.04 -40.88 6.69
C PHE C 166 -8.12 -39.41 6.33
N CYS C 167 -7.19 -38.94 5.51
CA CYS C 167 -7.10 -37.54 5.13
C CYS C 167 -7.43 -37.38 3.65
N LEU C 168 -8.37 -36.49 3.36
CA LEU C 168 -8.76 -36.21 1.98
C LEU C 168 -9.35 -34.82 1.91
N HIS C 169 -9.42 -34.29 0.69
CA HIS C 169 -9.83 -32.90 0.51
C HIS C 169 -11.34 -32.72 0.68
N GLY C 170 -12.12 -33.36 -0.20
CA GLY C 170 -13.55 -33.15 -0.20
C GLY C 170 -14.32 -33.94 0.85
N GLY C 171 -14.32 -35.26 0.72
CA GLY C 171 -15.08 -36.11 1.62
C GLY C 171 -15.50 -37.38 0.93
N LEU C 172 -16.35 -38.13 1.61
CA LEU C 172 -16.77 -39.44 1.13
C LEU C 172 -17.63 -39.30 -0.13
N SER C 173 -17.84 -40.44 -0.79
CA SER C 173 -18.59 -40.51 -2.03
C SER C 173 -19.65 -41.60 -1.95
N PRO C 174 -20.80 -41.39 -2.57
CA PRO C 174 -21.83 -42.44 -2.60
C PRO C 174 -21.36 -43.71 -3.27
N SER C 175 -20.50 -43.62 -4.27
CA SER C 175 -20.01 -44.77 -5.00
C SER C 175 -18.80 -45.42 -4.33
N ILE C 176 -18.34 -44.89 -3.21
CA ILE C 176 -17.13 -45.37 -2.53
C ILE C 176 -17.54 -45.99 -1.21
N ASP C 177 -17.10 -47.23 -0.99
CA ASP C 177 -17.37 -47.94 0.26
C ASP C 177 -16.14 -48.52 0.93
N THR C 178 -15.05 -48.76 0.19
CA THR C 178 -13.84 -49.35 0.75
C THR C 178 -12.63 -48.66 0.12
N LEU C 179 -11.52 -48.65 0.87
CA LEU C 179 -10.30 -48.04 0.37
C LEU C 179 -9.84 -48.70 -0.94
N ASP C 180 -10.16 -49.97 -1.13
CA ASP C 180 -9.80 -50.65 -2.37
C ASP C 180 -10.49 -50.00 -3.57
N HIS C 181 -11.68 -49.45 -3.38
CA HIS C 181 -12.35 -48.74 -4.46
C HIS C 181 -11.54 -47.52 -4.90
N ILE C 182 -11.03 -46.76 -3.94
CA ILE C 182 -10.17 -45.61 -4.29
C ILE C 182 -8.89 -46.10 -4.94
N ARG C 183 -8.29 -47.17 -4.41
CA ARG C 183 -7.07 -47.70 -5.00
C ARG C 183 -7.31 -48.21 -6.41
N ALA C 184 -8.54 -48.60 -6.74
CA ALA C 184 -8.86 -49.09 -8.07
C ALA C 184 -9.08 -47.98 -9.09
N LEU C 185 -9.26 -46.74 -8.65
CA LEU C 185 -9.53 -45.66 -9.59
C LEU C 185 -8.27 -45.29 -10.37
N ASP C 186 -8.47 -44.55 -11.45
CA ASP C 186 -7.40 -44.01 -12.28
C ASP C 186 -7.36 -42.51 -12.06
N ARG C 187 -6.41 -42.05 -11.26
CA ARG C 187 -6.30 -40.63 -10.93
C ARG C 187 -5.48 -39.84 -11.94
N LEU C 188 -4.84 -40.51 -12.91
CA LEU C 188 -3.99 -39.83 -13.88
C LEU C 188 -4.85 -39.26 -15.00
N GLN C 189 -5.68 -38.29 -14.63
CA GLN C 189 -6.63 -37.69 -15.56
C GLN C 189 -7.08 -36.36 -15.00
N GLU C 190 -7.73 -35.57 -15.86
CA GLU C 190 -8.36 -34.33 -15.43
C GLU C 190 -9.54 -34.65 -14.50
N VAL C 191 -9.84 -33.71 -13.62
CA VAL C 191 -10.92 -33.90 -12.65
C VAL C 191 -12.24 -34.00 -13.39
N PRO C 192 -12.97 -35.11 -13.24
CA PRO C 192 -14.26 -35.24 -13.93
C PRO C 192 -15.33 -34.39 -13.27
N HIS C 193 -16.42 -34.17 -14.02
CA HIS C 193 -17.58 -33.48 -13.47
C HIS C 193 -18.41 -34.37 -12.57
N GLU C 194 -18.25 -35.69 -12.66
CA GLU C 194 -19.01 -36.63 -11.85
C GLU C 194 -18.12 -37.81 -11.51
N GLY C 195 -18.70 -38.79 -10.83
CA GLY C 195 -17.99 -40.00 -10.49
C GLY C 195 -17.36 -39.94 -9.12
N PRO C 196 -16.81 -41.07 -8.66
CA PRO C 196 -16.17 -41.08 -7.33
C PRO C 196 -15.03 -40.11 -7.20
N MET C 197 -14.24 -39.91 -8.26
CA MET C 197 -13.11 -39.01 -8.18
C MET C 197 -13.57 -37.57 -7.96
N CYS C 198 -14.63 -37.15 -8.65
CA CYS C 198 -15.14 -35.80 -8.47
C CYS C 198 -15.70 -35.62 -7.06
N ASP C 199 -16.38 -36.63 -6.52
CA ASP C 199 -16.98 -36.51 -5.21
C ASP C 199 -15.92 -36.38 -4.12
N LEU C 200 -14.79 -37.08 -4.28
CA LEU C 200 -13.74 -37.05 -3.27
C LEU C 200 -13.10 -35.67 -3.13
N LEU C 201 -13.26 -34.80 -4.12
CA LEU C 201 -12.71 -33.45 -4.07
C LEU C 201 -13.77 -32.37 -3.95
N TRP C 202 -15.05 -32.74 -3.85
CA TRP C 202 -16.12 -31.76 -3.80
C TRP C 202 -17.16 -32.02 -2.72
N SER C 203 -17.13 -33.18 -2.06
CA SER C 203 -18.14 -33.49 -1.05
C SER C 203 -17.97 -32.58 0.17
N ASP C 204 -19.04 -32.50 0.96
CA ASP C 204 -19.07 -31.71 2.19
C ASP C 204 -19.87 -32.47 3.23
N PRO C 205 -19.58 -32.25 4.52
CA PRO C 205 -20.41 -32.83 5.57
C PRO C 205 -21.63 -31.98 5.84
N ASP C 206 -22.65 -32.63 6.40
CA ASP C 206 -23.90 -31.93 6.71
C ASP C 206 -24.62 -32.69 7.81
N ASP C 207 -25.49 -31.97 8.53
CA ASP C 207 -26.29 -32.59 9.58
C ASP C 207 -27.46 -33.40 9.04
N ARG C 208 -27.86 -33.17 7.79
CA ARG C 208 -28.94 -33.94 7.19
C ARG C 208 -28.54 -35.40 7.05
N GLY C 209 -29.43 -36.30 7.41
CA GLY C 209 -29.13 -37.72 7.33
C GLY C 209 -29.02 -38.19 5.90
N GLY C 210 -28.27 -39.28 5.72
CA GLY C 210 -28.10 -39.84 4.39
C GLY C 210 -27.26 -38.93 3.50
N TRP C 211 -27.57 -38.96 2.21
CA TRP C 211 -26.86 -38.18 1.21
C TRP C 211 -27.66 -36.91 0.87
N GLY C 212 -27.18 -36.18 -0.11
CA GLY C 212 -27.83 -34.96 -0.53
C GLY C 212 -27.09 -34.32 -1.67
N ILE C 213 -27.62 -33.20 -2.13
CA ILE C 213 -27.03 -32.45 -3.24
C ILE C 213 -26.19 -31.31 -2.67
N SER C 214 -25.11 -30.99 -3.39
CA SER C 214 -24.17 -29.96 -2.95
C SER C 214 -24.38 -28.70 -3.76
N PRO C 215 -24.52 -27.54 -3.11
CA PRO C 215 -24.72 -26.28 -3.85
C PRO C 215 -23.50 -25.78 -4.59
N ARG C 216 -22.35 -26.45 -4.45
CA ARG C 216 -21.15 -26.02 -5.15
C ARG C 216 -21.23 -26.26 -6.66
N GLY C 217 -22.18 -27.08 -7.11
CA GLY C 217 -22.27 -27.49 -8.49
C GLY C 217 -21.78 -28.91 -8.74
N ALA C 218 -21.17 -29.54 -7.74
CA ALA C 218 -20.70 -30.91 -7.87
C ALA C 218 -20.58 -31.51 -6.47
N GLY C 219 -20.52 -32.85 -6.44
CA GLY C 219 -20.35 -33.54 -5.18
C GLY C 219 -21.65 -33.78 -4.45
N TYR C 220 -21.54 -34.44 -3.30
CA TYR C 220 -22.69 -34.80 -2.49
C TYR C 220 -22.41 -34.46 -1.03
N THR C 221 -23.47 -34.21 -0.27
CA THR C 221 -23.37 -33.93 1.15
C THR C 221 -23.78 -35.15 1.94
N PHE C 222 -22.93 -35.57 2.87
CA PHE C 222 -23.13 -36.78 3.66
C PHE C 222 -23.39 -36.43 5.11
N GLY C 223 -24.22 -37.26 5.75
CA GLY C 223 -24.59 -37.05 7.14
C GLY C 223 -23.71 -37.84 8.09
N GLN C 224 -24.08 -37.78 9.37
CA GLN C 224 -23.33 -38.48 10.41
C GLN C 224 -23.40 -39.99 10.21
N ASP C 225 -24.54 -40.50 9.73
CA ASP C 225 -24.70 -41.93 9.52
C ASP C 225 -23.70 -42.45 8.49
N ILE C 226 -23.50 -41.71 7.40
CA ILE C 226 -22.56 -42.14 6.36
C ILE C 226 -21.15 -42.19 6.91
N SER C 227 -20.75 -41.16 7.65
CA SER C 227 -19.40 -41.12 8.22
C SER C 227 -19.19 -42.25 9.21
N GLU C 228 -20.18 -42.51 10.07
CA GLU C 228 -20.06 -43.60 11.03
C GLU C 228 -19.97 -44.95 10.33
N THR C 229 -20.79 -45.15 9.29
CA THR C 229 -20.72 -46.41 8.54
C THR C 229 -19.37 -46.59 7.89
N PHE C 230 -18.83 -45.52 7.30
CA PHE C 230 -17.51 -45.60 6.67
C PHE C 230 -16.43 -45.92 7.70
N ASN C 231 -16.50 -45.27 8.87
CA ASN C 231 -15.52 -45.50 9.92
C ASN C 231 -15.57 -46.95 10.42
N HIS C 232 -16.77 -47.48 10.60
CA HIS C 232 -16.89 -48.87 11.07
C HIS C 232 -16.47 -49.85 9.98
N ALA C 233 -16.74 -49.55 8.71
CA ALA C 233 -16.37 -50.45 7.64
C ALA C 233 -14.85 -50.49 7.43
N ASN C 234 -14.22 -49.33 7.38
CA ASN C 234 -12.79 -49.25 7.12
C ASN C 234 -11.94 -49.22 8.39
N GLY C 235 -12.56 -49.25 9.56
CA GLY C 235 -11.80 -49.22 10.80
C GLY C 235 -11.01 -47.95 10.99
N LEU C 236 -11.61 -46.81 10.70
CA LEU C 236 -10.94 -45.51 10.78
C LEU C 236 -11.42 -44.78 12.03
N THR C 237 -10.48 -44.38 12.89
CA THR C 237 -10.84 -43.65 14.09
C THR C 237 -11.28 -42.22 13.76
N LEU C 238 -10.72 -41.63 12.72
CA LEU C 238 -11.01 -40.24 12.38
C LEU C 238 -10.88 -40.06 10.87
N VAL C 239 -11.55 -39.04 10.35
CA VAL C 239 -11.48 -38.69 8.94
C VAL C 239 -11.17 -37.20 8.85
N SER C 240 -9.94 -36.87 8.47
CA SER C 240 -9.57 -35.49 8.27
C SER C 240 -10.23 -34.94 7.00
N ARG C 241 -10.27 -33.63 6.90
CA ARG C 241 -10.97 -32.99 5.79
C ARG C 241 -10.48 -31.55 5.65
N ALA C 242 -10.90 -30.93 4.56
CA ALA C 242 -10.54 -29.56 4.23
C ALA C 242 -11.59 -29.01 3.26
N HIS C 243 -11.26 -27.93 2.56
CA HIS C 243 -12.00 -27.36 1.44
C HIS C 243 -13.19 -26.50 1.90
N GLN C 244 -13.49 -26.43 3.18
CA GLN C 244 -14.57 -25.60 3.69
C GLN C 244 -14.01 -24.58 4.66
N LEU C 245 -14.32 -23.30 4.41
CA LEU C 245 -13.83 -22.23 5.26
C LEU C 245 -14.51 -22.27 6.62
N VAL C 246 -13.71 -22.21 7.68
CA VAL C 246 -14.19 -22.18 9.05
C VAL C 246 -13.53 -21.02 9.77
N MET C 247 -14.30 -20.34 10.63
CA MET C 247 -13.79 -19.12 11.26
C MET C 247 -12.74 -19.42 12.32
N GLU C 248 -12.93 -20.49 13.09
CA GLU C 248 -12.03 -20.82 14.19
C GLU C 248 -10.88 -21.71 13.79
N GLY C 249 -10.71 -21.98 12.51
CA GLY C 249 -9.60 -22.79 12.02
C GLY C 249 -9.87 -24.27 11.87
N TYR C 250 -10.40 -24.91 12.91
CA TYR C 250 -10.76 -26.32 12.86
C TYR C 250 -12.14 -26.50 13.46
N ASN C 251 -12.93 -27.40 12.86
CA ASN C 251 -14.31 -27.61 13.26
C ASN C 251 -14.61 -29.10 13.31
N TRP C 252 -15.12 -29.56 14.44
CA TRP C 252 -15.57 -30.94 14.55
C TRP C 252 -17.02 -31.07 14.08
N CYS C 253 -17.35 -32.24 13.55
CA CYS C 253 -18.71 -32.51 13.09
C CYS C 253 -18.92 -34.01 13.05
N HIS C 254 -20.20 -34.39 12.94
CA HIS C 254 -20.61 -35.80 12.86
C HIS C 254 -20.11 -36.59 14.07
N ASP C 255 -20.18 -35.97 15.25
CA ASP C 255 -19.79 -36.60 16.51
C ASP C 255 -18.33 -37.07 16.48
N ARG C 256 -17.45 -36.11 16.21
CA ARG C 256 -16.00 -36.35 16.23
C ARG C 256 -15.60 -37.45 15.26
N ASN C 257 -16.26 -37.50 14.11
CA ASN C 257 -15.90 -38.43 13.05
C ASN C 257 -15.28 -37.75 11.84
N VAL C 258 -15.63 -36.49 11.58
CA VAL C 258 -15.06 -35.71 10.50
C VAL C 258 -14.61 -34.37 11.07
N VAL C 259 -13.38 -33.97 10.76
CA VAL C 259 -12.82 -32.71 11.21
C VAL C 259 -12.36 -31.93 10.00
N THR C 260 -12.69 -30.64 9.96
CA THR C 260 -12.33 -29.76 8.86
C THR C 260 -11.20 -28.85 9.32
N ILE C 261 -10.13 -28.79 8.53
CA ILE C 261 -8.94 -28.01 8.85
C ILE C 261 -8.74 -26.98 7.74
N PHE C 262 -8.65 -25.71 8.11
CA PHE C 262 -8.37 -24.63 7.18
C PHE C 262 -7.08 -23.95 7.61
N SER C 263 -6.14 -23.83 6.67
CA SER C 263 -4.81 -23.31 6.98
C SER C 263 -4.51 -21.99 6.28
N ALA C 264 -5.55 -21.24 5.92
CA ALA C 264 -5.37 -19.92 5.31
C ALA C 264 -5.99 -18.86 6.20
N PRO C 265 -5.19 -18.20 7.05
CA PRO C 265 -5.74 -17.14 7.89
C PRO C 265 -6.14 -15.93 7.07
N ASN C 266 -7.23 -15.29 7.46
CA ASN C 266 -7.81 -14.18 6.70
C ASN C 266 -8.04 -14.60 5.25
N TYR C 267 -8.91 -15.58 5.09
CA TYR C 267 -9.17 -16.15 3.77
C TYR C 267 -9.62 -15.07 2.80
N CYS C 268 -8.98 -15.06 1.62
CA CYS C 268 -9.25 -14.07 0.58
C CYS C 268 -8.99 -12.64 1.04
N TYR C 269 -8.13 -12.48 2.04
CA TYR C 269 -7.73 -11.18 2.60
C TYR C 269 -8.89 -10.38 3.16
N ARG C 270 -10.07 -10.99 3.30
CA ARG C 270 -11.25 -10.27 3.78
C ARG C 270 -12.07 -11.02 4.81
N CYS C 271 -11.95 -12.34 4.91
CA CYS C 271 -12.82 -13.09 5.81
C CYS C 271 -12.45 -12.89 7.27
N GLY C 272 -11.18 -12.58 7.55
CA GLY C 272 -10.76 -12.37 8.93
C GLY C 272 -10.91 -13.60 9.79
N ASN C 273 -10.65 -14.78 9.24
CA ASN C 273 -10.81 -16.03 9.96
C ASN C 273 -9.48 -16.49 10.55
N GLN C 274 -9.56 -17.44 11.47
CA GLN C 274 -8.38 -18.07 12.04
C GLN C 274 -8.05 -19.34 11.25
N ALA C 275 -6.77 -19.65 11.20
CA ALA C 275 -6.29 -20.88 10.56
C ALA C 275 -5.80 -21.84 11.63
N ALA C 276 -5.73 -23.12 11.25
CA ALA C 276 -5.31 -24.15 12.20
C ALA C 276 -4.61 -25.27 11.45
N ILE C 277 -3.77 -26.00 12.19
CA ILE C 277 -3.11 -27.20 11.69
C ILE C 277 -3.18 -28.26 12.77
N MET C 278 -3.40 -29.51 12.35
CA MET C 278 -3.52 -30.62 13.28
C MET C 278 -2.18 -31.33 13.39
N GLU C 279 -1.65 -31.41 14.61
CA GLU C 279 -0.39 -32.09 14.87
C GLU C 279 -0.69 -33.47 15.44
N LEU C 280 -0.18 -34.50 14.80
CA LEU C 280 -0.37 -35.88 15.24
C LEU C 280 0.88 -36.35 15.95
N ASP C 281 0.74 -36.69 17.23
CA ASP C 281 1.87 -37.13 18.03
C ASP C 281 2.31 -38.53 17.59
N ASP C 282 3.41 -39.01 18.20
CA ASP C 282 3.88 -40.35 17.92
C ASP C 282 2.88 -41.42 18.36
N THR C 283 1.93 -41.05 19.23
CA THR C 283 0.92 -41.97 19.72
C THR C 283 -0.47 -41.63 19.16
N LEU C 284 -0.51 -40.94 18.02
CA LEU C 284 -1.75 -40.52 17.37
C LEU C 284 -2.62 -39.69 18.32
N LYS C 285 -1.98 -38.72 18.98
CA LYS C 285 -2.67 -37.79 19.86
C LYS C 285 -2.83 -36.47 19.12
N TYR C 286 -4.03 -36.22 18.62
CA TYR C 286 -4.29 -35.01 17.84
C TYR C 286 -4.21 -33.76 18.71
N SER C 287 -3.73 -32.69 18.11
CA SER C 287 -3.59 -31.40 18.80
C SER C 287 -3.56 -30.31 17.76
N PHE C 288 -4.43 -29.31 17.90
CA PHE C 288 -4.58 -28.25 16.91
C PHE C 288 -3.85 -26.99 17.37
N LEU C 289 -3.20 -26.32 16.43
CA LEU C 289 -2.47 -25.08 16.70
C LEU C 289 -3.06 -23.99 15.81
N GLN C 290 -3.84 -23.09 16.41
CA GLN C 290 -4.41 -21.98 15.67
C GLN C 290 -3.40 -20.83 15.58
N PHE C 291 -3.40 -20.16 14.44
CA PHE C 291 -2.55 -18.99 14.25
C PHE C 291 -3.33 -17.92 13.50
N ASP C 292 -2.70 -16.75 13.36
CA ASP C 292 -3.31 -15.55 12.82
C ASP C 292 -2.46 -15.06 11.66
N PRO C 293 -3.01 -14.22 10.79
CA PRO C 293 -2.26 -13.77 9.61
C PRO C 293 -0.94 -13.10 9.95
N ALA C 294 0.08 -13.33 9.13
CA ALA C 294 1.38 -12.71 9.36
C ALA C 294 1.26 -11.20 9.21
N PRO C 295 1.94 -10.45 10.08
CA PRO C 295 1.88 -8.98 9.98
C PRO C 295 2.65 -8.46 8.78
N ARG C 296 1.92 -7.95 7.80
CA ARG C 296 2.50 -7.38 6.58
C ARG C 296 1.87 -6.02 6.33
N ARG C 297 2.64 -5.14 5.71
CA ARG C 297 2.13 -3.82 5.38
C ARG C 297 1.02 -3.93 4.33
N GLY C 298 1.26 -4.70 3.28
CA GLY C 298 0.21 -5.04 2.34
C GLY C 298 0.16 -4.17 1.10
N GLU C 299 -0.57 -4.63 0.09
CA GLU C 299 -0.90 -3.81 -1.05
C GLU C 299 -1.68 -2.58 -0.56
N PRO C 300 -1.69 -1.47 -1.32
CA PRO C 300 -1.55 -0.15 -0.70
C PRO C 300 -2.24 0.01 0.64
N HIS C 301 -1.43 0.32 1.65
CA HIS C 301 -1.83 0.24 3.04
C HIS C 301 -2.78 1.37 3.42
N VAL C 302 -4.07 1.09 3.44
CA VAL C 302 -5.05 2.08 3.87
C VAL C 302 -5.03 2.11 5.39
N THR C 303 -4.49 3.18 5.97
CA THR C 303 -4.31 3.30 7.40
C THR C 303 -4.97 4.56 7.93
N ARG C 304 -5.39 4.50 9.19
CA ARG C 304 -5.95 5.65 9.89
C ARG C 304 -4.87 6.41 10.66
N ARG C 305 -3.62 5.96 10.58
CA ARG C 305 -2.47 6.67 11.11
C ARG C 305 -1.97 7.61 10.03
N THR C 306 -1.68 8.85 10.41
CA THR C 306 -1.30 9.86 9.43
C THR C 306 0.02 9.47 8.77
N PRO C 307 0.04 9.35 7.45
CA PRO C 307 1.28 8.99 6.76
C PRO C 307 2.27 10.15 6.72
N ASP C 308 3.50 9.83 6.32
CA ASP C 308 4.58 10.80 6.35
C ASP C 308 4.31 11.97 5.41
N TYR C 309 3.77 11.71 4.23
CA TYR C 309 3.55 12.78 3.26
C TYR C 309 2.54 13.80 3.74
N PHE C 310 1.69 13.42 4.70
CA PHE C 310 0.68 14.34 5.22
C PHE C 310 1.13 14.92 6.56
N MLL C 311 2.03 14.21 7.24
CA MLL C 311 2.52 14.62 8.53
CB MLL C 311 3.43 13.58 9.19
CG MLL C 311 2.66 12.66 10.14
CD2 MLL C 311 1.89 13.48 11.16
CD1 MLL C 311 3.61 11.72 10.84
C MLL C 311 3.30 15.92 8.44
O MLL C 311 4.04 16.29 7.52
OXT MLL C 311 3.14 16.73 9.52
C10 MLL C 311 3.29 18.13 9.31
N SER D 6 -43.86 4.33 5.98
CA SER D 6 -42.71 3.44 5.94
C SER D 6 -42.00 3.51 4.58
N PRO D 7 -41.23 4.57 4.36
CA PRO D 7 -40.53 4.71 3.08
C PRO D 7 -39.47 3.63 2.90
N LEU D 8 -39.26 3.25 1.63
CA LEU D 8 -38.25 2.25 1.32
C LEU D 8 -36.86 2.87 1.31
N MET D 9 -35.86 2.01 1.43
CA MET D 9 -34.48 2.47 1.55
C MET D 9 -33.83 2.66 0.19
N HIS D 10 -32.71 3.36 0.20
CA HIS D 10 -31.95 3.58 -1.02
C HIS D 10 -31.37 2.26 -1.52
N PRO D 11 -31.35 2.03 -2.84
CA PRO D 11 -30.82 0.76 -3.35
C PRO D 11 -29.36 0.52 -2.97
N ARG D 12 -28.53 1.56 -2.94
CA ARG D 12 -27.12 1.36 -2.61
C ARG D 12 -26.95 0.80 -1.20
N VAL D 13 -27.79 1.27 -0.26
CA VAL D 13 -27.69 0.79 1.11
C VAL D 13 -27.93 -0.72 1.17
N LYS D 14 -29.02 -1.18 0.55
CA LYS D 14 -29.35 -2.60 0.61
C LYS D 14 -28.36 -3.43 -0.18
N GLU D 15 -27.86 -2.90 -1.31
CA GLU D 15 -26.86 -3.63 -2.07
C GLU D 15 -25.59 -3.82 -1.26
N VAL D 16 -25.11 -2.76 -0.62
CA VAL D 16 -23.90 -2.86 0.21
C VAL D 16 -24.14 -3.85 1.35
N ARG D 17 -25.29 -3.73 2.01
CA ARG D 17 -25.59 -4.61 3.14
C ARG D 17 -25.59 -6.08 2.72
N THR D 18 -26.32 -6.40 1.64
CA THR D 18 -26.41 -7.79 1.20
C THR D 18 -25.08 -8.31 0.69
N ASP D 19 -24.34 -7.51 -0.07
CA ASP D 19 -23.06 -7.96 -0.59
C ASP D 19 -22.06 -8.22 0.53
N SER D 20 -22.01 -7.35 1.53
CA SER D 20 -21.09 -7.58 2.64
C SER D 20 -21.57 -8.68 3.57
N GLY D 21 -22.88 -8.93 3.62
CA GLY D 21 -23.37 -10.00 4.48
C GLY D 21 -22.92 -11.37 4.02
N SER D 22 -23.01 -11.63 2.72
CA SER D 22 -22.67 -12.94 2.16
C SER D 22 -21.23 -12.94 1.63
N LEU D 23 -20.29 -12.66 2.53
CA LEU D 23 -18.88 -12.70 2.22
C LEU D 23 -18.22 -14.02 2.58
N ARG D 24 -19.00 -14.98 3.07
CA ARG D 24 -18.48 -16.30 3.43
C ARG D 24 -19.16 -17.40 2.60
N ARG D 25 -19.55 -17.07 1.37
CA ARG D 25 -20.20 -18.05 0.50
C ARG D 25 -19.21 -19.14 0.11
N ASP D 26 -19.71 -20.37 0.07
CA ASP D 26 -18.88 -21.52 -0.30
C ASP D 26 -19.62 -22.45 -1.25
FE FE2 E . -10.73 -27.09 -2.31
ZN ZN F . -10.46 -24.48 -0.74
#